data_6BPA
#
_entry.id   6BPA
#
_cell.length_a   59.070
_cell.length_b   177.100
_cell.length_c   178.620
_cell.angle_alpha   90.000
_cell.angle_beta   90.000
_cell.angle_gamma   90.000
#
_symmetry.space_group_name_H-M   'P 2 21 21'
#
loop_
_entity.id
_entity.type
_entity.pdbx_description
1 polymer 'Reticulocyte binding protein 2, putative'
2 polymer 'Monoclonal antibody 3E9 Fab heavy chain'
3 polymer 'Monoclonal antibody 3E9 Fab light chain'
4 non-polymer 'BROMIDE ION'
5 water water
#
loop_
_entity_poly.entity_id
_entity_poly.type
_entity_poly.pdbx_seq_one_letter_code
_entity_poly.pdbx_strand_id
1 'polypeptide(L)'
;GAMGSTNTTDNIDYFDISDESNYYLISQLRPHFSNIYFFDEFKRYASYHTEIKRYEDIHKTKVNSLLNEASRAIGICNRA
KNTVKGLINILENPQKFKTQRESYDVKLRQYEEKKEAFRGCLLNKNRKNLDQIKKINNEIRDLLEKLKCSQDCQTNVYFD
MIKIYLVDFKKMPYENYDTFIKQYKNSYLSGVDMIRKIEKQIDNPVTINAIKFTQKEMGYIIDRFEYHLQKVKHSIDQVT
ALSDGVKPKQVTKNRLKEYYFNIGNYYSIFKFGKDSLNMLNKALIHKEKIVHNLLGELFGHLEERIS
;
A,D
2 'polypeptide(L)'
;MKCSWIIFFLMAVVTGVNSEVQLQQSGAELVKPGASVKLSCTASGFNIKDHFMHWVKQRTAQGLEWIGRIDPEDGETKYA
PKFQGTATITADTSSNTAYLQLSSLTSEDTAVYYCARSGSVSSPWFAYWGQGTLVTVSAAKTTAPSVYPLAPVCGDTTGS
SVTLGCLVKGYFPEPVTLTWNSGSLSSGVHTFPAVLQSDLYTLSSSVTVTSSTWPSQSITCNVAHPASSTKVDKKIEPRG
PTIKPCPPCKCPAPNS
;
B,E
3 'polypeptide(L)'
;MTMFSLALLLSLLLLCVSDSRAETTVTQSPASLSMALGEKVTIRCITSTDIDDDLNWYQLKPGEPPKLLISEGNTLRPGV
PSRFSSSGYGTDFVFTIENMLSEDVADYYCLQSDNLPLTFGAGTKLELKRADAAPTVSIFPPSSEQLTSGGASVVCFLNN
FYPKDINVKWKIDGSERQNGVLNSWTDQDSKDSTYSMSSTLTLTKDEYERHNSYTCEATHKTSTSPIVKSFNRNEC
;
C,F
#
loop_
_chem_comp.id
_chem_comp.type
_chem_comp.name
_chem_comp.formula
BR non-polymer 'BROMIDE ION' 'Br -1'
#
# COMPACT_ATOMS: atom_id res chain seq x y z
N ASN A 7 13.02 45.72 -11.10
CA ASN A 7 13.81 46.15 -12.25
C ASN A 7 12.94 46.83 -13.32
N THR A 8 12.82 46.19 -14.48
CA THR A 8 12.19 46.80 -15.65
C THR A 8 11.23 45.83 -16.31
N THR A 9 10.10 46.35 -16.79
CA THR A 9 9.16 45.61 -17.63
C THR A 9 9.23 46.18 -19.03
N ASP A 10 9.66 45.36 -19.99
CA ASP A 10 9.87 45.80 -21.37
C ASP A 10 8.79 45.29 -22.32
N ASN A 11 7.73 44.69 -21.80
CA ASN A 11 6.65 44.20 -22.65
C ASN A 11 5.35 44.26 -21.86
N ILE A 12 4.38 45.01 -22.36
CA ILE A 12 3.11 45.18 -21.66
C ILE A 12 1.96 44.68 -22.52
N ASP A 13 2.15 43.52 -23.17
CA ASP A 13 1.12 42.91 -24.00
C ASP A 13 -0.09 42.44 -23.19
N TYR A 14 -0.02 42.44 -21.87
CA TYR A 14 -1.10 41.86 -21.08
C TYR A 14 -2.33 42.75 -20.97
N PHE A 15 -2.22 44.03 -21.30
CA PHE A 15 -3.40 44.89 -21.27
C PHE A 15 -4.33 44.56 -22.42
N ASP A 16 -5.63 44.42 -22.12
CA ASP A 16 -6.64 44.24 -23.14
C ASP A 16 -7.89 45.02 -22.72
N ILE A 17 -8.87 45.05 -23.62
CA ILE A 17 -10.11 45.77 -23.37
C ILE A 17 -11.21 45.14 -24.21
N SER A 18 -12.44 45.21 -23.70
CA SER A 18 -13.62 44.77 -24.40
C SER A 18 -14.52 45.96 -24.70
N ASP A 19 -15.43 45.78 -25.65
CA ASP A 19 -16.33 46.87 -25.99
C ASP A 19 -17.41 47.02 -24.92
N GLU A 20 -18.22 48.07 -25.06
CA GLU A 20 -19.24 48.35 -24.06
C GLU A 20 -20.27 47.23 -23.99
N SER A 21 -20.64 46.67 -25.13
CA SER A 21 -21.61 45.57 -25.16
C SER A 21 -21.02 44.26 -24.65
N ASN A 22 -19.70 44.20 -24.47
CA ASN A 22 -19.02 43.02 -23.94
C ASN A 22 -19.17 41.80 -24.86
N TYR A 23 -19.35 42.03 -26.16
CA TYR A 23 -19.37 40.92 -27.11
C TYR A 23 -18.00 40.68 -27.73
N TYR A 24 -17.17 41.70 -27.83
CA TYR A 24 -15.86 41.61 -28.47
C TYR A 24 -14.77 41.91 -27.47
N LEU A 25 -13.67 41.16 -27.57
CA LEU A 25 -12.51 41.36 -26.70
C LEU A 25 -11.29 41.59 -27.58
N ILE A 26 -10.58 42.70 -27.35
CA ILE A 26 -9.45 43.11 -28.17
C ILE A 26 -8.18 42.72 -27.43
N SER A 27 -7.31 41.97 -28.11
CA SER A 27 -6.02 41.58 -27.56
C SER A 27 -4.92 42.16 -28.43
N GLN A 28 -3.77 42.47 -27.81
CA GLN A 28 -2.64 42.97 -28.58
C GLN A 28 -1.91 41.87 -29.32
N LEU A 29 -2.27 40.61 -29.09
CA LEU A 29 -1.71 39.49 -29.84
C LEU A 29 -2.54 39.26 -31.10
N ARG A 30 -1.87 38.95 -32.21
CA ARG A 30 -2.58 38.59 -33.41
C ARG A 30 -3.33 37.28 -33.18
N PRO A 31 -4.55 37.14 -33.72
CA PRO A 31 -5.22 38.08 -34.62
C PRO A 31 -6.11 39.13 -33.93
N HIS A 32 -5.85 39.43 -32.66
CA HIS A 32 -6.48 40.54 -31.93
C HIS A 32 -7.95 40.30 -31.57
N PHE A 33 -8.68 39.59 -32.43
CA PHE A 33 -10.05 39.19 -32.14
C PHE A 33 -10.17 37.68 -32.28
N SER A 34 -10.95 37.06 -31.39
CA SER A 34 -11.16 35.63 -31.50
C SER A 34 -11.98 35.25 -32.74
N ASN A 35 -12.80 36.18 -33.25
CA ASN A 35 -13.62 35.88 -34.41
C ASN A 35 -12.79 35.60 -35.66
N ILE A 36 -11.59 36.20 -35.76
CA ILE A 36 -10.69 35.88 -36.87
C ILE A 36 -10.35 34.40 -36.87
N TYR A 37 -10.17 33.82 -35.69
CA TYR A 37 -9.94 32.38 -35.61
C TYR A 37 -11.17 31.59 -36.04
N PHE A 38 -12.37 32.13 -35.78
CA PHE A 38 -13.58 31.47 -36.26
C PHE A 38 -13.64 31.52 -37.79
N PHE A 39 -13.33 32.69 -38.36
CA PHE A 39 -13.28 32.82 -39.82
C PHE A 39 -12.26 31.85 -40.42
N ASP A 40 -11.11 31.67 -39.75
CA ASP A 40 -10.15 30.67 -40.20
C ASP A 40 -10.70 29.26 -40.06
N GLU A 41 -11.51 29.02 -39.03
CA GLU A 41 -12.08 27.69 -38.86
C GLU A 41 -13.17 27.41 -39.89
N PHE A 42 -13.94 28.44 -40.27
CA PHE A 42 -14.94 28.23 -41.30
C PHE A 42 -14.33 27.97 -42.67
N LYS A 43 -13.09 28.41 -42.90
CA LYS A 43 -12.41 28.03 -44.13
C LYS A 43 -12.24 26.52 -44.22
N ARG A 44 -12.01 25.86 -43.07
CA ARG A 44 -11.90 24.40 -43.07
C ARG A 44 -13.26 23.76 -43.35
N TYR A 45 -14.32 24.24 -42.68
CA TYR A 45 -15.64 23.67 -42.92
C TYR A 45 -16.06 23.81 -44.37
N ALA A 46 -15.78 24.98 -44.96
CA ALA A 46 -16.20 25.24 -46.34
C ALA A 46 -15.47 24.36 -47.35
N SER A 47 -14.24 23.96 -47.04
CA SER A 47 -13.48 23.14 -47.98
C SER A 47 -14.08 21.75 -48.14
N TYR A 48 -14.97 21.33 -47.23
CA TYR A 48 -15.61 20.03 -47.30
C TYR A 48 -17.00 20.08 -47.93
N HIS A 49 -17.44 21.25 -48.39
CA HIS A 49 -18.71 21.40 -49.09
C HIS A 49 -18.45 22.06 -50.43
N THR A 50 -18.70 21.33 -51.52
CA THR A 50 -18.49 21.89 -52.85
C THR A 50 -19.41 23.07 -53.13
N GLU A 51 -20.54 23.17 -52.43
CA GLU A 51 -21.49 24.24 -52.72
C GLU A 51 -20.96 25.60 -52.26
N ILE A 52 -20.28 25.64 -51.12
CA ILE A 52 -19.94 26.90 -50.49
C ILE A 52 -18.45 27.21 -50.61
N LYS A 53 -17.74 26.55 -51.52
CA LYS A 53 -16.31 26.82 -51.64
C LYS A 53 -16.01 28.17 -52.29
N ARG A 54 -16.99 29.03 -52.56
CA ARG A 54 -16.70 30.42 -52.93
C ARG A 54 -16.25 31.23 -51.73
N TYR A 55 -16.34 30.69 -50.51
CA TYR A 55 -15.76 31.34 -49.34
C TYR A 55 -14.25 31.47 -49.46
N GLU A 56 -13.64 30.74 -50.39
CA GLU A 56 -12.21 30.93 -50.67
C GLU A 56 -11.93 32.38 -51.04
N ASP A 57 -12.84 33.01 -51.79
CA ASP A 57 -12.63 34.40 -52.20
C ASP A 57 -12.96 35.37 -51.06
N ILE A 58 -13.96 35.04 -50.24
CA ILE A 58 -14.34 35.93 -49.14
C ILE A 58 -13.23 36.00 -48.10
N HIS A 59 -12.59 34.86 -47.80
CA HIS A 59 -11.56 34.84 -46.76
C HIS A 59 -10.34 35.65 -47.17
N LYS A 60 -9.98 35.61 -48.46
CA LYS A 60 -8.76 36.27 -48.89
C LYS A 60 -8.95 37.77 -49.10
N THR A 61 -10.19 38.23 -49.23
CA THR A 61 -10.49 39.65 -49.40
C THR A 61 -10.92 40.26 -48.07
N LYS A 62 -12.12 39.88 -47.61
CA LYS A 62 -12.70 40.53 -46.43
C LYS A 62 -12.00 40.09 -45.15
N VAL A 63 -11.73 38.80 -44.99
CA VAL A 63 -11.13 38.32 -43.75
C VAL A 63 -9.67 38.72 -43.67
N ASN A 64 -8.94 38.62 -44.78
CA ASN A 64 -7.55 39.03 -44.78
C ASN A 64 -7.41 40.53 -44.51
N SER A 65 -8.34 41.34 -45.04
CA SER A 65 -8.29 42.77 -44.83
C SER A 65 -8.61 43.14 -43.39
N LEU A 66 -9.57 42.44 -42.79
CA LEU A 66 -9.92 42.70 -41.40
C LEU A 66 -8.74 42.48 -40.48
N LEU A 67 -7.98 41.40 -40.71
CA LEU A 67 -6.80 41.15 -39.88
C LEU A 67 -5.76 42.25 -40.04
N ASN A 68 -5.53 42.68 -41.28
CA ASN A 68 -4.57 43.75 -41.53
C ASN A 68 -5.03 45.07 -40.92
N GLU A 69 -6.34 45.33 -40.99
CA GLU A 69 -6.89 46.57 -40.42
C GLU A 69 -6.83 46.54 -38.90
N ALA A 70 -7.07 45.36 -38.31
CA ALA A 70 -6.90 45.21 -36.87
C ALA A 70 -5.44 45.42 -36.46
N SER A 71 -4.51 44.84 -37.22
CA SER A 71 -3.09 45.01 -36.93
C SER A 71 -2.69 46.48 -37.05
N ARG A 72 -3.16 47.18 -38.09
CA ARG A 72 -2.84 48.60 -38.23
C ARG A 72 -3.46 49.42 -37.11
N ALA A 73 -4.67 49.05 -36.67
CA ALA A 73 -5.30 49.76 -35.56
C ALA A 73 -4.48 49.65 -34.29
N ILE A 74 -4.00 48.44 -33.97
CA ILE A 74 -3.20 48.25 -32.77
C ILE A 74 -1.93 49.09 -32.84
N GLY A 75 -1.27 49.09 -34.01
CA GLY A 75 -0.05 49.86 -34.17
C GLY A 75 -0.23 51.35 -33.99
N ILE A 76 -1.46 51.85 -34.15
CA ILE A 76 -1.71 53.28 -34.01
C ILE A 76 -1.47 53.72 -32.56
N CYS A 77 -1.79 52.84 -31.60
CA CYS A 77 -1.67 53.15 -30.18
C CYS A 77 -0.26 52.95 -29.63
N ASN A 78 0.76 52.88 -30.49
CA ASN A 78 2.10 52.60 -30.00
C ASN A 78 2.64 53.73 -29.14
N ARG A 79 2.29 54.98 -29.49
CA ARG A 79 2.78 56.10 -28.68
C ARG A 79 2.16 56.07 -27.30
N ALA A 80 0.86 55.80 -27.21
CA ALA A 80 0.22 55.66 -25.89
C ALA A 80 0.79 54.48 -25.13
N LYS A 81 1.13 53.40 -25.83
CA LYS A 81 1.74 52.24 -25.19
C LYS A 81 3.07 52.62 -24.54
N ASN A 82 3.93 53.34 -25.27
CA ASN A 82 5.22 53.74 -24.70
C ASN A 82 5.04 54.67 -23.52
N THR A 83 3.97 55.47 -23.51
CA THR A 83 3.71 56.36 -22.38
C THR A 83 3.45 55.56 -21.10
N VAL A 84 2.58 54.55 -21.18
CA VAL A 84 2.32 53.69 -20.02
C VAL A 84 3.59 52.97 -19.62
N LYS A 85 4.27 52.36 -20.59
CA LYS A 85 5.48 51.60 -20.30
C LYS A 85 6.52 52.47 -19.60
N GLY A 86 6.59 53.75 -19.94
CA GLY A 86 7.46 54.68 -19.26
C GLY A 86 7.16 54.80 -17.79
N LEU A 87 5.90 55.07 -17.44
CA LEU A 87 5.52 55.19 -16.03
C LEU A 87 5.72 53.87 -15.28
N ILE A 88 5.45 52.74 -15.94
CA ILE A 88 5.63 51.44 -15.30
C ILE A 88 7.08 51.25 -14.87
N ASN A 89 8.03 51.65 -15.73
CA ASN A 89 9.43 51.44 -15.41
C ASN A 89 9.91 52.35 -14.29
N ILE A 90 9.25 53.49 -14.09
CA ILE A 90 9.62 54.36 -12.97
C ILE A 90 8.97 53.87 -11.69
N LEU A 91 7.74 53.37 -11.76
CA LEU A 91 7.00 52.99 -10.57
C LEU A 91 7.49 51.69 -9.95
N GLU A 92 8.11 50.80 -10.73
CA GLU A 92 8.59 49.53 -10.21
C GLU A 92 10.08 49.53 -9.91
N ASN A 93 10.78 50.62 -10.21
CA ASN A 93 12.22 50.73 -9.99
C ASN A 93 12.50 51.86 -9.01
N PRO A 94 12.74 51.57 -7.74
CA PRO A 94 13.02 52.65 -6.78
C PRO A 94 14.22 53.51 -7.16
N GLN A 95 15.19 52.95 -7.87
CA GLN A 95 16.34 53.74 -8.30
C GLN A 95 15.93 54.81 -9.30
N LYS A 96 15.18 54.43 -10.33
CA LYS A 96 14.71 55.41 -11.31
C LYS A 96 13.71 56.39 -10.70
N PHE A 97 12.95 55.96 -9.68
CA PHE A 97 11.94 56.83 -9.10
C PHE A 97 12.57 57.98 -8.33
N LYS A 98 13.67 57.72 -7.62
CA LYS A 98 14.32 58.76 -6.83
C LYS A 98 14.97 59.84 -7.70
N THR A 99 15.13 59.60 -9.00
CA THR A 99 15.70 60.60 -9.89
C THR A 99 14.67 61.63 -10.36
N GLN A 100 13.42 61.54 -9.93
CA GLN A 100 12.41 62.53 -10.21
C GLN A 100 11.82 63.00 -8.88
N ARG A 101 11.03 64.07 -8.92
CA ARG A 101 10.60 64.77 -7.71
C ARG A 101 9.11 64.66 -7.42
N GLU A 102 8.33 63.97 -8.25
CA GLU A 102 6.90 63.83 -7.98
C GLU A 102 6.66 62.69 -7.01
N SER A 103 5.65 62.86 -6.15
CA SER A 103 5.33 61.86 -5.16
C SER A 103 4.80 60.59 -5.82
N TYR A 104 4.79 59.51 -5.05
CA TYR A 104 4.33 58.23 -5.59
C TYR A 104 2.84 58.27 -5.91
N ASP A 105 2.06 58.97 -5.10
CA ASP A 105 0.63 59.11 -5.38
C ASP A 105 0.39 59.83 -6.69
N VAL A 106 1.21 60.85 -6.99
CA VAL A 106 1.02 61.63 -8.20
C VAL A 106 1.34 60.79 -9.44
N LYS A 107 2.43 60.02 -9.40
CA LYS A 107 2.80 59.19 -10.53
C LYS A 107 1.83 58.03 -10.71
N LEU A 108 1.24 57.54 -9.61
CA LEU A 108 0.25 56.48 -9.72
C LEU A 108 -1.01 56.97 -10.44
N ARG A 109 -1.45 58.18 -10.13
CA ARG A 109 -2.57 58.77 -10.86
C ARG A 109 -2.24 58.89 -12.34
N GLN A 110 -1.05 59.40 -12.67
CA GLN A 110 -0.63 59.48 -14.06
C GLN A 110 -0.66 58.11 -14.72
N TYR A 111 -0.29 57.06 -13.96
CA TYR A 111 -0.31 55.71 -14.51
C TYR A 111 -1.72 55.27 -14.87
N GLU A 112 -2.69 55.53 -13.99
CA GLU A 112 -4.06 55.14 -14.26
C GLU A 112 -4.62 55.90 -15.46
N GLU A 113 -4.31 57.20 -15.56
CA GLU A 113 -4.80 57.99 -16.69
C GLU A 113 -4.21 57.48 -17.99
N LYS A 114 -2.89 57.29 -18.03
CA LYS A 114 -2.24 56.83 -19.25
C LYS A 114 -2.58 55.37 -19.54
N LYS A 115 -2.83 54.56 -18.50
CA LYS A 115 -3.26 53.19 -18.73
C LYS A 115 -4.62 53.14 -19.41
N GLU A 116 -5.56 53.97 -18.96
CA GLU A 116 -6.90 53.95 -19.55
C GLU A 116 -6.96 54.72 -20.87
N ALA A 117 -6.08 55.69 -21.08
CA ALA A 117 -6.00 56.31 -22.40
C ALA A 117 -5.50 55.32 -23.44
N PHE A 118 -4.63 54.39 -23.04
CA PHE A 118 -4.09 53.41 -23.97
C PHE A 118 -5.09 52.29 -24.24
N ARG A 119 -5.72 51.77 -23.18
CA ARG A 119 -6.78 50.79 -23.38
C ARG A 119 -7.96 51.39 -24.14
N GLY A 120 -8.23 52.67 -23.90
CA GLY A 120 -9.24 53.35 -24.70
C GLY A 120 -8.86 53.48 -26.16
N CYS A 121 -7.57 53.60 -26.44
CA CYS A 121 -7.13 53.71 -27.83
C CYS A 121 -7.36 52.41 -28.59
N LEU A 122 -6.99 51.27 -27.98
CA LEU A 122 -7.16 49.98 -28.64
C LEU A 122 -8.64 49.67 -28.90
N LEU A 123 -9.53 50.24 -28.08
CA LEU A 123 -10.96 50.12 -28.37
C LEU A 123 -11.38 51.11 -29.46
N ASN A 124 -11.03 52.38 -29.29
CA ASN A 124 -11.51 53.42 -30.21
C ASN A 124 -11.07 53.16 -31.64
N LYS A 125 -9.79 52.83 -31.84
CA LYS A 125 -9.28 52.63 -33.20
C LYS A 125 -9.72 51.31 -33.82
N ASN A 126 -10.39 50.45 -33.05
CA ASN A 126 -10.87 49.16 -33.56
C ASN A 126 -12.38 49.08 -33.65
N ARG A 127 -13.09 50.20 -33.49
CA ARG A 127 -14.55 50.17 -33.50
C ARG A 127 -15.10 49.82 -34.87
N LYS A 128 -14.47 50.33 -35.94
CA LYS A 128 -14.96 50.00 -37.27
C LYS A 128 -14.65 48.56 -37.64
N ASN A 129 -13.53 48.01 -37.14
CA ASN A 129 -13.24 46.59 -37.35
C ASN A 129 -14.26 45.72 -36.63
N LEU A 130 -14.84 46.22 -35.54
CA LEU A 130 -15.89 45.47 -34.84
C LEU A 130 -17.14 45.37 -35.70
N ASP A 131 -17.54 46.46 -36.34
CA ASP A 131 -18.73 46.44 -37.20
C ASP A 131 -18.55 45.49 -38.37
N GLN A 132 -17.31 45.28 -38.82
CA GLN A 132 -17.08 44.37 -39.94
C GLN A 132 -17.22 42.92 -39.54
N ILE A 133 -16.92 42.59 -38.28
CA ILE A 133 -17.05 41.20 -37.82
C ILE A 133 -18.49 40.73 -37.95
N LYS A 134 -19.43 41.52 -37.43
CA LYS A 134 -20.83 41.18 -37.57
C LYS A 134 -21.24 41.11 -39.04
N LYS A 135 -20.61 41.92 -39.89
CA LYS A 135 -20.89 41.89 -41.31
C LYS A 135 -20.47 40.56 -41.92
N ILE A 136 -19.26 40.08 -41.58
CA ILE A 136 -18.74 38.86 -42.15
C ILE A 136 -19.50 37.64 -41.62
N ASN A 137 -19.92 37.66 -40.36
CA ASN A 137 -20.69 36.54 -39.81
C ASN A 137 -21.97 36.32 -40.61
N ASN A 138 -22.71 37.39 -40.88
CA ASN A 138 -23.97 37.26 -41.60
C ASN A 138 -23.74 36.81 -43.04
N GLU A 139 -22.61 37.18 -43.65
CA GLU A 139 -22.27 36.66 -44.97
C GLU A 139 -22.08 35.16 -44.93
N ILE A 140 -21.41 34.65 -43.89
CA ILE A 140 -21.20 33.22 -43.75
C ILE A 140 -22.53 32.51 -43.54
N ARG A 141 -23.43 33.11 -42.75
CA ARG A 141 -24.76 32.55 -42.57
C ARG A 141 -25.49 32.45 -43.91
N ASP A 142 -25.54 33.55 -44.66
CA ASP A 142 -26.22 33.54 -45.95
C ASP A 142 -25.55 32.57 -46.92
N LEU A 143 -24.22 32.47 -46.86
CA LEU A 143 -23.49 31.58 -47.75
C LEU A 143 -23.78 30.12 -47.45
N LEU A 144 -24.07 29.79 -46.18
CA LEU A 144 -24.42 28.43 -45.82
C LEU A 144 -25.80 28.02 -46.33
N GLU A 145 -26.62 28.97 -46.76
CA GLU A 145 -27.93 28.64 -47.30
C GLU A 145 -27.83 27.86 -48.60
N LYS A 146 -26.70 27.94 -49.31
CA LYS A 146 -26.56 27.29 -50.60
C LYS A 146 -26.20 25.82 -50.50
N LEU A 147 -26.16 25.25 -49.30
CA LEU A 147 -26.02 23.80 -49.19
C LEU A 147 -27.27 23.12 -49.76
N LYS A 148 -27.05 22.08 -50.56
CA LYS A 148 -28.12 21.35 -51.24
C LYS A 148 -28.76 20.35 -50.29
N CYS A 149 -29.42 20.89 -49.27
CA CYS A 149 -30.20 20.10 -48.32
C CYS A 149 -31.25 21.02 -47.71
N SER A 150 -32.05 20.46 -46.81
CA SER A 150 -33.11 21.25 -46.18
C SER A 150 -33.48 20.66 -44.84
N GLN A 151 -34.03 19.45 -44.84
CA GLN A 151 -34.32 18.72 -43.62
C GLN A 151 -33.35 17.59 -43.36
N ASP A 152 -32.49 17.25 -44.31
CA ASP A 152 -31.57 16.12 -44.17
C ASP A 152 -30.15 16.56 -44.51
N CYS A 153 -29.66 17.56 -43.79
CA CYS A 153 -28.28 17.99 -43.97
C CYS A 153 -27.35 17.07 -43.19
N GLN A 154 -26.38 16.49 -43.88
CA GLN A 154 -25.46 15.55 -43.26
C GLN A 154 -24.65 16.23 -42.16
N THR A 155 -24.36 15.47 -41.10
CA THR A 155 -23.59 15.96 -39.97
C THR A 155 -22.19 15.36 -39.91
N ASN A 156 -21.73 14.72 -40.99
CA ASN A 156 -20.44 14.04 -40.94
C ASN A 156 -19.29 15.04 -40.82
N VAL A 157 -19.38 16.17 -41.53
CA VAL A 157 -18.32 17.18 -41.43
C VAL A 157 -18.28 17.78 -40.03
N TYR A 158 -19.47 17.99 -39.44
CA TYR A 158 -19.55 18.55 -38.10
C TYR A 158 -18.89 17.65 -37.07
N PHE A 159 -19.16 16.34 -37.13
CA PHE A 159 -18.55 15.42 -36.18
C PHE A 159 -17.11 15.09 -36.53
N ASP A 160 -16.70 15.23 -37.79
CA ASP A 160 -15.31 15.04 -38.13
C ASP A 160 -14.44 16.11 -37.48
N MET A 161 -14.92 17.36 -37.47
CA MET A 161 -14.15 18.43 -36.85
C MET A 161 -14.08 18.26 -35.34
N ILE A 162 -15.14 17.74 -34.71
CA ILE A 162 -15.11 17.51 -33.27
C ILE A 162 -14.03 16.51 -32.92
N LYS A 163 -13.87 15.46 -33.73
CA LYS A 163 -12.78 14.51 -33.51
C LYS A 163 -11.43 15.20 -33.57
N ILE A 164 -11.26 16.12 -34.53
CA ILE A 164 -10.01 16.86 -34.65
C ILE A 164 -9.77 17.70 -33.41
N TYR A 165 -10.82 18.35 -32.91
CA TYR A 165 -10.66 19.28 -31.79
C TYR A 165 -10.28 18.56 -30.50
N LEU A 166 -10.77 17.34 -30.30
CA LEU A 166 -10.37 16.60 -29.10
C LEU A 166 -8.88 16.29 -29.13
N VAL A 167 -8.33 15.97 -30.30
CA VAL A 167 -6.89 15.81 -30.41
C VAL A 167 -6.17 17.12 -30.10
N ASP A 168 -6.74 18.24 -30.55
CA ASP A 168 -6.11 19.53 -30.29
C ASP A 168 -6.19 19.91 -28.81
N PHE A 169 -7.30 19.54 -28.14
CA PHE A 169 -7.42 19.82 -26.72
C PHE A 169 -6.34 19.11 -25.91
N LYS A 170 -6.06 17.84 -26.24
CA LYS A 170 -5.05 17.08 -25.54
C LYS A 170 -3.65 17.66 -25.72
N LYS A 171 -3.44 18.48 -26.74
CA LYS A 171 -2.13 19.11 -26.90
C LYS A 171 -1.91 20.26 -25.93
N MET A 172 -2.96 20.75 -25.28
CA MET A 172 -2.79 21.81 -24.30
C MET A 172 -2.71 21.23 -22.89
N PRO A 173 -1.61 21.42 -22.17
CA PRO A 173 -1.53 20.97 -20.77
C PRO A 173 -2.34 21.87 -19.85
N TYR A 174 -3.66 21.70 -19.91
CA TYR A 174 -4.54 22.55 -19.14
C TYR A 174 -4.25 22.45 -17.63
N GLU A 175 -4.02 21.24 -17.13
CA GLU A 175 -3.86 21.08 -15.70
C GLU A 175 -2.58 21.72 -15.20
N ASN A 176 -1.56 21.84 -16.05
CA ASN A 176 -0.36 22.58 -15.67
C ASN A 176 -0.66 24.08 -15.56
N TYR A 177 -1.47 24.60 -16.49
CA TYR A 177 -1.90 25.99 -16.39
C TYR A 177 -2.68 26.22 -15.11
N ASP A 178 -3.64 25.34 -14.82
CA ASP A 178 -4.43 25.46 -13.60
C ASP A 178 -3.54 25.37 -12.36
N THR A 179 -2.55 24.47 -12.38
CA THR A 179 -1.66 24.33 -11.23
C THR A 179 -0.83 25.60 -11.03
N PHE A 180 -0.34 26.17 -12.13
CA PHE A 180 0.52 27.35 -12.05
C PHE A 180 -0.24 28.58 -11.58
N ILE A 181 -1.46 28.78 -12.08
CA ILE A 181 -2.23 29.94 -11.67
C ILE A 181 -2.58 29.87 -10.20
N LYS A 182 -2.83 28.66 -9.68
CA LYS A 182 -3.20 28.54 -8.28
C LYS A 182 -1.98 28.74 -7.38
N GLN A 183 -0.80 28.33 -7.83
CA GLN A 183 0.41 28.51 -7.05
C GLN A 183 0.79 29.99 -6.97
N TYR A 184 0.78 30.68 -8.11
CA TYR A 184 1.19 32.08 -8.14
C TYR A 184 0.11 33.00 -7.58
N LYS A 185 -1.17 32.67 -7.75
CA LYS A 185 -2.22 33.39 -7.03
C LYS A 185 -2.02 33.28 -5.52
N ASN A 186 -1.73 32.08 -5.03
CA ASN A 186 -1.50 31.91 -3.60
C ASN A 186 -0.27 32.70 -3.13
N SER A 187 0.84 32.58 -3.88
CA SER A 187 2.03 33.35 -3.54
C SER A 187 1.77 34.84 -3.62
N TYR A 188 0.98 35.28 -4.60
CA TYR A 188 0.71 36.70 -4.75
C TYR A 188 -0.13 37.23 -3.59
N LEU A 189 -1.19 36.50 -3.22
CA LEU A 189 -2.02 36.95 -2.10
C LEU A 189 -1.25 36.89 -0.78
N SER A 190 -0.37 35.90 -0.64
CA SER A 190 0.44 35.81 0.58
C SER A 190 1.41 36.98 0.67
N GLY A 191 2.02 37.36 -0.45
CA GLY A 191 2.93 38.49 -0.45
C GLY A 191 2.24 39.80 -0.16
N VAL A 192 1.00 39.96 -0.60
CA VAL A 192 0.26 41.20 -0.35
C VAL A 192 0.03 41.39 1.15
N ASP A 193 -0.48 40.37 1.83
CA ASP A 193 -0.69 40.48 3.27
C ASP A 193 0.63 40.62 3.99
N MET A 194 1.69 39.98 3.49
CA MET A 194 3.00 40.09 4.12
C MET A 194 3.51 41.52 4.04
N ILE A 195 3.33 42.19 2.89
CA ILE A 195 3.92 43.50 2.71
C ILE A 195 3.26 44.52 3.64
N ARG A 196 1.99 44.33 3.98
CA ARG A 196 1.30 45.28 4.84
C ARG A 196 1.68 45.12 6.31
N LYS A 197 2.24 43.97 6.69
CA LYS A 197 2.74 43.81 8.06
C LYS A 197 4.17 44.33 8.19
N ILE A 198 5.04 43.98 7.25
CA ILE A 198 6.44 44.37 7.38
C ILE A 198 6.66 45.85 7.05
N GLU A 199 5.75 46.48 6.32
CA GLU A 199 5.89 47.92 6.09
C GLU A 199 5.77 48.72 7.38
N LYS A 200 5.15 48.15 8.41
CA LYS A 200 5.17 48.77 9.72
C LYS A 200 6.53 48.60 10.41
N GLN A 201 7.29 47.57 10.05
CA GLN A 201 8.57 47.28 10.70
C GLN A 201 9.73 47.98 10.01
N ILE A 202 9.81 47.91 8.68
CA ILE A 202 10.92 48.45 7.91
C ILE A 202 10.50 49.77 7.29
N ASP A 203 11.29 50.81 7.52
CA ASP A 203 10.99 52.15 7.01
C ASP A 203 11.73 52.36 5.70
N ASN A 204 11.04 52.07 4.60
CA ASN A 204 11.58 52.27 3.25
C ASN A 204 10.41 52.53 2.31
N PRO A 205 9.85 53.74 2.34
CA PRO A 205 8.60 54.00 1.61
C PRO A 205 8.71 53.76 0.11
N VAL A 206 9.84 54.08 -0.50
CA VAL A 206 9.95 53.97 -1.94
C VAL A 206 9.92 52.50 -2.36
N THR A 207 10.76 51.67 -1.75
CA THR A 207 10.82 50.26 -2.13
C THR A 207 9.50 49.56 -1.84
N ILE A 208 8.90 49.86 -0.69
CA ILE A 208 7.61 49.27 -0.33
C ILE A 208 6.57 49.57 -1.41
N ASN A 209 6.54 50.83 -1.89
CA ASN A 209 5.55 51.22 -2.88
C ASN A 209 5.83 50.57 -4.23
N ALA A 210 7.11 50.40 -4.59
CA ALA A 210 7.44 49.68 -5.81
C ALA A 210 6.91 48.26 -5.77
N ILE A 211 7.02 47.60 -4.61
CA ILE A 211 6.45 46.27 -4.44
C ILE A 211 4.93 46.32 -4.61
N LYS A 212 4.29 47.32 -3.99
CA LYS A 212 2.83 47.40 -4.05
C LYS A 212 2.36 47.66 -5.48
N PHE A 213 3.09 48.47 -6.24
CA PHE A 213 2.71 48.70 -7.63
C PHE A 213 2.81 47.43 -8.45
N THR A 214 3.92 46.70 -8.32
CA THR A 214 4.09 45.47 -9.06
C THR A 214 3.01 44.46 -8.69
N GLN A 215 2.65 44.41 -7.40
CA GLN A 215 1.57 43.53 -6.97
C GLN A 215 0.24 43.95 -7.61
N LYS A 216 0.01 45.26 -7.72
CA LYS A 216 -1.19 45.74 -8.41
C LYS A 216 -1.24 45.22 -9.83
N GLU A 217 -0.10 45.23 -10.52
CA GLU A 217 -0.04 44.70 -11.89
C GLU A 217 -0.23 43.19 -11.90
N MET A 218 0.32 42.50 -10.90
CA MET A 218 0.14 41.05 -10.81
C MET A 218 -1.34 40.69 -10.66
N GLY A 219 -2.06 41.43 -9.82
CA GLY A 219 -3.49 41.19 -9.69
C GLY A 219 -4.22 41.33 -11.00
N TYR A 220 -3.86 42.34 -11.79
CA TYR A 220 -4.48 42.52 -13.10
C TYR A 220 -4.17 41.33 -14.00
N ILE A 221 -2.90 40.90 -14.02
CA ILE A 221 -2.52 39.79 -14.88
C ILE A 221 -3.18 38.50 -14.44
N ILE A 222 -3.29 38.27 -13.13
CA ILE A 222 -3.95 37.07 -12.62
C ILE A 222 -5.42 37.07 -13.03
N ASP A 223 -6.09 38.21 -12.95
CA ASP A 223 -7.48 38.30 -13.38
C ASP A 223 -7.64 37.91 -14.84
N ARG A 224 -6.77 38.44 -15.71
CA ARG A 224 -6.86 38.11 -17.14
C ARG A 224 -6.58 36.63 -17.39
N PHE A 225 -5.58 36.08 -16.68
CA PHE A 225 -5.28 34.66 -16.81
C PHE A 225 -6.47 33.81 -16.38
N GLU A 226 -7.12 34.20 -15.28
CA GLU A 226 -8.25 33.41 -14.81
C GLU A 226 -9.44 33.52 -15.75
N TYR A 227 -9.63 34.68 -16.39
CA TYR A 227 -10.70 34.82 -17.36
C TYR A 227 -10.50 33.89 -18.55
N HIS A 228 -9.27 33.85 -19.09
CA HIS A 228 -9.02 33.04 -20.27
C HIS A 228 -8.99 31.55 -19.96
N LEU A 229 -8.49 31.17 -18.77
CA LEU A 229 -8.50 29.77 -18.39
C LEU A 229 -9.92 29.25 -18.26
N GLN A 230 -10.84 30.09 -17.77
CA GLN A 230 -12.23 29.67 -17.66
C GLN A 230 -12.87 29.55 -19.04
N LYS A 231 -12.55 30.48 -19.95
CA LYS A 231 -13.07 30.39 -21.31
C LYS A 231 -12.59 29.14 -22.02
N VAL A 232 -11.30 28.81 -21.84
CA VAL A 232 -10.72 27.62 -22.47
C VAL A 232 -11.35 26.36 -21.88
N LYS A 233 -11.51 26.32 -20.57
CA LYS A 233 -12.18 25.19 -19.92
C LYS A 233 -13.60 25.01 -20.44
N HIS A 234 -14.33 26.11 -20.63
CA HIS A 234 -15.70 25.99 -21.11
C HIS A 234 -15.72 25.42 -22.52
N SER A 235 -14.83 25.88 -23.38
CA SER A 235 -14.77 25.34 -24.74
C SER A 235 -14.48 23.85 -24.74
N ILE A 236 -13.48 23.42 -23.97
CA ILE A 236 -13.11 22.01 -23.95
C ILE A 236 -14.24 21.17 -23.39
N ASP A 237 -14.87 21.63 -22.31
CA ASP A 237 -15.94 20.86 -21.70
C ASP A 237 -17.13 20.73 -22.65
N GLN A 238 -17.52 21.83 -23.30
CA GLN A 238 -18.68 21.80 -24.19
C GLN A 238 -18.42 20.96 -25.42
N VAL A 239 -17.27 21.14 -26.06
CA VAL A 239 -16.97 20.37 -27.27
C VAL A 239 -16.82 18.89 -26.94
N THR A 240 -16.28 18.58 -25.76
CA THR A 240 -16.16 17.17 -25.38
C THR A 240 -17.52 16.56 -25.09
N ALA A 241 -18.43 17.33 -24.49
CA ALA A 241 -19.79 16.86 -24.29
C ALA A 241 -20.48 16.53 -25.61
N LEU A 242 -20.26 17.36 -26.64
CA LEU A 242 -20.80 17.05 -27.96
C LEU A 242 -20.22 15.75 -28.50
N SER A 243 -18.96 15.47 -28.20
CA SER A 243 -18.35 14.23 -28.67
C SER A 243 -18.93 13.00 -27.98
N ASP A 244 -19.30 13.13 -26.70
CA ASP A 244 -19.88 12.01 -25.96
C ASP A 244 -21.38 11.89 -26.16
N GLY A 245 -22.03 12.87 -26.78
CA GLY A 245 -23.48 12.94 -26.82
C GLY A 245 -24.09 12.15 -27.96
N VAL A 246 -25.39 12.36 -28.16
CA VAL A 246 -26.08 11.76 -29.29
C VAL A 246 -25.62 12.41 -30.58
N LYS A 247 -25.46 11.60 -31.63
CA LYS A 247 -24.94 12.04 -32.92
C LYS A 247 -25.96 11.79 -34.02
N PRO A 248 -26.87 12.74 -34.26
CA PRO A 248 -27.79 12.57 -35.39
C PRO A 248 -27.05 12.65 -36.72
N LYS A 249 -27.53 11.86 -37.68
CA LYS A 249 -26.89 11.82 -38.99
C LYS A 249 -27.36 12.96 -39.88
N GLN A 250 -28.60 13.44 -39.69
CA GLN A 250 -29.15 14.52 -40.50
C GLN A 250 -29.85 15.53 -39.60
N VAL A 251 -29.79 16.80 -39.99
CA VAL A 251 -30.42 17.90 -39.27
C VAL A 251 -30.97 18.87 -40.29
N THR A 252 -31.74 19.83 -39.80
CA THR A 252 -32.19 20.90 -40.67
C THR A 252 -31.02 21.80 -41.05
N LYS A 253 -31.23 22.66 -42.05
CA LYS A 253 -30.12 23.48 -42.54
C LYS A 253 -29.76 24.58 -41.53
N ASN A 254 -30.75 25.15 -40.85
CA ASN A 254 -30.48 26.23 -39.91
C ASN A 254 -29.78 25.71 -38.66
N ARG A 255 -30.03 24.45 -38.30
CA ARG A 255 -29.36 23.82 -37.17
C ARG A 255 -27.90 23.50 -37.52
N LEU A 256 -27.66 22.99 -38.73
CA LEU A 256 -26.29 22.78 -39.17
C LEU A 256 -25.52 24.09 -39.19
N LYS A 257 -26.18 25.20 -39.51
CA LYS A 257 -25.55 26.51 -39.39
C LYS A 257 -25.14 26.78 -37.93
N GLU A 258 -26.06 26.57 -37.00
CA GLU A 258 -25.72 26.75 -35.59
C GLU A 258 -24.65 25.77 -35.15
N TYR A 259 -24.71 24.52 -35.65
CA TYR A 259 -23.67 23.54 -35.39
C TYR A 259 -22.28 24.09 -35.72
N TYR A 260 -22.11 24.51 -36.98
CA TYR A 260 -20.83 25.08 -37.41
C TYR A 260 -20.48 26.32 -36.59
N PHE A 261 -21.46 27.18 -36.33
CA PHE A 261 -21.20 28.37 -35.54
C PHE A 261 -20.88 28.03 -34.08
N ASN A 262 -21.49 26.96 -33.56
CA ASN A 262 -21.26 26.59 -32.16
C ASN A 262 -19.82 26.09 -31.96
N ILE A 263 -19.44 25.02 -32.66
CA ILE A 263 -18.11 24.47 -32.45
C ILE A 263 -17.05 25.42 -32.99
N GLY A 264 -17.38 26.21 -34.01
CA GLY A 264 -16.42 27.18 -34.51
C GLY A 264 -16.11 28.26 -33.50
N ASN A 265 -17.14 28.78 -32.83
CA ASN A 265 -16.90 29.80 -31.81
C ASN A 265 -16.17 29.21 -30.61
N TYR A 266 -16.55 27.99 -30.19
CA TYR A 266 -15.87 27.33 -29.09
C TYR A 266 -14.38 27.18 -29.39
N TYR A 267 -14.06 26.66 -30.58
CA TYR A 267 -12.66 26.44 -30.93
C TYR A 267 -11.92 27.75 -31.12
N SER A 268 -12.58 28.78 -31.66
CA SER A 268 -11.93 30.08 -31.80
C SER A 268 -11.56 30.64 -30.43
N ILE A 269 -12.43 30.47 -29.42
CA ILE A 269 -12.12 30.93 -28.08
C ILE A 269 -11.01 30.09 -27.47
N PHE A 270 -10.97 28.80 -27.79
CA PHE A 270 -9.90 27.93 -27.29
C PHE A 270 -8.54 28.37 -27.81
N LYS A 271 -8.43 28.73 -29.09
CA LYS A 271 -7.15 29.15 -29.64
C LYS A 271 -6.79 30.54 -29.14
N PHE A 272 -7.76 31.46 -29.13
CA PHE A 272 -7.54 32.80 -28.61
C PHE A 272 -7.10 32.75 -27.15
N GLY A 273 -7.70 31.87 -26.36
CA GLY A 273 -7.30 31.74 -24.98
C GLY A 273 -5.94 31.09 -24.81
N LYS A 274 -5.62 30.11 -25.65
CA LYS A 274 -4.31 29.48 -25.60
C LYS A 274 -3.21 30.52 -25.86
N ASP A 275 -3.42 31.42 -26.82
CA ASP A 275 -2.46 32.48 -27.08
C ASP A 275 -2.27 33.37 -25.86
N SER A 276 -3.39 33.86 -25.29
CA SER A 276 -3.30 34.81 -24.19
C SER A 276 -2.71 34.18 -22.94
N LEU A 277 -3.12 32.96 -22.61
CA LEU A 277 -2.58 32.29 -21.42
C LEU A 277 -1.08 32.05 -21.56
N ASN A 278 -0.60 31.74 -22.76
CA ASN A 278 0.84 31.58 -22.92
C ASN A 278 1.56 32.91 -22.74
N MET A 279 0.93 34.02 -23.14
CA MET A 279 1.53 35.34 -22.93
C MET A 279 1.41 35.79 -21.49
N LEU A 280 0.25 35.55 -20.85
CA LEU A 280 0.06 35.99 -19.48
C LEU A 280 0.90 35.18 -18.51
N ASN A 281 1.13 33.90 -18.79
CA ASN A 281 2.02 33.08 -17.99
C ASN A 281 3.41 33.70 -17.92
N LYS A 282 3.95 34.11 -19.07
CA LYS A 282 5.25 34.78 -19.09
C LYS A 282 5.21 36.11 -18.36
N ALA A 283 4.13 36.87 -18.54
CA ALA A 283 4.03 38.17 -17.89
C ALA A 283 4.02 38.03 -16.38
N LEU A 284 3.23 37.08 -15.87
CA LEU A 284 3.11 36.90 -14.44
C LEU A 284 4.43 36.45 -13.82
N ILE A 285 5.15 35.55 -14.50
CA ILE A 285 6.42 35.06 -13.96
C ILE A 285 7.45 36.18 -13.92
N HIS A 286 7.41 37.11 -14.87
CA HIS A 286 8.36 38.21 -14.88
C HIS A 286 8.06 39.21 -13.77
N LYS A 287 6.78 39.43 -13.48
CA LYS A 287 6.41 40.33 -12.38
C LYS A 287 6.78 39.73 -11.03
N GLU A 288 6.64 38.42 -10.87
CA GLU A 288 6.97 37.77 -9.61
C GLU A 288 8.46 37.94 -9.30
N LYS A 289 9.31 37.83 -10.32
CA LYS A 289 10.74 38.01 -10.09
C LYS A 289 11.06 39.44 -9.69
N ILE A 290 10.34 40.42 -10.25
CA ILE A 290 10.56 41.81 -9.86
C ILE A 290 10.20 42.01 -8.39
N VAL A 291 9.08 41.44 -7.95
CA VAL A 291 8.66 41.59 -6.56
C VAL A 291 9.72 41.03 -5.63
N HIS A 292 10.18 39.80 -5.89
CA HIS A 292 11.17 39.19 -5.00
C HIS A 292 12.53 39.85 -5.14
N ASN A 293 12.83 40.41 -6.30
CA ASN A 293 14.01 41.27 -6.41
C ASN A 293 13.87 42.50 -5.52
N LEU A 294 12.68 43.10 -5.49
CA LEU A 294 12.48 44.29 -4.67
C LEU A 294 12.51 43.95 -3.19
N LEU A 295 12.07 42.74 -2.82
CA LEU A 295 12.19 42.32 -1.42
C LEU A 295 13.64 42.08 -1.04
N GLY A 296 14.47 41.63 -1.99
CA GLY A 296 15.89 41.50 -1.71
C GLY A 296 16.53 42.83 -1.41
N GLU A 297 16.21 43.87 -2.19
CA GLU A 297 16.75 45.20 -1.93
C GLU A 297 16.22 45.76 -0.61
N LEU A 298 14.97 45.45 -0.28
CA LEU A 298 14.39 45.90 0.98
C LEU A 298 15.09 45.28 2.18
N PHE A 299 15.55 44.04 2.06
CA PHE A 299 16.17 43.34 3.19
C PHE A 299 17.68 43.20 3.06
N GLY A 300 18.28 43.73 2.01
CA GLY A 300 19.68 43.47 1.75
C GLY A 300 20.60 44.59 2.14
N HIS A 301 20.04 45.74 2.50
CA HIS A 301 20.82 46.91 2.85
C HIS A 301 20.46 47.41 4.25
N LEU A 302 20.17 46.47 5.16
CA LEU A 302 19.77 46.85 6.50
C LEU A 302 20.89 47.52 7.26
N GLU A 303 22.14 47.19 6.92
CA GLU A 303 23.31 47.84 7.49
C GLU A 303 23.28 49.35 7.23
N GLU B 20 -22.79 7.50 -27.14
CA GLU B 20 -22.83 6.71 -25.91
C GLU B 20 -21.43 6.21 -25.54
N VAL B 21 -21.02 6.49 -24.30
CA VAL B 21 -19.72 6.08 -23.79
C VAL B 21 -19.90 4.83 -22.96
N GLN B 22 -19.06 3.82 -23.22
CA GLN B 22 -19.17 2.54 -22.53
C GLN B 22 -17.77 2.03 -22.17
N LEU B 23 -17.64 1.46 -20.98
CA LEU B 23 -16.39 0.89 -20.49
C LEU B 23 -16.63 -0.54 -20.05
N GLN B 24 -15.97 -1.49 -20.72
CA GLN B 24 -16.19 -2.92 -20.49
C GLN B 24 -14.93 -3.54 -19.92
N GLN B 25 -15.00 -3.98 -18.67
CA GLN B 25 -13.88 -4.59 -17.97
C GLN B 25 -13.92 -6.11 -18.06
N SER B 26 -12.77 -6.73 -17.77
CA SER B 26 -12.64 -8.18 -17.78
C SER B 26 -13.29 -8.79 -16.54
N GLY B 27 -13.38 -10.13 -16.53
CA GLY B 27 -14.11 -10.85 -15.50
C GLY B 27 -13.34 -11.02 -14.20
N ALA B 28 -14.01 -11.65 -13.24
CA ALA B 28 -13.48 -11.81 -11.89
C ALA B 28 -12.22 -12.69 -11.91
N GLU B 29 -11.33 -12.42 -10.95
CA GLU B 29 -10.06 -13.11 -10.86
C GLU B 29 -9.88 -13.69 -9.46
N LEU B 30 -9.39 -14.93 -9.41
CA LEU B 30 -8.95 -15.55 -8.16
C LEU B 30 -7.46 -15.82 -8.28
N VAL B 31 -6.66 -15.17 -7.43
CA VAL B 31 -5.20 -15.24 -7.50
C VAL B 31 -4.65 -15.66 -6.15
N LYS B 32 -3.51 -16.35 -6.18
CA LYS B 32 -2.80 -16.76 -4.98
C LYS B 32 -2.03 -15.57 -4.39
N PRO B 33 -1.88 -15.54 -3.06
CA PRO B 33 -1.12 -14.44 -2.45
C PRO B 33 0.33 -14.43 -2.94
N GLY B 34 0.84 -13.23 -3.18
CA GLY B 34 2.16 -13.07 -3.74
C GLY B 34 2.22 -13.10 -5.25
N ALA B 35 1.12 -13.46 -5.92
CA ALA B 35 1.09 -13.50 -7.37
C ALA B 35 0.62 -12.16 -7.91
N SER B 36 0.59 -12.04 -9.23
CA SER B 36 0.14 -10.81 -9.87
C SER B 36 -1.06 -11.10 -10.76
N VAL B 37 -1.81 -10.04 -11.07
CA VAL B 37 -2.98 -10.13 -11.91
C VAL B 37 -2.98 -8.93 -12.86
N LYS B 38 -3.58 -9.10 -14.03
CA LYS B 38 -3.70 -8.05 -15.03
C LYS B 38 -5.15 -7.91 -15.45
N LEU B 39 -5.76 -6.76 -15.17
CA LEU B 39 -7.14 -6.48 -15.53
C LEU B 39 -7.21 -5.59 -16.77
N SER B 40 -8.28 -5.74 -17.53
CA SER B 40 -8.46 -5.02 -18.78
C SER B 40 -9.75 -4.21 -18.74
N CYS B 41 -9.81 -3.21 -19.64
CA CYS B 41 -10.97 -2.34 -19.71
C CYS B 41 -11.02 -1.75 -21.11
N THR B 42 -12.00 -2.18 -21.91
CA THR B 42 -12.11 -1.79 -23.31
C THR B 42 -13.17 -0.70 -23.45
N ALA B 43 -12.82 0.36 -24.19
CA ALA B 43 -13.66 1.53 -24.31
C ALA B 43 -14.32 1.59 -25.68
N SER B 44 -15.51 2.18 -25.70
CA SER B 44 -16.25 2.43 -26.92
C SER B 44 -17.00 3.76 -26.75
N GLY B 45 -17.37 4.37 -27.88
CA GLY B 45 -17.96 5.69 -27.86
C GLY B 45 -16.96 6.82 -27.75
N PHE B 46 -15.71 6.54 -27.41
CA PHE B 46 -14.67 7.55 -27.37
C PHE B 46 -13.33 6.87 -27.59
N ASN B 47 -12.34 7.67 -27.98
CA ASN B 47 -10.97 7.22 -28.15
C ASN B 47 -10.20 7.52 -26.86
N ILE B 48 -9.59 6.50 -26.27
CA ILE B 48 -8.85 6.68 -25.03
C ILE B 48 -7.61 7.56 -25.24
N LYS B 49 -7.17 7.71 -26.49
CA LYS B 49 -6.05 8.58 -26.80
C LYS B 49 -6.33 10.04 -26.43
N ASP B 50 -7.60 10.44 -26.32
CA ASP B 50 -7.97 11.82 -26.09
C ASP B 50 -8.25 12.14 -24.61
N HIS B 51 -8.22 11.14 -23.72
CA HIS B 51 -8.60 11.34 -22.33
C HIS B 51 -7.58 10.68 -21.40
N PHE B 52 -7.87 10.76 -20.10
CA PHE B 52 -7.14 10.01 -19.09
C PHE B 52 -7.96 8.80 -18.67
N MET B 53 -7.30 7.67 -18.52
CA MET B 53 -7.92 6.48 -17.94
C MET B 53 -7.46 6.35 -16.49
N HIS B 54 -8.40 6.04 -15.60
CA HIS B 54 -8.16 5.97 -14.18
C HIS B 54 -8.58 4.61 -13.64
N TRP B 55 -7.88 4.15 -12.61
CA TRP B 55 -8.26 2.95 -11.91
C TRP B 55 -8.53 3.28 -10.45
N VAL B 56 -9.62 2.74 -9.92
CA VAL B 56 -10.12 3.04 -8.58
C VAL B 56 -10.39 1.74 -7.86
N LYS B 57 -9.97 1.67 -6.60
CA LYS B 57 -10.09 0.47 -5.78
C LYS B 57 -11.26 0.63 -4.80
N GLN B 58 -12.19 -0.30 -4.84
CA GLN B 58 -13.37 -0.28 -3.97
C GLN B 58 -13.35 -1.53 -3.11
N ARG B 59 -13.03 -1.35 -1.83
CA ARG B 59 -12.93 -2.42 -0.87
C ARG B 59 -14.02 -2.24 0.18
N THR B 60 -14.44 -3.34 0.80
CA THR B 60 -15.49 -3.27 1.80
C THR B 60 -14.99 -2.57 3.06
N ALA B 61 -15.76 -1.59 3.52
CA ALA B 61 -15.46 -0.75 4.69
C ALA B 61 -14.26 0.15 4.47
N GLN B 62 -13.73 0.22 3.25
CA GLN B 62 -12.60 1.07 2.94
C GLN B 62 -12.96 2.16 1.94
N GLY B 63 -14.24 2.34 1.63
CA GLY B 63 -14.65 3.38 0.71
C GLY B 63 -14.05 3.20 -0.66
N LEU B 64 -13.60 4.32 -1.24
CA LEU B 64 -12.97 4.33 -2.54
C LEU B 64 -11.58 4.91 -2.43
N GLU B 65 -10.68 4.39 -3.26
CA GLU B 65 -9.26 4.75 -3.23
C GLU B 65 -8.76 4.88 -4.65
N TRP B 66 -8.16 6.03 -4.97
CA TRP B 66 -7.58 6.22 -6.30
C TRP B 66 -6.26 5.48 -6.42
N ILE B 67 -6.08 4.76 -7.52
CA ILE B 67 -4.87 4.00 -7.77
C ILE B 67 -3.89 4.77 -8.65
N GLY B 68 -4.36 5.30 -9.76
CA GLY B 68 -3.48 5.99 -10.69
C GLY B 68 -4.20 6.24 -12.00
N ARG B 69 -3.46 6.86 -12.92
CA ARG B 69 -4.00 7.20 -14.22
C ARG B 69 -2.93 7.04 -15.28
N ILE B 70 -3.38 6.94 -16.54
CA ILE B 70 -2.50 6.91 -17.70
C ILE B 70 -3.03 7.89 -18.74
N ASP B 71 -2.10 8.50 -19.48
CA ASP B 71 -2.42 9.26 -20.68
C ASP B 71 -2.05 8.39 -21.87
N PRO B 72 -3.01 7.71 -22.52
CA PRO B 72 -2.66 6.77 -23.59
C PRO B 72 -2.00 7.42 -24.80
N GLU B 73 -2.11 8.74 -24.96
CA GLU B 73 -1.49 9.41 -26.09
C GLU B 73 0.03 9.28 -26.06
N ASP B 74 0.65 9.45 -24.89
CA ASP B 74 2.09 9.31 -24.73
C ASP B 74 2.48 8.27 -23.72
N GLY B 75 1.51 7.59 -23.09
CA GLY B 75 1.79 6.52 -22.16
C GLY B 75 2.23 6.94 -20.77
N GLU B 76 2.20 8.24 -20.47
CA GLU B 76 2.67 8.69 -19.16
C GLU B 76 1.67 8.32 -18.07
N THR B 77 2.21 7.92 -16.91
CA THR B 77 1.40 7.43 -15.81
C THR B 77 1.70 8.22 -14.54
N LYS B 78 0.70 8.27 -13.65
CA LYS B 78 0.84 8.81 -12.31
C LYS B 78 0.13 7.87 -11.34
N TYR B 79 0.74 7.65 -10.18
CA TYR B 79 0.19 6.69 -9.22
C TYR B 79 0.00 7.34 -7.87
N ALA B 80 -0.96 6.81 -7.12
CA ALA B 80 -1.05 7.16 -5.71
C ALA B 80 0.13 6.54 -4.96
N PRO B 81 0.70 7.25 -3.98
CA PRO B 81 1.92 6.76 -3.31
C PRO B 81 1.82 5.35 -2.76
N LYS B 82 0.66 4.94 -2.25
CA LYS B 82 0.54 3.59 -1.72
C LYS B 82 0.49 2.54 -2.82
N PHE B 83 0.47 2.93 -4.09
CA PHE B 83 0.38 1.98 -5.19
C PHE B 83 1.58 1.98 -6.10
N GLN B 84 2.53 2.90 -5.93
CA GLN B 84 3.77 2.84 -6.68
C GLN B 84 4.50 1.55 -6.36
N GLY B 85 5.07 0.91 -7.38
CA GLY B 85 5.77 -0.33 -7.13
C GLY B 85 4.89 -1.50 -6.79
N THR B 86 3.58 -1.35 -6.89
CA THR B 86 2.66 -2.47 -6.77
C THR B 86 1.60 -2.49 -7.85
N ALA B 87 1.40 -1.38 -8.58
CA ALA B 87 0.44 -1.29 -9.67
C ALA B 87 1.13 -0.69 -10.89
N THR B 88 0.83 -1.24 -12.05
CA THR B 88 1.35 -0.74 -13.33
C THR B 88 0.17 -0.60 -14.27
N ILE B 89 -0.08 0.61 -14.76
CA ILE B 89 -1.16 0.90 -15.69
C ILE B 89 -0.58 1.01 -17.09
N THR B 90 -1.20 0.34 -18.04
CA THR B 90 -0.80 0.45 -19.45
C THR B 90 -2.04 0.63 -20.31
N ALA B 91 -1.81 0.95 -21.58
CA ALA B 91 -2.89 1.17 -22.52
C ALA B 91 -2.46 0.76 -23.92
N ASP B 92 -3.43 0.30 -24.71
CA ASP B 92 -3.23 -0.09 -26.10
C ASP B 92 -4.25 0.66 -26.94
N THR B 93 -3.78 1.67 -27.69
CA THR B 93 -4.71 2.51 -28.45
C THR B 93 -5.29 1.77 -29.64
N SER B 94 -4.55 0.82 -30.23
CA SER B 94 -5.06 0.09 -31.38
C SER B 94 -6.29 -0.73 -31.02
N SER B 95 -6.40 -1.18 -29.77
CA SER B 95 -7.57 -1.90 -29.30
C SER B 95 -8.43 -1.07 -28.35
N ASN B 96 -8.05 0.19 -28.10
CA ASN B 96 -8.81 1.10 -27.24
C ASN B 96 -8.98 0.54 -25.83
N THR B 97 -7.94 -0.10 -25.33
CA THR B 97 -7.99 -0.83 -24.06
C THR B 97 -6.99 -0.23 -23.08
N ALA B 98 -7.39 -0.14 -21.82
CA ALA B 98 -6.51 0.24 -20.73
C ALA B 98 -6.34 -0.94 -19.79
N TYR B 99 -5.14 -1.10 -19.25
CA TYR B 99 -4.79 -2.26 -18.44
C TYR B 99 -4.31 -1.85 -17.06
N LEU B 100 -4.61 -2.71 -16.08
CA LEU B 100 -4.16 -2.54 -14.71
C LEU B 100 -3.48 -3.82 -14.26
N GLN B 101 -2.19 -3.75 -13.93
CA GLN B 101 -1.46 -4.87 -13.38
C GLN B 101 -1.18 -4.64 -11.91
N LEU B 102 -1.56 -5.60 -11.07
CA LEU B 102 -1.30 -5.56 -9.64
C LEU B 102 -0.42 -6.74 -9.27
N SER B 103 0.73 -6.47 -8.67
CA SER B 103 1.67 -7.51 -8.26
C SER B 103 1.82 -7.49 -6.74
N SER B 104 2.48 -8.53 -6.22
CA SER B 104 2.72 -8.71 -4.79
C SER B 104 1.42 -8.63 -3.99
N LEU B 105 0.41 -9.33 -4.50
CA LEU B 105 -0.93 -9.22 -3.94
C LEU B 105 -1.02 -9.87 -2.57
N THR B 106 -1.76 -9.23 -1.68
CA THR B 106 -2.10 -9.75 -0.37
C THR B 106 -3.61 -9.78 -0.23
N SER B 107 -4.10 -10.34 0.86
CA SER B 107 -5.54 -10.42 1.08
C SER B 107 -6.17 -9.03 1.20
N GLU B 108 -5.39 -8.01 1.57
CA GLU B 108 -5.91 -6.65 1.65
C GLU B 108 -6.15 -6.03 0.27
N ASP B 109 -5.77 -6.71 -0.81
CA ASP B 109 -6.05 -6.27 -2.18
C ASP B 109 -7.26 -6.97 -2.79
N THR B 110 -7.93 -7.84 -2.04
CA THR B 110 -9.23 -8.33 -2.47
C THR B 110 -10.21 -7.16 -2.53
N ALA B 111 -10.66 -6.81 -3.73
CA ALA B 111 -11.52 -5.64 -3.90
C ALA B 111 -12.21 -5.72 -5.24
N VAL B 112 -13.12 -4.77 -5.47
CA VAL B 112 -13.64 -4.49 -6.81
C VAL B 112 -12.82 -3.35 -7.39
N TYR B 113 -12.32 -3.54 -8.61
CA TYR B 113 -11.45 -2.57 -9.26
C TYR B 113 -12.21 -1.95 -10.44
N TYR B 114 -12.37 -0.63 -10.40
CA TYR B 114 -13.11 0.10 -11.42
C TYR B 114 -12.16 0.81 -12.38
N CYS B 115 -12.54 0.83 -13.64
CA CYS B 115 -11.89 1.60 -14.67
C CYS B 115 -12.74 2.82 -14.95
N ALA B 116 -12.14 4.01 -14.97
CA ALA B 116 -12.89 5.24 -15.13
C ALA B 116 -12.20 6.17 -16.11
N ARG B 117 -13.01 7.01 -16.77
CA ARG B 117 -12.51 8.02 -17.69
C ARG B 117 -12.75 9.41 -17.10
N SER B 118 -11.77 10.29 -17.29
CA SER B 118 -11.92 11.67 -16.84
C SER B 118 -12.96 12.38 -17.68
N GLY B 119 -13.49 13.47 -17.13
CA GLY B 119 -14.48 14.24 -17.86
C GLY B 119 -13.96 14.81 -19.16
N SER B 120 -12.83 15.53 -19.09
CA SER B 120 -12.24 16.15 -20.27
C SER B 120 -10.83 16.56 -19.91
N VAL B 121 -10.14 17.17 -20.89
CA VAL B 121 -8.81 17.71 -20.64
C VAL B 121 -8.84 18.73 -19.51
N SER B 122 -9.94 19.48 -19.38
CA SER B 122 -10.10 20.50 -18.35
C SER B 122 -11.08 20.08 -17.25
N SER B 123 -11.50 18.81 -17.21
CA SER B 123 -12.39 18.29 -16.18
C SER B 123 -11.79 17.00 -15.65
N PRO B 124 -10.99 17.08 -14.59
CA PRO B 124 -10.21 15.91 -14.16
C PRO B 124 -10.99 14.86 -13.40
N TRP B 125 -12.23 15.16 -12.99
CA TRP B 125 -12.99 14.21 -12.18
C TRP B 125 -13.44 13.00 -13.01
N PHE B 126 -13.83 11.94 -12.30
CA PHE B 126 -14.24 10.69 -12.94
C PHE B 126 -15.63 10.85 -13.54
N ALA B 127 -15.74 10.65 -14.86
CA ALA B 127 -16.97 10.88 -15.61
C ALA B 127 -17.71 9.61 -15.98
N TYR B 128 -17.01 8.58 -16.44
CA TYR B 128 -17.61 7.32 -16.86
C TYR B 128 -16.88 6.17 -16.20
N TRP B 129 -17.63 5.13 -15.84
CA TRP B 129 -17.09 4.00 -15.09
C TRP B 129 -17.38 2.70 -15.82
N GLY B 130 -16.54 1.70 -15.54
CA GLY B 130 -16.83 0.34 -15.93
C GLY B 130 -17.65 -0.37 -14.87
N GLN B 131 -18.01 -1.61 -15.16
CA GLN B 131 -18.87 -2.35 -14.25
C GLN B 131 -18.12 -2.84 -13.02
N GLY B 132 -16.80 -2.82 -13.02
CA GLY B 132 -16.03 -3.33 -11.91
C GLY B 132 -15.51 -4.74 -12.18
N THR B 133 -14.39 -5.07 -11.56
CA THR B 133 -13.78 -6.38 -11.66
C THR B 133 -13.40 -6.84 -10.26
N LEU B 134 -13.94 -7.98 -9.85
CA LEU B 134 -13.62 -8.51 -8.53
C LEU B 134 -12.30 -9.28 -8.60
N VAL B 135 -11.37 -8.92 -7.72
CA VAL B 135 -10.12 -9.67 -7.56
C VAL B 135 -10.16 -10.30 -6.17
N THR B 136 -10.05 -11.62 -6.12
CA THR B 136 -9.99 -12.37 -4.87
C THR B 136 -8.58 -12.92 -4.70
N VAL B 137 -7.93 -12.53 -3.61
CA VAL B 137 -6.58 -12.98 -3.29
C VAL B 137 -6.69 -13.98 -2.16
N SER B 138 -6.46 -15.26 -2.47
CA SER B 138 -6.62 -16.33 -1.50
C SER B 138 -5.99 -17.59 -2.07
N ALA B 139 -5.55 -18.47 -1.17
CA ALA B 139 -5.00 -19.76 -1.58
C ALA B 139 -6.05 -20.86 -1.64
N ALA B 140 -7.28 -20.60 -1.19
CA ALA B 140 -8.33 -21.60 -1.21
C ALA B 140 -8.67 -22.01 -2.64
N LYS B 141 -9.02 -23.28 -2.81
CA LYS B 141 -9.37 -23.78 -4.13
C LYS B 141 -10.83 -23.49 -4.45
N THR B 142 -11.11 -23.33 -5.74
CA THR B 142 -12.48 -23.16 -6.20
C THR B 142 -13.30 -24.40 -5.89
N THR B 143 -14.49 -24.19 -5.33
CA THR B 143 -15.38 -25.27 -4.92
C THR B 143 -16.82 -24.91 -5.30
N ALA B 144 -17.51 -25.85 -5.94
CA ALA B 144 -18.89 -25.63 -6.34
C ALA B 144 -19.82 -25.70 -5.13
N PRO B 145 -20.91 -24.93 -5.15
CA PRO B 145 -21.84 -24.95 -4.02
C PRO B 145 -22.80 -26.13 -4.03
N SER B 146 -23.26 -26.47 -2.84
CA SER B 146 -24.44 -27.32 -2.69
C SER B 146 -25.66 -26.42 -2.51
N VAL B 147 -26.75 -26.77 -3.18
CA VAL B 147 -27.97 -25.98 -3.17
C VAL B 147 -29.08 -26.82 -2.55
N TYR B 148 -29.72 -26.30 -1.50
CA TYR B 148 -30.74 -27.02 -0.78
C TYR B 148 -32.04 -26.23 -0.75
N PRO B 149 -33.15 -26.82 -1.16
CA PRO B 149 -34.44 -26.12 -1.04
C PRO B 149 -34.98 -26.19 0.38
N LEU B 150 -35.55 -25.09 0.84
CA LEU B 150 -36.10 -24.98 2.20
C LEU B 150 -37.60 -24.76 2.10
N ALA B 151 -38.38 -25.82 2.37
CA ALA B 151 -39.82 -25.78 2.39
C ALA B 151 -40.30 -25.50 3.82
N PRO B 152 -41.56 -25.04 3.98
CA PRO B 152 -42.09 -24.78 5.33
C PRO B 152 -42.11 -26.01 6.22
N VAL B 153 -42.53 -25.82 7.48
CA VAL B 153 -42.26 -26.75 8.56
C VAL B 153 -43.02 -28.07 8.47
N CYS B 154 -43.94 -28.22 7.52
CA CYS B 154 -44.76 -29.43 7.42
C CYS B 154 -45.60 -29.67 8.68
N SER B 160 -52.98 -17.40 4.38
CA SER B 160 -52.22 -16.21 4.73
C SER B 160 -51.06 -15.99 3.75
N SER B 161 -49.84 -16.18 4.22
CA SER B 161 -48.65 -16.09 3.38
C SER B 161 -47.74 -17.27 3.66
N VAL B 162 -46.87 -17.57 2.70
CA VAL B 162 -45.93 -18.68 2.80
C VAL B 162 -44.55 -18.18 2.40
N THR B 163 -43.56 -18.46 3.23
CA THR B 163 -42.17 -18.09 2.97
C THR B 163 -41.39 -19.35 2.62
N LEU B 164 -40.62 -19.28 1.54
CA LEU B 164 -39.74 -20.37 1.12
C LEU B 164 -38.29 -19.92 1.22
N GLY B 165 -37.39 -20.90 1.31
CA GLY B 165 -35.98 -20.63 1.48
C GLY B 165 -35.14 -21.40 0.48
N CYS B 166 -33.89 -20.97 0.39
CA CYS B 166 -32.89 -21.63 -0.43
C CYS B 166 -31.53 -21.44 0.23
N LEU B 167 -30.80 -22.53 0.43
CA LEU B 167 -29.54 -22.50 1.15
C LEU B 167 -28.40 -22.93 0.22
N VAL B 168 -27.35 -22.11 0.16
CA VAL B 168 -26.22 -22.31 -0.74
C VAL B 168 -24.97 -22.42 0.13
N LYS B 169 -24.40 -23.63 0.21
CA LYS B 169 -23.35 -23.93 1.18
C LYS B 169 -22.07 -24.39 0.49
N GLY B 170 -20.95 -24.06 1.12
CA GLY B 170 -19.66 -24.63 0.81
C GLY B 170 -19.11 -24.31 -0.56
N TYR B 171 -19.12 -23.04 -0.95
CA TYR B 171 -18.57 -22.63 -2.23
C TYR B 171 -17.45 -21.61 -2.02
N PHE B 172 -16.62 -21.48 -3.06
CA PHE B 172 -15.53 -20.52 -3.09
C PHE B 172 -15.07 -20.40 -4.52
N PRO B 173 -14.77 -19.19 -5.01
CA PRO B 173 -14.97 -17.96 -4.25
C PRO B 173 -16.30 -17.28 -4.55
N GLU B 174 -16.54 -16.16 -3.89
CA GLU B 174 -17.57 -15.19 -4.28
C GLU B 174 -17.30 -14.80 -5.73
N PRO B 175 -18.32 -14.50 -6.54
CA PRO B 175 -19.75 -14.43 -6.23
C PRO B 175 -20.58 -15.62 -6.67
N VAL B 176 -21.80 -15.66 -6.14
CA VAL B 176 -22.83 -16.58 -6.59
C VAL B 176 -24.04 -15.75 -7.01
N THR B 177 -24.76 -16.23 -8.02
CA THR B 177 -25.96 -15.55 -8.51
C THR B 177 -27.18 -16.40 -8.19
N LEU B 178 -28.07 -15.87 -7.35
CA LEU B 178 -29.29 -16.56 -6.96
C LEU B 178 -30.50 -15.78 -7.45
N THR B 179 -31.38 -16.47 -8.18
CA THR B 179 -32.64 -15.90 -8.62
C THR B 179 -33.76 -16.87 -8.29
N TRP B 180 -34.97 -16.33 -8.20
CA TRP B 180 -36.19 -17.11 -8.01
C TRP B 180 -36.95 -17.15 -9.33
N ASN B 181 -37.26 -18.36 -9.81
CA ASN B 181 -37.89 -18.56 -11.11
C ASN B 181 -37.12 -17.83 -12.20
N SER B 182 -35.80 -18.00 -12.17
CA SER B 182 -34.87 -17.43 -13.15
C SER B 182 -34.83 -15.91 -13.10
N GLY B 183 -35.39 -15.30 -12.06
CA GLY B 183 -35.41 -13.86 -11.93
C GLY B 183 -36.77 -13.22 -12.16
N SER B 184 -37.73 -13.95 -12.73
CA SER B 184 -39.05 -13.38 -12.94
C SER B 184 -39.82 -13.20 -11.63
N LEU B 185 -39.37 -13.80 -10.55
CA LEU B 185 -39.97 -13.63 -9.23
C LEU B 185 -38.96 -12.89 -8.36
N SER B 186 -39.20 -11.59 -8.16
CA SER B 186 -38.30 -10.75 -7.37
C SER B 186 -38.98 -10.02 -6.22
N SER B 187 -40.30 -9.87 -6.24
CA SER B 187 -41.01 -9.28 -5.11
C SER B 187 -41.00 -10.22 -3.92
N GLY B 188 -40.84 -9.66 -2.73
CA GLY B 188 -40.78 -10.47 -1.53
C GLY B 188 -39.56 -11.34 -1.42
N VAL B 189 -38.46 -10.97 -2.11
CA VAL B 189 -37.24 -11.76 -2.12
C VAL B 189 -36.21 -11.08 -1.23
N HIS B 190 -35.54 -11.87 -0.40
CA HIS B 190 -34.46 -11.39 0.47
C HIS B 190 -33.28 -12.33 0.31
N THR B 191 -32.25 -11.89 -0.40
CA THR B 191 -31.01 -12.65 -0.52
C THR B 191 -29.98 -12.03 0.40
N PHE B 192 -29.40 -12.85 1.27
CA PHE B 192 -28.56 -12.29 2.31
C PHE B 192 -27.08 -12.40 1.93
N PRO B 193 -26.28 -11.44 2.41
CA PRO B 193 -24.83 -11.49 2.13
C PRO B 193 -24.22 -12.79 2.59
N ALA B 194 -23.26 -13.27 1.81
CA ALA B 194 -22.59 -14.52 2.16
C ALA B 194 -21.62 -14.30 3.31
N VAL B 195 -21.48 -15.30 4.15
CA VAL B 195 -20.53 -15.26 5.25
C VAL B 195 -19.53 -16.39 5.07
N LEU B 196 -18.29 -16.15 5.48
CA LEU B 196 -17.19 -17.08 5.29
C LEU B 196 -16.99 -17.86 6.59
N GLN B 197 -17.46 -19.10 6.60
CA GLN B 197 -17.32 -19.99 7.76
C GLN B 197 -16.29 -21.06 7.40
N SER B 198 -15.06 -20.89 7.92
CA SER B 198 -13.99 -21.86 7.76
C SER B 198 -13.80 -22.25 6.30
N ASP B 199 -13.13 -21.41 5.52
CA ASP B 199 -12.71 -21.69 4.14
C ASP B 199 -13.80 -21.42 3.10
N LEU B 200 -15.06 -21.67 3.43
CA LEU B 200 -16.12 -21.73 2.43
C LEU B 200 -17.26 -20.76 2.74
N TYR B 201 -17.93 -20.30 1.69
CA TYR B 201 -19.02 -19.34 1.81
C TYR B 201 -20.37 -20.03 1.95
N THR B 202 -21.25 -19.41 2.72
CA THR B 202 -22.62 -19.86 2.89
C THR B 202 -23.55 -18.68 2.61
N LEU B 203 -24.60 -18.93 1.85
CA LEU B 203 -25.54 -17.90 1.43
C LEU B 203 -26.95 -18.46 1.50
N SER B 204 -27.91 -17.61 1.83
CA SER B 204 -29.30 -18.02 1.88
C SER B 204 -30.18 -16.95 1.24
N SER B 205 -31.40 -17.34 0.90
CA SER B 205 -32.36 -16.42 0.31
C SER B 205 -33.76 -16.85 0.70
N SER B 206 -34.63 -15.86 0.94
CA SER B 206 -36.02 -16.14 1.25
C SER B 206 -36.93 -15.44 0.25
N VAL B 207 -38.05 -16.08 -0.05
CA VAL B 207 -39.08 -15.49 -0.89
C VAL B 207 -40.44 -15.72 -0.22
N THR B 208 -41.27 -14.69 -0.21
CA THR B 208 -42.56 -14.72 0.43
C THR B 208 -43.64 -14.46 -0.61
N VAL B 209 -44.60 -15.37 -0.73
CA VAL B 209 -45.71 -15.25 -1.66
C VAL B 209 -47.00 -15.52 -0.91
N THR B 210 -48.13 -15.17 -1.55
CA THR B 210 -49.42 -15.45 -0.93
C THR B 210 -49.69 -16.95 -0.92
N SER B 211 -50.42 -17.40 0.11
CA SER B 211 -50.64 -18.84 0.31
C SER B 211 -51.36 -19.48 -0.87
N SER B 212 -52.17 -18.72 -1.60
CA SER B 212 -52.84 -19.27 -2.78
C SER B 212 -51.93 -19.37 -3.99
N THR B 213 -50.69 -18.91 -3.90
CA THR B 213 -49.75 -18.99 -5.01
C THR B 213 -48.95 -20.28 -4.99
N TRP B 214 -48.34 -20.61 -3.85
CA TRP B 214 -47.55 -21.82 -3.64
C TRP B 214 -48.24 -22.74 -2.64
N PRO B 215 -48.24 -24.06 -2.85
CA PRO B 215 -47.52 -24.76 -3.92
C PRO B 215 -48.35 -25.00 -5.18
N SER B 216 -49.44 -24.27 -5.35
CA SER B 216 -50.23 -24.39 -6.57
C SER B 216 -49.37 -24.11 -7.81
N GLN B 217 -48.58 -23.04 -7.75
CA GLN B 217 -47.68 -22.66 -8.82
C GLN B 217 -46.24 -23.00 -8.44
N SER B 218 -45.46 -23.35 -9.45
CA SER B 218 -44.11 -23.84 -9.20
C SER B 218 -43.17 -22.68 -8.87
N ILE B 219 -42.31 -22.88 -7.87
CA ILE B 219 -41.29 -21.92 -7.47
C ILE B 219 -39.95 -22.64 -7.39
N THR B 220 -38.95 -22.10 -8.07
CA THR B 220 -37.66 -22.75 -8.22
C THR B 220 -36.55 -21.79 -7.81
N CYS B 221 -35.55 -22.32 -7.11
CA CYS B 221 -34.35 -21.58 -6.76
C CYS B 221 -33.27 -21.87 -7.81
N ASN B 222 -32.74 -20.82 -8.44
CA ASN B 222 -31.70 -20.94 -9.44
C ASN B 222 -30.40 -20.34 -8.91
N VAL B 223 -29.38 -21.16 -8.77
CA VAL B 223 -28.07 -20.73 -8.28
C VAL B 223 -27.06 -20.93 -9.39
N ALA B 224 -26.28 -19.88 -9.66
CA ALA B 224 -25.18 -19.94 -10.61
C ALA B 224 -23.89 -19.53 -9.91
N HIS B 225 -22.83 -20.30 -10.14
CA HIS B 225 -21.51 -20.02 -9.58
C HIS B 225 -20.52 -20.05 -10.74
N PRO B 226 -20.30 -18.92 -11.41
CA PRO B 226 -19.46 -18.94 -12.63
C PRO B 226 -18.06 -19.48 -12.41
N ALA B 227 -17.46 -19.23 -11.23
CA ALA B 227 -16.09 -19.67 -11.00
C ALA B 227 -15.94 -21.17 -11.15
N SER B 228 -16.97 -21.94 -10.83
CA SER B 228 -16.95 -23.38 -10.99
C SER B 228 -17.78 -23.83 -12.19
N SER B 229 -18.26 -22.90 -13.00
CA SER B 229 -19.06 -23.19 -14.18
C SER B 229 -20.22 -24.13 -13.85
N THR B 230 -20.94 -23.80 -12.78
CA THR B 230 -22.06 -24.60 -12.32
C THR B 230 -23.35 -23.79 -12.35
N LYS B 231 -24.44 -24.46 -12.71
CA LYS B 231 -25.78 -23.88 -12.67
C LYS B 231 -26.71 -24.94 -12.10
N VAL B 232 -27.38 -24.61 -11.01
CA VAL B 232 -28.28 -25.55 -10.33
C VAL B 232 -29.65 -24.92 -10.19
N ASP B 233 -30.70 -25.71 -10.46
CA ASP B 233 -32.07 -25.32 -10.19
C ASP B 233 -32.65 -26.30 -9.18
N LYS B 234 -33.33 -25.78 -8.16
CA LYS B 234 -33.98 -26.61 -7.15
C LYS B 234 -35.41 -26.13 -6.96
N LYS B 235 -36.37 -26.96 -7.34
CA LYS B 235 -37.78 -26.65 -7.11
C LYS B 235 -38.11 -26.92 -5.65
N ILE B 236 -38.77 -25.97 -5.00
CA ILE B 236 -39.18 -26.15 -3.61
C ILE B 236 -40.46 -26.98 -3.59
N GLU B 237 -40.37 -28.16 -2.97
CA GLU B 237 -41.52 -29.03 -2.84
C GLU B 237 -42.03 -29.02 -1.41
N PRO B 238 -43.33 -29.22 -1.19
CA PRO B 238 -43.82 -29.38 0.17
C PRO B 238 -43.22 -30.63 0.82
N ARG B 239 -42.95 -30.52 2.12
CA ARG B 239 -42.42 -31.66 2.85
C ARG B 239 -43.47 -32.76 3.00
N GLY B 240 -43.00 -34.01 3.03
CA GLY B 240 -43.87 -35.17 3.03
C GLY B 240 -44.56 -35.41 4.36
N PRO B 241 -43.83 -36.02 5.31
CA PRO B 241 -42.44 -36.44 5.15
C PRO B 241 -42.30 -37.93 4.87
N GLU C 23 -0.03 15.01 0.87
CA GLU C 23 -1.32 14.76 0.25
C GLU C 23 -2.41 15.65 0.84
N THR C 24 -3.47 15.89 0.06
CA THR C 24 -4.64 16.60 0.56
C THR C 24 -5.53 15.58 1.27
N THR C 25 -5.55 15.63 2.60
CA THR C 25 -6.46 14.81 3.37
C THR C 25 -7.86 15.38 3.28
N VAL C 26 -8.84 14.49 3.15
CA VAL C 26 -10.24 14.87 2.99
C VAL C 26 -11.02 14.19 4.11
N THR C 27 -11.50 14.96 5.08
CA THR C 27 -12.22 14.44 6.24
C THR C 27 -13.73 14.65 6.02
N GLN C 28 -14.47 13.58 5.81
CA GLN C 28 -15.89 13.64 5.53
C GLN C 28 -16.68 13.37 6.81
N SER C 29 -17.70 14.19 7.05
CA SER C 29 -18.44 14.13 8.30
C SER C 29 -19.93 14.28 8.04
N PRO C 30 -20.77 13.51 8.75
CA PRO C 30 -20.35 12.44 9.65
C PRO C 30 -20.31 11.09 8.95
N ALA C 31 -19.97 10.04 9.70
CA ALA C 31 -19.81 8.72 9.09
C ALA C 31 -21.15 8.15 8.64
N SER C 32 -22.21 8.36 9.42
CA SER C 32 -23.51 7.79 9.11
C SER C 32 -24.62 8.74 9.54
N LEU C 33 -25.74 8.70 8.82
CA LEU C 33 -26.90 9.52 9.10
C LEU C 33 -28.16 8.69 8.98
N SER C 34 -29.15 9.02 9.80
CA SER C 34 -30.48 8.43 9.71
C SER C 34 -31.48 9.57 9.56
N MET C 35 -32.05 9.71 8.36
CA MET C 35 -32.95 10.81 8.04
C MET C 35 -34.33 10.30 7.69
N ALA C 36 -35.36 10.96 8.23
CA ALA C 36 -36.72 10.66 7.85
C ALA C 36 -37.06 11.28 6.50
N LEU C 37 -38.16 10.83 5.91
CA LEU C 37 -38.60 11.37 4.63
C LEU C 37 -38.82 12.87 4.73
N GLY C 38 -38.36 13.60 3.71
CA GLY C 38 -38.56 15.02 3.63
C GLY C 38 -37.59 15.87 4.42
N GLU C 39 -36.77 15.26 5.29
CA GLU C 39 -35.83 16.02 6.08
C GLU C 39 -34.61 16.41 5.26
N LYS C 40 -33.94 17.48 5.69
CA LYS C 40 -32.74 17.96 5.03
C LYS C 40 -31.53 17.16 5.48
N VAL C 41 -30.66 16.83 4.52
CA VAL C 41 -29.46 16.05 4.77
C VAL C 41 -28.26 16.99 4.63
N THR C 42 -27.35 16.93 5.60
CA THR C 42 -26.16 17.77 5.58
C THR C 42 -24.93 16.91 5.81
N ILE C 43 -24.03 16.89 4.83
CA ILE C 43 -22.75 16.21 4.93
C ILE C 43 -21.67 17.25 4.73
N ARG C 44 -20.71 17.28 5.65
CA ARG C 44 -19.58 18.20 5.58
C ARG C 44 -18.32 17.46 5.15
N CYS C 45 -17.37 18.23 4.66
CA CYS C 45 -16.15 17.69 4.08
C CYS C 45 -15.07 18.75 4.27
N ILE C 46 -14.00 18.39 4.97
CA ILE C 46 -12.93 19.32 5.33
C ILE C 46 -11.63 18.84 4.69
N THR C 47 -10.99 19.71 3.92
CA THR C 47 -9.75 19.37 3.24
C THR C 47 -8.55 19.97 3.98
N SER C 48 -7.44 19.24 3.99
CA SER C 48 -6.26 19.68 4.71
C SER C 48 -5.53 20.82 3.99
N THR C 49 -5.83 21.04 2.71
CA THR C 49 -5.24 22.12 1.95
C THR C 49 -6.36 22.88 1.23
N ASP C 50 -6.09 24.15 0.87
CA ASP C 50 -7.07 24.93 0.13
C ASP C 50 -7.21 24.35 -1.27
N ILE C 51 -8.43 23.98 -1.65
CA ILE C 51 -8.70 23.37 -2.95
C ILE C 51 -9.67 24.23 -3.77
N ASP C 52 -9.80 25.51 -3.42
CA ASP C 52 -10.83 26.38 -3.99
C ASP C 52 -12.19 25.70 -3.86
N ASP C 53 -12.85 25.43 -5.00
CA ASP C 53 -14.08 24.66 -5.00
C ASP C 53 -13.97 23.46 -5.93
N ASP C 54 -12.79 22.85 -5.99
CA ASP C 54 -12.58 21.65 -6.80
C ASP C 54 -12.97 20.39 -6.02
N LEU C 55 -14.21 20.39 -5.54
CA LEU C 55 -14.78 19.24 -4.83
C LEU C 55 -15.90 18.64 -5.66
N ASN C 56 -16.01 17.32 -5.60
CA ASN C 56 -17.02 16.57 -6.35
C ASN C 56 -17.69 15.58 -5.41
N TRP C 57 -18.97 15.33 -5.64
CA TRP C 57 -19.77 14.47 -4.77
C TRP C 57 -20.30 13.30 -5.58
N TYR C 58 -20.00 12.08 -5.14
CA TYR C 58 -20.47 10.88 -5.79
C TYR C 58 -21.45 10.13 -4.90
N GLN C 59 -22.41 9.48 -5.54
CA GLN C 59 -23.39 8.64 -4.86
C GLN C 59 -23.15 7.20 -5.28
N LEU C 60 -22.98 6.31 -4.29
CA LEU C 60 -22.66 4.91 -4.57
C LEU C 60 -23.75 4.03 -3.98
N LYS C 61 -24.39 3.24 -4.84
CA LYS C 61 -25.39 2.28 -4.40
C LYS C 61 -24.88 0.86 -4.60
N PRO C 62 -25.31 -0.08 -3.76
CA PRO C 62 -24.81 -1.47 -3.87
C PRO C 62 -25.02 -2.06 -5.26
N GLY C 63 -23.96 -2.65 -5.80
CA GLY C 63 -24.01 -3.30 -7.09
C GLY C 63 -23.96 -2.38 -8.28
N GLU C 64 -23.61 -1.11 -8.09
CA GLU C 64 -23.53 -0.14 -9.18
C GLU C 64 -22.26 0.67 -9.04
N PRO C 65 -21.72 1.19 -10.13
CA PRO C 65 -20.56 2.06 -10.06
C PRO C 65 -20.95 3.39 -9.42
N PRO C 66 -19.96 4.17 -8.97
CA PRO C 66 -20.28 5.49 -8.40
C PRO C 66 -20.94 6.39 -9.43
N LYS C 67 -21.87 7.21 -8.95
CA LYS C 67 -22.60 8.16 -9.79
C LYS C 67 -22.24 9.57 -9.34
N LEU C 68 -21.67 10.35 -10.25
CA LEU C 68 -21.31 11.73 -9.95
C LEU C 68 -22.56 12.60 -9.94
N LEU C 69 -22.79 13.30 -8.84
CA LEU C 69 -23.94 14.18 -8.69
C LEU C 69 -23.60 15.65 -8.86
N ILE C 70 -22.46 16.09 -8.31
CA ILE C 70 -22.05 17.48 -8.35
C ILE C 70 -20.57 17.55 -8.62
N SER C 71 -20.18 18.32 -9.65
CA SER C 71 -18.78 18.48 -10.02
C SER C 71 -18.24 19.80 -9.48
N GLU C 72 -16.97 20.08 -9.81
CA GLU C 72 -16.27 21.25 -9.30
C GLU C 72 -17.10 22.52 -9.46
N GLY C 73 -17.08 23.36 -8.44
CA GLY C 73 -17.85 24.58 -8.46
C GLY C 73 -19.33 24.38 -8.20
N ASN C 74 -19.70 23.40 -7.38
CA ASN C 74 -21.10 23.15 -7.06
C ASN C 74 -21.95 23.01 -8.32
N THR C 75 -21.42 22.30 -9.31
CA THR C 75 -22.05 22.18 -10.62
C THR C 75 -22.88 20.89 -10.64
N LEU C 76 -24.21 21.05 -10.62
CA LEU C 76 -25.11 19.91 -10.73
C LEU C 76 -24.94 19.24 -12.09
N ARG C 77 -24.75 17.92 -12.07
CA ARG C 77 -24.62 17.19 -13.31
C ARG C 77 -25.96 17.12 -14.04
N PRO C 78 -25.95 17.09 -15.37
CA PRO C 78 -27.21 17.01 -16.12
C PRO C 78 -28.02 15.78 -15.74
N GLY C 79 -29.29 16.01 -15.40
CA GLY C 79 -30.19 14.97 -14.97
C GLY C 79 -30.34 14.85 -13.46
N VAL C 80 -29.36 15.34 -12.70
CA VAL C 80 -29.43 15.22 -11.25
C VAL C 80 -30.52 16.15 -10.72
N PRO C 81 -31.37 15.69 -9.80
CA PRO C 81 -32.45 16.54 -9.28
C PRO C 81 -31.91 17.73 -8.50
N SER C 82 -32.73 18.78 -8.44
CA SER C 82 -32.32 20.04 -7.83
C SER C 82 -32.29 20.00 -6.31
N ARG C 83 -32.80 18.94 -5.68
CA ARG C 83 -32.65 18.83 -4.23
C ARG C 83 -31.22 18.58 -3.81
N PHE C 84 -30.32 18.27 -4.74
CA PHE C 84 -28.91 18.13 -4.45
C PHE C 84 -28.19 19.45 -4.70
N SER C 85 -27.35 19.86 -3.74
CA SER C 85 -26.58 21.08 -3.87
C SER C 85 -25.34 20.97 -2.99
N SER C 86 -24.41 21.89 -3.21
CA SER C 86 -23.18 21.92 -2.42
C SER C 86 -22.72 23.36 -2.31
N SER C 87 -21.89 23.61 -1.29
CA SER C 87 -21.35 24.94 -1.07
C SER C 87 -19.98 24.79 -0.44
N GLY C 88 -19.23 25.89 -0.42
CA GLY C 88 -17.91 25.88 0.17
C GLY C 88 -16.82 26.31 -0.78
N TYR C 89 -15.81 26.99 -0.23
CA TYR C 89 -14.68 27.45 -1.03
C TYR C 89 -13.49 27.56 -0.10
N GLY C 90 -12.41 26.86 -0.41
CA GLY C 90 -11.25 26.88 0.44
C GLY C 90 -11.00 25.54 1.12
N THR C 91 -11.58 25.34 2.30
CA THR C 91 -11.29 24.16 3.11
C THR C 91 -12.54 23.46 3.60
N ASP C 92 -13.59 24.23 3.91
CA ASP C 92 -14.83 23.71 4.47
C ASP C 92 -15.92 23.67 3.40
N PHE C 93 -16.49 22.49 3.17
CA PHE C 93 -17.52 22.30 2.16
C PHE C 93 -18.70 21.53 2.75
N VAL C 94 -19.88 21.76 2.17
CA VAL C 94 -21.12 21.13 2.61
C VAL C 94 -21.81 20.53 1.39
N PHE C 95 -22.42 19.35 1.58
CA PHE C 95 -23.31 18.74 0.60
C PHE C 95 -24.68 18.61 1.24
N THR C 96 -25.72 19.07 0.53
CA THR C 96 -27.07 19.14 1.08
C THR C 96 -28.06 18.41 0.17
N ILE C 97 -28.91 17.58 0.78
CA ILE C 97 -30.12 17.07 0.13
C ILE C 97 -31.30 17.79 0.77
N GLU C 98 -31.91 18.70 0.01
CA GLU C 98 -32.91 19.61 0.55
C GLU C 98 -34.01 18.87 1.28
N ASN C 99 -34.58 17.86 0.63
CA ASN C 99 -35.60 17.04 1.29
C ASN C 99 -35.41 15.60 0.87
N MET C 100 -35.32 14.74 1.88
CA MET C 100 -34.93 13.36 1.69
C MET C 100 -36.01 12.54 1.00
N LEU C 101 -35.59 11.72 0.04
CA LEU C 101 -36.43 10.72 -0.59
C LEU C 101 -35.88 9.32 -0.32
N SER C 102 -36.74 8.31 -0.47
CA SER C 102 -36.33 6.95 -0.17
C SER C 102 -35.25 6.46 -1.12
N GLU C 103 -35.28 6.92 -2.37
CA GLU C 103 -34.28 6.50 -3.35
C GLU C 103 -32.90 7.11 -3.07
N ASP C 104 -32.77 8.01 -2.10
CA ASP C 104 -31.49 8.63 -1.77
C ASP C 104 -30.67 7.83 -0.77
N VAL C 105 -31.19 6.72 -0.25
CA VAL C 105 -30.42 5.84 0.63
C VAL C 105 -29.23 5.32 -0.16
N ALA C 106 -28.02 5.69 0.25
CA ALA C 106 -26.81 5.35 -0.50
C ALA C 106 -25.60 5.82 0.30
N ASP C 107 -24.42 5.38 -0.14
CA ASP C 107 -23.17 5.93 0.36
C ASP C 107 -22.78 7.13 -0.48
N TYR C 108 -22.24 8.16 0.17
CA TYR C 108 -21.84 9.39 -0.49
C TYR C 108 -20.37 9.67 -0.19
N TYR C 109 -19.63 10.10 -1.22
CA TYR C 109 -18.20 10.38 -1.11
C TYR C 109 -17.88 11.72 -1.73
N CYS C 110 -17.12 12.57 -1.02
CA CYS C 110 -16.51 13.71 -1.67
C CYS C 110 -15.18 13.29 -2.30
N LEU C 111 -14.80 13.99 -3.37
CA LEU C 111 -13.55 13.73 -4.07
C LEU C 111 -12.93 15.06 -4.46
N GLN C 112 -11.74 15.34 -3.92
CA GLN C 112 -11.05 16.56 -4.30
C GLN C 112 -10.35 16.35 -5.63
N SER C 113 -10.48 17.34 -6.50
CA SER C 113 -9.93 17.30 -7.85
C SER C 113 -8.90 18.40 -8.05
N ASP C 114 -8.35 18.93 -6.96
CA ASP C 114 -7.48 20.09 -7.05
C ASP C 114 -6.05 19.70 -7.39
N ASN C 115 -5.59 18.56 -6.89
CA ASN C 115 -4.19 18.18 -7.06
C ASN C 115 -4.08 16.67 -6.94
N LEU C 116 -2.95 16.13 -7.45
CA LEU C 116 -2.65 14.71 -7.33
C LEU C 116 -1.88 14.44 -6.05
N PRO C 117 -2.12 13.29 -5.39
CA PRO C 117 -3.07 12.27 -5.83
C PRO C 117 -4.52 12.63 -5.50
N LEU C 118 -5.45 12.12 -6.30
CA LEU C 118 -6.87 12.31 -6.00
C LEU C 118 -7.22 11.55 -4.73
N THR C 119 -8.02 12.19 -3.88
CA THR C 119 -8.34 11.60 -2.58
C THR C 119 -9.84 11.72 -2.32
N PHE C 120 -10.42 10.64 -1.78
CA PHE C 120 -11.83 10.58 -1.44
C PHE C 120 -12.02 10.81 0.06
N GLY C 121 -13.21 11.28 0.43
CA GLY C 121 -13.62 11.20 1.81
C GLY C 121 -13.91 9.77 2.21
N ALA C 122 -13.93 9.54 3.53
CA ALA C 122 -14.19 8.19 4.05
C ALA C 122 -15.58 7.69 3.69
N GLY C 123 -16.50 8.58 3.37
CA GLY C 123 -17.83 8.16 2.98
C GLY C 123 -18.84 8.40 4.09
N THR C 124 -20.08 8.65 3.68
CA THR C 124 -21.20 8.82 4.59
C THR C 124 -22.26 7.79 4.21
N LYS C 125 -22.63 6.93 5.15
CA LYS C 125 -23.70 5.97 4.95
C LYS C 125 -25.02 6.60 5.39
N LEU C 126 -25.92 6.82 4.43
CA LEU C 126 -27.17 7.53 4.68
C LEU C 126 -28.31 6.52 4.66
N GLU C 127 -29.01 6.39 5.78
CA GLU C 127 -30.14 5.47 5.91
C GLU C 127 -31.43 6.25 6.13
N LEU C 128 -32.55 5.62 5.77
CA LEU C 128 -33.85 6.25 5.91
C LEU C 128 -34.48 5.87 7.24
N LYS C 129 -35.01 6.88 7.94
CA LYS C 129 -35.64 6.69 9.24
C LYS C 129 -37.14 6.50 9.02
N ARG C 130 -37.62 5.28 9.20
CA ARG C 130 -39.01 4.93 9.02
C ARG C 130 -39.65 4.56 10.37
N ALA C 131 -40.92 4.19 10.32
CA ALA C 131 -41.61 3.73 11.52
C ALA C 131 -41.11 2.35 11.91
N ASP C 132 -41.21 2.05 13.21
CA ASP C 132 -40.83 0.73 13.70
C ASP C 132 -41.70 -0.34 13.05
N ALA C 133 -41.12 -1.52 12.88
CA ALA C 133 -41.81 -2.65 12.25
C ALA C 133 -41.30 -3.94 12.85
N ALA C 134 -42.22 -4.82 13.23
CA ALA C 134 -41.86 -6.08 13.84
C ALA C 134 -41.46 -7.10 12.79
N PRO C 135 -40.55 -8.03 13.13
CA PRO C 135 -40.11 -9.02 12.15
C PRO C 135 -41.15 -10.10 11.91
N THR C 136 -41.14 -10.65 10.69
CA THR C 136 -41.84 -11.88 10.37
C THR C 136 -40.84 -13.03 10.43
N VAL C 137 -41.06 -13.96 11.33
CA VAL C 137 -40.11 -15.04 11.63
C VAL C 137 -40.65 -16.34 11.07
N SER C 138 -39.76 -17.12 10.45
CA SER C 138 -40.11 -18.46 10.02
C SER C 138 -38.86 -19.33 10.09
N ILE C 139 -39.04 -20.59 10.47
CA ILE C 139 -37.95 -21.53 10.70
C ILE C 139 -38.05 -22.65 9.67
N PHE C 140 -36.90 -23.21 9.30
CA PHE C 140 -36.82 -24.20 8.23
C PHE C 140 -35.94 -25.36 8.67
N PRO C 141 -36.49 -26.57 8.81
CA PRO C 141 -35.67 -27.72 9.14
C PRO C 141 -34.72 -28.05 8.01
N PRO C 142 -33.67 -28.85 8.27
CA PRO C 142 -32.75 -29.23 7.19
C PRO C 142 -33.49 -29.92 6.05
N SER C 143 -33.04 -29.66 4.83
CA SER C 143 -33.63 -30.33 3.69
C SER C 143 -33.25 -31.80 3.68
N SER C 144 -33.98 -32.58 2.89
CA SER C 144 -33.65 -34.00 2.75
C SER C 144 -32.32 -34.19 2.04
N GLU C 145 -32.03 -33.34 1.05
CA GLU C 145 -30.77 -33.47 0.32
C GLU C 145 -29.57 -33.28 1.24
N GLN C 146 -29.61 -32.25 2.09
CA GLN C 146 -28.48 -31.99 2.96
C GLN C 146 -28.28 -33.11 3.98
N LEU C 147 -29.38 -33.60 4.57
CA LEU C 147 -29.26 -34.69 5.54
C LEU C 147 -28.64 -35.92 4.90
N THR C 148 -28.98 -36.20 3.64
CA THR C 148 -28.37 -37.32 2.94
C THR C 148 -26.86 -37.13 2.81
N SER C 149 -26.41 -35.90 2.59
CA SER C 149 -24.98 -35.62 2.52
C SER C 149 -24.31 -35.57 3.88
N GLY C 150 -25.06 -35.79 4.97
CA GLY C 150 -24.47 -35.91 6.30
C GLY C 150 -24.43 -34.64 7.12
N GLY C 151 -25.02 -33.55 6.64
CA GLY C 151 -25.06 -32.29 7.37
C GLY C 151 -26.48 -31.92 7.74
N ALA C 152 -26.60 -30.87 8.55
CA ALA C 152 -27.92 -30.43 9.01
C ALA C 152 -27.82 -28.97 9.42
N SER C 153 -28.38 -28.08 8.61
CA SER C 153 -28.49 -26.67 8.94
C SER C 153 -29.95 -26.33 9.21
N VAL C 154 -30.19 -25.64 10.31
CA VAL C 154 -31.51 -25.09 10.63
C VAL C 154 -31.47 -23.59 10.37
N VAL C 155 -32.38 -23.10 9.55
CA VAL C 155 -32.39 -21.73 9.09
C VAL C 155 -33.61 -21.02 9.65
N CYS C 156 -33.43 -19.76 10.04
CA CYS C 156 -34.50 -18.91 10.52
C CYS C 156 -34.42 -17.58 9.81
N PHE C 157 -35.56 -17.11 9.29
CA PHE C 157 -35.63 -15.85 8.57
C PHE C 157 -36.40 -14.83 9.39
N LEU C 158 -35.78 -13.67 9.62
CA LEU C 158 -36.39 -12.55 10.33
C LEU C 158 -36.53 -11.41 9.31
N ASN C 159 -37.74 -11.22 8.79
CA ASN C 159 -37.94 -10.40 7.60
C ASN C 159 -38.72 -9.12 7.90
N ASN C 160 -38.28 -8.03 7.25
CA ASN C 160 -39.02 -6.78 7.14
C ASN C 160 -39.30 -6.15 8.51
N PHE C 161 -38.22 -5.86 9.23
CA PHE C 161 -38.29 -5.23 10.52
C PHE C 161 -37.51 -3.92 10.53
N TYR C 162 -37.82 -3.07 11.52
CA TYR C 162 -37.13 -1.81 11.70
C TYR C 162 -37.29 -1.36 13.15
N PRO C 163 -36.24 -0.86 13.82
CA PRO C 163 -34.89 -0.61 13.31
C PRO C 163 -34.04 -1.86 13.10
N LYS C 164 -32.78 -1.64 12.68
CA LYS C 164 -31.92 -2.73 12.23
C LYS C 164 -31.51 -3.64 13.38
N ASP C 165 -31.43 -3.13 14.59
CA ASP C 165 -30.94 -3.93 15.71
C ASP C 165 -31.98 -4.99 16.10
N ILE C 166 -31.50 -6.23 16.26
CA ILE C 166 -32.37 -7.35 16.58
C ILE C 166 -31.52 -8.44 17.21
N ASN C 167 -32.14 -9.24 18.08
CA ASN C 167 -31.49 -10.38 18.72
C ASN C 167 -32.19 -11.67 18.32
N VAL C 168 -31.40 -12.70 18.07
CA VAL C 168 -31.91 -14.03 17.77
C VAL C 168 -31.30 -15.02 18.74
N LYS C 169 -32.12 -15.94 19.23
CA LYS C 169 -31.70 -16.93 20.21
C LYS C 169 -32.16 -18.29 19.73
N TRP C 170 -31.25 -19.26 19.73
CA TRP C 170 -31.53 -20.61 19.32
C TRP C 170 -31.69 -21.49 20.55
N LYS C 171 -32.63 -22.43 20.49
CA LYS C 171 -32.84 -23.37 21.58
C LYS C 171 -33.07 -24.76 21.03
N ILE C 172 -32.36 -25.73 21.59
CA ILE C 172 -32.46 -27.13 21.20
C ILE C 172 -32.98 -27.89 22.41
N ASP C 173 -34.20 -28.43 22.29
CA ASP C 173 -34.88 -29.07 23.41
C ASP C 173 -34.97 -28.13 24.61
N GLY C 174 -35.23 -26.85 24.33
CA GLY C 174 -35.35 -25.84 25.37
C GLY C 174 -34.04 -25.25 25.87
N SER C 175 -32.90 -25.84 25.52
CA SER C 175 -31.61 -25.38 26.00
C SER C 175 -30.99 -24.40 24.99
N GLU C 176 -30.53 -23.26 25.49
CA GLU C 176 -29.96 -22.23 24.63
C GLU C 176 -28.67 -22.74 23.99
N ARG C 177 -28.48 -22.40 22.72
CA ARG C 177 -27.32 -22.81 21.95
C ARG C 177 -26.66 -21.57 21.35
N GLN C 178 -25.36 -21.43 21.59
CA GLN C 178 -24.62 -20.26 21.10
C GLN C 178 -23.67 -20.59 19.97
N ASN C 179 -22.96 -21.72 20.04
CA ASN C 179 -21.96 -22.06 19.05
C ASN C 179 -22.61 -22.64 17.79
N GLY C 180 -22.05 -22.28 16.64
CA GLY C 180 -22.55 -22.77 15.37
C GLY C 180 -23.64 -21.94 14.75
N VAL C 181 -23.77 -20.67 15.14
CA VAL C 181 -24.80 -19.78 14.62
C VAL C 181 -24.15 -18.68 13.78
N LEU C 182 -24.75 -18.41 12.62
CA LEU C 182 -24.29 -17.34 11.75
C LEU C 182 -25.46 -16.45 11.37
N ASN C 183 -25.30 -15.14 11.53
CA ASN C 183 -26.33 -14.15 11.24
C ASN C 183 -25.82 -13.18 10.18
N SER C 184 -26.60 -13.03 9.10
CA SER C 184 -26.30 -12.10 8.02
C SER C 184 -27.44 -11.09 7.88
N TRP C 185 -27.09 -9.81 7.87
CA TRP C 185 -28.07 -8.75 7.71
C TRP C 185 -28.12 -8.29 6.25
N THR C 186 -29.32 -8.04 5.76
CA THR C 186 -29.49 -7.45 4.46
C THR C 186 -29.39 -5.92 4.56
N ASP C 187 -29.20 -5.27 3.41
CA ASP C 187 -29.23 -3.82 3.38
C ASP C 187 -30.68 -3.34 3.45
N GLN C 188 -30.84 -2.03 3.66
CA GLN C 188 -32.18 -1.47 3.74
C GLN C 188 -32.90 -1.64 2.41
N ASP C 189 -34.13 -2.14 2.47
CA ASP C 189 -34.90 -2.40 1.26
C ASP C 189 -35.30 -1.08 0.60
N SER C 190 -35.21 -1.03 -0.73
CA SER C 190 -35.61 0.17 -1.44
C SER C 190 -37.12 0.32 -1.52
N LYS C 191 -37.87 -0.78 -1.39
CA LYS C 191 -39.32 -0.69 -1.50
C LYS C 191 -39.95 -0.19 -0.20
N ASP C 192 -39.56 -0.76 0.94
CA ASP C 192 -40.19 -0.45 2.21
C ASP C 192 -39.23 -0.01 3.31
N SER C 193 -37.93 0.08 3.02
CA SER C 193 -36.94 0.65 3.92
C SER C 193 -36.75 -0.17 5.20
N THR C 194 -37.22 -1.41 5.23
CA THR C 194 -37.01 -2.26 6.39
C THR C 194 -35.70 -3.04 6.24
N TYR C 195 -35.39 -3.84 7.25
CA TYR C 195 -34.22 -4.72 7.24
C TYR C 195 -34.69 -6.17 7.34
N SER C 196 -33.77 -7.08 7.04
CA SER C 196 -34.03 -8.51 7.15
C SER C 196 -32.74 -9.20 7.58
N MET C 197 -32.89 -10.28 8.35
CA MET C 197 -31.74 -10.99 8.89
C MET C 197 -31.95 -12.50 8.74
N SER C 198 -30.87 -13.18 8.41
CA SER C 198 -30.85 -14.64 8.28
C SER C 198 -30.03 -15.22 9.42
N SER C 199 -30.60 -16.20 10.12
CA SER C 199 -29.89 -16.91 11.19
C SER C 199 -29.82 -18.39 10.84
N THR C 200 -28.60 -18.92 10.80
CA THR C 200 -28.36 -20.31 10.42
C THR C 200 -27.59 -21.02 11.53
N LEU C 201 -28.14 -22.12 12.02
CA LEU C 201 -27.49 -22.98 13.01
C LEU C 201 -27.09 -24.27 12.31
N THR C 202 -25.79 -24.49 12.15
CA THR C 202 -25.27 -25.65 11.46
C THR C 202 -24.82 -26.69 12.47
N LEU C 203 -25.31 -27.91 12.33
CA LEU C 203 -24.92 -29.03 13.17
C LEU C 203 -24.60 -30.23 12.30
N THR C 204 -23.89 -31.19 12.87
CA THR C 204 -23.73 -32.47 12.20
C THR C 204 -25.07 -33.21 12.21
N LYS C 205 -25.26 -34.05 11.18
CA LYS C 205 -26.46 -34.87 11.12
C LYS C 205 -26.58 -35.75 12.35
N ASP C 206 -25.45 -36.25 12.87
CA ASP C 206 -25.49 -37.11 14.05
C ASP C 206 -26.07 -36.36 15.25
N GLU C 207 -25.62 -35.13 15.47
CA GLU C 207 -26.14 -34.38 16.62
C GLU C 207 -27.56 -33.90 16.38
N TYR C 208 -27.90 -33.55 15.14
CA TYR C 208 -29.27 -33.11 14.84
C TYR C 208 -30.29 -34.21 15.16
N GLU C 209 -29.93 -35.48 14.94
CA GLU C 209 -30.85 -36.57 15.21
C GLU C 209 -30.95 -36.90 16.69
N ARG C 210 -30.11 -36.33 17.53
CA ARG C 210 -30.13 -36.61 18.96
C ARG C 210 -31.07 -35.70 19.73
N HIS C 211 -31.76 -34.79 19.06
CA HIS C 211 -32.63 -33.83 19.72
C HIS C 211 -33.97 -33.77 19.00
N ASN C 212 -34.99 -33.28 19.71
CA ASN C 212 -36.36 -33.34 19.23
C ASN C 212 -36.86 -31.99 18.72
N SER C 213 -36.80 -30.96 19.56
CA SER C 213 -37.37 -29.66 19.22
C SER C 213 -36.26 -28.64 18.97
N TYR C 214 -36.48 -27.79 17.97
CA TYR C 214 -35.56 -26.72 17.59
C TYR C 214 -36.33 -25.41 17.56
N THR C 215 -35.89 -24.44 18.34
CA THR C 215 -36.64 -23.20 18.55
C THR C 215 -35.81 -21.99 18.12
N CYS C 216 -36.47 -21.07 17.43
CA CYS C 216 -35.88 -19.82 16.99
C CYS C 216 -36.63 -18.68 17.68
N GLU C 217 -35.91 -17.90 18.48
CA GLU C 217 -36.50 -16.82 19.28
C GLU C 217 -35.96 -15.47 18.82
N ALA C 218 -36.85 -14.62 18.31
CA ALA C 218 -36.49 -13.28 17.86
C ALA C 218 -37.02 -12.26 18.86
N THR C 219 -36.12 -11.42 19.39
CA THR C 219 -36.50 -10.34 20.29
C THR C 219 -36.11 -9.02 19.64
N HIS C 220 -37.11 -8.16 19.42
CA HIS C 220 -36.93 -6.87 18.76
C HIS C 220 -37.48 -5.77 19.67
N LYS C 221 -37.08 -4.54 19.38
CA LYS C 221 -37.48 -3.40 20.21
C LYS C 221 -39.00 -3.21 20.24
N THR C 222 -39.71 -3.75 19.26
CA THR C 222 -41.12 -3.41 19.05
C THR C 222 -42.07 -4.11 20.01
N SER C 223 -41.69 -5.26 20.59
CA SER C 223 -42.72 -6.06 21.25
C SER C 223 -42.25 -6.75 22.54
N THR C 224 -41.23 -6.22 23.22
CA THR C 224 -40.75 -6.67 24.53
C THR C 224 -40.72 -8.18 24.78
N SER C 225 -41.75 -8.93 24.35
CA SER C 225 -41.73 -10.38 24.44
C SER C 225 -41.32 -10.99 23.11
N PRO C 226 -40.58 -12.09 23.12
CA PRO C 226 -40.00 -12.60 21.87
C PRO C 226 -41.04 -13.23 20.97
N ILE C 227 -40.70 -13.29 19.68
CA ILE C 227 -41.46 -14.03 18.68
C ILE C 227 -40.78 -15.38 18.52
N VAL C 228 -41.52 -16.46 18.77
CA VAL C 228 -40.97 -17.79 18.86
C VAL C 228 -41.54 -18.65 17.74
N LYS C 229 -40.65 -19.27 16.97
CA LYS C 229 -41.02 -20.27 15.98
C LYS C 229 -40.20 -21.51 16.23
N SER C 230 -40.86 -22.67 16.21
CA SER C 230 -40.16 -23.92 16.45
C SER C 230 -40.82 -25.04 15.68
N PHE C 231 -40.08 -26.15 15.59
CA PHE C 231 -40.58 -27.40 15.02
C PHE C 231 -40.00 -28.56 15.82
N ASN C 232 -40.66 -29.71 15.72
CA ASN C 232 -40.17 -30.96 16.29
C ASN C 232 -39.84 -31.91 15.13
N ARG C 233 -38.65 -32.52 15.19
CA ARG C 233 -38.16 -33.42 14.14
C ARG C 233 -39.00 -34.69 14.09
N ASN C 234 -40.11 -34.63 13.36
CA ASN C 234 -40.96 -35.81 13.16
C ASN C 234 -41.15 -36.11 11.68
N ASN D 7 29.69 -25.84 -28.47
CA ASN D 7 30.84 -25.38 -29.24
C ASN D 7 32.18 -25.76 -28.61
N THR D 8 32.90 -24.77 -28.07
CA THR D 8 34.31 -24.97 -27.72
C THR D 8 34.63 -24.34 -26.37
N THR D 9 35.17 -25.15 -25.46
CA THR D 9 35.68 -24.68 -24.18
C THR D 9 37.14 -24.26 -24.37
N ASP D 10 37.42 -22.99 -24.15
CA ASP D 10 38.76 -22.44 -24.37
C ASP D 10 39.63 -22.45 -23.12
N ASN D 11 39.05 -22.69 -21.95
CA ASN D 11 39.78 -22.56 -20.70
C ASN D 11 39.26 -23.59 -19.71
N ILE D 12 40.15 -24.42 -19.18
CA ILE D 12 39.74 -25.45 -18.24
C ILE D 12 40.42 -25.20 -16.89
N ASP D 13 40.48 -23.93 -16.48
CA ASP D 13 41.11 -23.59 -15.22
C ASP D 13 40.25 -23.96 -14.01
N TYR D 14 39.07 -24.57 -14.20
CA TYR D 14 38.22 -24.86 -13.06
C TYR D 14 38.63 -26.12 -12.32
N PHE D 15 39.43 -27.00 -12.92
CA PHE D 15 39.89 -28.21 -12.26
C PHE D 15 40.83 -27.85 -11.11
N ASP D 16 40.51 -28.30 -9.90
CA ASP D 16 41.42 -28.20 -8.77
C ASP D 16 41.53 -29.57 -8.09
N ILE D 17 42.33 -29.63 -7.03
CA ILE D 17 42.60 -30.90 -6.35
C ILE D 17 43.06 -30.60 -4.93
N SER D 18 42.64 -31.43 -3.99
CA SER D 18 43.09 -31.39 -2.61
C SER D 18 44.02 -32.56 -2.32
N ASP D 19 44.86 -32.40 -1.30
CA ASP D 19 45.70 -33.50 -0.88
C ASP D 19 44.85 -34.54 -0.15
N GLU D 20 45.45 -35.73 0.07
CA GLU D 20 44.75 -36.82 0.73
C GLU D 20 44.25 -36.41 2.10
N SER D 21 45.01 -35.58 2.82
CA SER D 21 44.58 -35.07 4.11
C SER D 21 43.46 -34.03 4.00
N ASN D 22 43.18 -33.54 2.79
CA ASN D 22 42.21 -32.48 2.55
C ASN D 22 42.55 -31.19 3.29
N TYR D 23 43.82 -31.00 3.65
CA TYR D 23 44.24 -29.79 4.35
C TYR D 23 44.74 -28.70 3.39
N TYR D 24 45.21 -29.08 2.21
CA TYR D 24 45.71 -28.14 1.21
C TYR D 24 44.90 -28.30 -0.07
N LEU D 25 44.63 -27.17 -0.73
CA LEU D 25 43.85 -27.16 -1.96
C LEU D 25 44.64 -26.45 -3.04
N ILE D 26 44.86 -27.12 -4.16
CA ILE D 26 45.68 -26.59 -5.25
C ILE D 26 44.77 -26.07 -6.35
N SER D 27 44.93 -24.79 -6.69
CA SER D 27 44.19 -24.16 -7.76
C SER D 27 45.13 -23.80 -8.90
N GLN D 28 44.62 -23.90 -10.13
CA GLN D 28 45.42 -23.49 -11.29
C GLN D 28 45.62 -21.98 -11.33
N LEU D 29 44.85 -21.21 -10.57
CA LEU D 29 45.01 -19.77 -10.54
C LEU D 29 46.11 -19.39 -9.57
N ARG D 30 46.95 -18.43 -9.96
CA ARG D 30 47.95 -17.90 -9.05
C ARG D 30 47.25 -17.27 -7.84
N PRO D 31 47.79 -17.46 -6.62
CA PRO D 31 49.03 -18.16 -6.27
C PRO D 31 48.87 -19.64 -5.91
N HIS D 32 47.80 -20.29 -6.35
CA HIS D 32 47.66 -21.75 -6.32
C HIS D 32 47.41 -22.31 -4.92
N PHE D 33 47.95 -21.67 -3.89
CA PHE D 33 47.67 -22.02 -2.50
C PHE D 33 47.17 -20.77 -1.78
N SER D 34 46.10 -20.91 -1.01
CA SER D 34 45.64 -19.79 -0.19
C SER D 34 46.70 -19.37 0.81
N ASN D 35 47.60 -20.29 1.21
CA ASN D 35 48.60 -19.97 2.22
C ASN D 35 49.56 -18.89 1.75
N ILE D 36 49.79 -18.78 0.44
CA ILE D 36 50.66 -17.73 -0.06
C ILE D 36 50.02 -16.36 0.14
N TYR D 37 48.70 -16.28 -0.02
CA TYR D 37 47.98 -15.05 0.32
C TYR D 37 48.13 -14.71 1.79
N PHE D 38 48.20 -15.72 2.65
CA PHE D 38 48.48 -15.46 4.06
C PHE D 38 49.87 -14.87 4.23
N PHE D 39 50.86 -15.41 3.50
CA PHE D 39 52.22 -14.87 3.58
C PHE D 39 52.27 -13.44 3.08
N ASP D 40 51.41 -13.08 2.13
CA ASP D 40 51.34 -11.70 1.67
C ASP D 40 50.75 -10.79 2.74
N GLU D 41 49.71 -11.26 3.45
CA GLU D 41 49.08 -10.43 4.47
C GLU D 41 49.99 -10.23 5.67
N PHE D 42 50.82 -11.23 6.00
CA PHE D 42 51.80 -11.03 7.06
C PHE D 42 52.82 -9.97 6.67
N LYS D 43 53.20 -9.92 5.40
CA LYS D 43 54.07 -8.85 4.92
C LYS D 43 53.49 -7.48 5.24
N ARG D 44 52.16 -7.35 5.14
CA ARG D 44 51.53 -6.10 5.50
C ARG D 44 51.56 -5.89 7.01
N TYR D 45 51.31 -6.95 7.79
CA TYR D 45 51.34 -6.82 9.24
C TYR D 45 52.73 -6.38 9.71
N ALA D 46 53.77 -7.04 9.20
CA ALA D 46 55.13 -6.74 9.63
C ALA D 46 55.51 -5.29 9.33
N SER D 47 55.03 -4.74 8.21
CA SER D 47 55.39 -3.39 7.81
C SER D 47 55.03 -2.34 8.84
N TYR D 48 54.24 -2.69 9.87
CA TYR D 48 53.93 -1.76 10.95
C TYR D 48 54.78 -1.99 12.19
N HIS D 49 55.67 -2.98 12.17
CA HIS D 49 56.54 -3.31 13.29
C HIS D 49 57.99 -3.25 12.83
N THR D 50 58.72 -2.21 13.25
CA THR D 50 60.10 -2.04 12.84
C THR D 50 60.97 -3.19 13.34
N GLU D 51 60.67 -3.72 14.53
CA GLU D 51 61.50 -4.78 15.11
C GLU D 51 61.57 -6.00 14.20
N ILE D 52 60.49 -6.30 13.47
CA ILE D 52 60.46 -7.51 12.65
C ILE D 52 60.62 -7.14 11.18
N LYS D 53 61.44 -6.12 10.90
CA LYS D 53 61.76 -5.73 9.53
C LYS D 53 62.47 -6.82 8.74
N ARG D 54 62.80 -7.96 9.36
CA ARG D 54 63.54 -8.99 8.64
C ARG D 54 62.65 -9.77 7.69
N TYR D 55 61.33 -9.77 7.90
CA TYR D 55 60.45 -10.58 7.06
C TYR D 55 60.57 -10.19 5.59
N GLU D 56 60.95 -8.95 5.30
CA GLU D 56 61.17 -8.54 3.91
C GLU D 56 62.27 -9.37 3.26
N ASP D 57 63.20 -9.89 4.06
CA ASP D 57 64.19 -10.84 3.52
C ASP D 57 63.55 -12.20 3.27
N ILE D 58 62.62 -12.61 4.13
CA ILE D 58 61.97 -13.91 3.99
C ILE D 58 60.94 -13.91 2.86
N HIS D 59 60.32 -12.76 2.58
CA HIS D 59 59.25 -12.74 1.58
C HIS D 59 59.80 -12.91 0.16
N LYS D 60 60.83 -12.15 -0.20
CA LYS D 60 61.41 -12.34 -1.53
C LYS D 60 62.15 -13.68 -1.62
N THR D 61 62.84 -14.11 -0.56
CA THR D 61 63.53 -15.38 -0.62
C THR D 61 62.53 -16.55 -0.57
N LYS D 62 62.11 -16.93 0.64
CA LYS D 62 61.41 -18.21 0.79
C LYS D 62 60.01 -18.18 0.17
N VAL D 63 59.27 -17.08 0.37
CA VAL D 63 57.89 -17.02 -0.12
C VAL D 63 57.88 -16.91 -1.64
N ASN D 64 58.70 -16.02 -2.21
CA ASN D 64 58.67 -15.83 -3.65
C ASN D 64 59.27 -17.03 -4.38
N SER D 65 60.16 -17.78 -3.73
CA SER D 65 60.64 -19.02 -4.33
C SER D 65 59.54 -20.08 -4.33
N LEU D 66 58.74 -20.11 -3.27
CA LEU D 66 57.62 -21.05 -3.21
C LEU D 66 56.57 -20.73 -4.27
N LEU D 67 56.32 -19.45 -4.52
CA LEU D 67 55.37 -19.09 -5.56
C LEU D 67 55.90 -19.48 -6.94
N ASN D 68 57.19 -19.28 -7.18
CA ASN D 68 57.76 -19.67 -8.48
C ASN D 68 57.75 -21.18 -8.65
N GLU D 69 58.06 -21.93 -7.58
CA GLU D 69 58.03 -23.39 -7.67
C GLU D 69 56.60 -23.90 -7.86
N ALA D 70 55.63 -23.23 -7.24
CA ALA D 70 54.24 -23.65 -7.37
C ALA D 70 53.79 -23.54 -8.82
N SER D 71 54.06 -22.40 -9.47
CA SER D 71 53.62 -22.24 -10.84
C SER D 71 54.47 -23.06 -11.81
N ARG D 72 55.76 -23.27 -11.49
CA ARG D 72 56.57 -24.17 -12.31
C ARG D 72 55.98 -25.58 -12.29
N ALA D 73 55.48 -26.03 -11.14
CA ALA D 73 54.81 -27.33 -11.07
C ALA D 73 53.56 -27.35 -11.94
N ILE D 74 52.81 -26.24 -11.94
CA ILE D 74 51.64 -26.14 -12.82
C ILE D 74 52.08 -26.28 -14.27
N GLY D 75 53.22 -25.69 -14.63
CA GLY D 75 53.70 -25.79 -15.99
C GLY D 75 54.06 -27.20 -16.40
N ILE D 76 54.48 -28.04 -15.45
CA ILE D 76 54.80 -29.43 -15.77
C ILE D 76 53.56 -30.17 -16.21
N CYS D 77 52.40 -29.84 -15.64
CA CYS D 77 51.15 -30.48 -15.98
C CYS D 77 50.51 -29.91 -17.25
N ASN D 78 51.25 -29.08 -18.00
CA ASN D 78 50.70 -28.48 -19.21
C ASN D 78 50.38 -29.53 -20.26
N ARG D 79 51.22 -30.54 -20.42
CA ARG D 79 50.93 -31.58 -21.40
C ARG D 79 49.68 -32.36 -21.02
N ALA D 80 49.57 -32.75 -19.75
CA ALA D 80 48.39 -33.45 -19.28
C ALA D 80 47.14 -32.60 -19.44
N LYS D 81 47.28 -31.28 -19.30
CA LYS D 81 46.11 -30.40 -19.33
C LYS D 81 45.59 -30.21 -20.75
N ASN D 82 46.49 -30.07 -21.72
CA ASN D 82 46.09 -30.02 -23.12
C ASN D 82 45.45 -31.32 -23.57
N THR D 83 45.88 -32.45 -23.00
CA THR D 83 45.29 -33.74 -23.37
C THR D 83 43.84 -33.83 -22.91
N VAL D 84 43.56 -33.48 -21.66
CA VAL D 84 42.18 -33.53 -21.18
C VAL D 84 41.36 -32.44 -21.84
N LYS D 85 42.00 -31.35 -22.26
CA LYS D 85 41.26 -30.31 -22.97
C LYS D 85 40.84 -30.78 -24.35
N GLY D 86 41.71 -31.53 -25.04
CA GLY D 86 41.36 -32.05 -26.35
C GLY D 86 40.17 -33.00 -26.31
N LEU D 87 40.04 -33.78 -25.24
CA LEU D 87 38.91 -34.68 -25.13
C LEU D 87 37.63 -33.91 -24.83
N ILE D 88 37.71 -32.89 -23.97
CA ILE D 88 36.54 -32.04 -23.71
C ILE D 88 36.04 -31.43 -25.00
N ASN D 89 36.95 -30.95 -25.85
CA ASN D 89 36.56 -30.30 -27.10
C ASN D 89 35.93 -31.28 -28.09
N ILE D 90 36.22 -32.58 -27.96
CA ILE D 90 35.59 -33.57 -28.82
C ILE D 90 34.21 -33.94 -28.27
N LEU D 91 34.12 -34.19 -26.95
CA LEU D 91 32.90 -34.68 -26.36
C LEU D 91 31.79 -33.63 -26.33
N GLU D 92 32.14 -32.34 -26.38
CA GLU D 92 31.12 -31.30 -26.32
C GLU D 92 30.69 -30.81 -27.71
N ASN D 93 31.38 -31.25 -28.76
CA ASN D 93 31.17 -30.75 -30.11
C ASN D 93 30.77 -31.91 -31.02
N PRO D 94 29.48 -32.10 -31.28
CA PRO D 94 29.05 -33.25 -32.09
C PRO D 94 29.71 -33.31 -33.45
N GLN D 95 29.95 -32.15 -34.07
CA GLN D 95 30.60 -32.13 -35.38
C GLN D 95 32.05 -32.59 -35.29
N LYS D 96 32.76 -32.18 -34.23
CA LYS D 96 34.12 -32.69 -34.04
C LYS D 96 34.11 -34.17 -33.70
N PHE D 97 33.11 -34.63 -32.95
CA PHE D 97 33.08 -36.03 -32.54
C PHE D 97 32.92 -36.97 -33.74
N LYS D 98 32.24 -36.53 -34.79
CA LYS D 98 32.00 -37.42 -35.91
C LYS D 98 33.16 -37.47 -36.90
N THR D 99 34.18 -36.64 -36.73
CA THR D 99 35.40 -36.75 -37.48
C THR D 99 36.38 -37.74 -36.86
N GLN D 100 35.87 -38.68 -36.05
CA GLN D 100 36.69 -39.66 -35.37
C GLN D 100 35.84 -40.93 -35.22
N ARG D 101 36.51 -42.07 -35.11
CA ARG D 101 35.83 -43.35 -35.24
C ARG D 101 35.49 -44.03 -33.92
N GLU D 102 36.06 -43.60 -32.80
CA GLU D 102 35.84 -44.32 -31.55
C GLU D 102 34.44 -44.02 -31.00
N SER D 103 33.93 -44.96 -30.21
CA SER D 103 32.59 -44.84 -29.63
C SER D 103 32.54 -43.72 -28.59
N TYR D 104 31.32 -43.28 -28.29
CA TYR D 104 31.16 -42.19 -27.33
C TYR D 104 31.51 -42.64 -25.92
N ASP D 105 31.12 -43.86 -25.56
CA ASP D 105 31.50 -44.38 -24.24
C ASP D 105 33.01 -44.57 -24.13
N VAL D 106 33.69 -44.80 -25.25
CA VAL D 106 35.14 -44.96 -25.20
C VAL D 106 35.82 -43.63 -24.90
N LYS D 107 35.40 -42.57 -25.58
CA LYS D 107 36.00 -41.26 -25.36
C LYS D 107 35.66 -40.71 -23.97
N LEU D 108 34.47 -41.03 -23.45
CA LEU D 108 34.14 -40.65 -22.08
C LEU D 108 35.06 -41.35 -21.10
N ARG D 109 35.27 -42.66 -21.29
CA ARG D 109 36.22 -43.40 -20.45
C ARG D 109 37.60 -42.77 -20.50
N GLN D 110 38.06 -42.40 -21.69
CA GLN D 110 39.35 -41.75 -21.84
C GLN D 110 39.38 -40.41 -21.11
N TYR D 111 38.28 -39.68 -21.15
CA TYR D 111 38.21 -38.40 -20.47
C TYR D 111 38.37 -38.56 -18.96
N GLU D 112 37.81 -39.63 -18.40
CA GLU D 112 37.92 -39.83 -16.95
C GLU D 112 39.34 -40.18 -16.56
N GLU D 113 40.02 -41.00 -17.36
CA GLU D 113 41.43 -41.30 -17.09
C GLU D 113 42.28 -40.04 -17.17
N LYS D 114 42.13 -39.28 -18.26
CA LYS D 114 42.97 -38.11 -18.47
C LYS D 114 42.67 -37.02 -17.46
N LYS D 115 41.40 -36.86 -17.06
CA LYS D 115 41.07 -35.88 -16.05
C LYS D 115 41.67 -36.25 -14.70
N GLU D 116 41.68 -37.55 -14.37
CA GLU D 116 42.36 -37.98 -13.16
C GLU D 116 43.87 -37.82 -13.28
N ALA D 117 44.42 -38.04 -14.46
CA ALA D 117 45.86 -37.93 -14.66
C ALA D 117 46.32 -36.49 -14.53
N PHE D 118 45.53 -35.54 -15.04
CA PHE D 118 45.92 -34.14 -14.97
C PHE D 118 45.77 -33.58 -13.56
N ARG D 119 44.68 -33.94 -12.87
CA ARG D 119 44.52 -33.50 -11.49
C ARG D 119 45.51 -34.17 -10.57
N GLY D 120 45.81 -35.45 -10.82
CA GLY D 120 46.85 -36.11 -10.04
C GLY D 120 48.21 -35.45 -10.21
N CYS D 121 48.52 -35.03 -11.43
CA CYS D 121 49.74 -34.27 -11.68
C CYS D 121 49.79 -33.01 -10.84
N LEU D 122 48.67 -32.28 -10.77
CA LEU D 122 48.65 -31.00 -10.06
C LEU D 122 49.04 -31.17 -8.59
N LEU D 123 48.62 -32.29 -7.98
CA LEU D 123 48.99 -32.55 -6.60
C LEU D 123 50.41 -33.10 -6.52
N ASN D 124 50.73 -34.09 -7.35
CA ASN D 124 52.02 -34.78 -7.26
C ASN D 124 53.18 -33.83 -7.44
N LYS D 125 53.10 -32.95 -8.45
CA LYS D 125 54.20 -32.02 -8.71
C LYS D 125 54.30 -30.92 -7.65
N ASN D 126 53.32 -30.79 -6.77
CA ASN D 126 53.31 -29.77 -5.75
C ASN D 126 53.50 -30.32 -4.34
N ARG D 127 53.75 -31.63 -4.22
CA ARG D 127 53.83 -32.24 -2.89
C ARG D 127 54.93 -31.61 -2.03
N LYS D 128 56.11 -31.37 -2.62
CA LYS D 128 57.18 -30.75 -1.86
C LYS D 128 56.94 -29.26 -1.65
N ASN D 129 56.14 -28.62 -2.52
CA ASN D 129 55.73 -27.24 -2.26
C ASN D 129 54.82 -27.15 -1.04
N LEU D 130 53.94 -28.13 -0.84
CA LEU D 130 53.10 -28.15 0.35
C LEU D 130 53.93 -28.36 1.61
N ASP D 131 55.05 -29.07 1.49
CA ASP D 131 55.90 -29.30 2.65
C ASP D 131 56.50 -27.99 3.18
N GLN D 132 56.59 -26.98 2.34
CA GLN D 132 57.23 -25.74 2.76
C GLN D 132 56.26 -24.79 3.42
N ILE D 133 54.96 -24.98 3.20
CA ILE D 133 53.99 -24.12 3.82
C ILE D 133 54.07 -24.28 5.34
N LYS D 134 54.16 -25.52 5.81
CA LYS D 134 54.36 -25.75 7.24
C LYS D 134 55.66 -25.12 7.73
N LYS D 135 56.71 -25.17 6.91
CA LYS D 135 57.98 -24.59 7.30
C LYS D 135 57.88 -23.07 7.42
N ILE D 136 57.39 -22.41 6.37
CA ILE D 136 57.31 -20.95 6.37
C ILE D 136 56.42 -20.44 7.49
N ASN D 137 55.38 -21.20 7.85
CA ASN D 137 54.50 -20.79 8.94
C ASN D 137 55.25 -20.78 10.27
N ASN D 138 56.16 -21.74 10.46
CA ASN D 138 56.88 -21.81 11.74
C ASN D 138 57.87 -20.68 11.89
N GLU D 139 58.54 -20.29 10.79
CA GLU D 139 59.42 -19.14 10.83
C GLU D 139 58.66 -17.85 11.12
N ILE D 140 57.43 -17.72 10.62
CA ILE D 140 56.62 -16.56 10.93
C ILE D 140 56.32 -16.50 12.42
N ARG D 141 56.10 -17.67 13.03
CA ARG D 141 55.88 -17.73 14.48
C ARG D 141 57.13 -17.33 15.24
N ASP D 142 58.28 -17.84 14.83
CA ASP D 142 59.54 -17.50 15.49
C ASP D 142 59.93 -16.05 15.24
N LEU D 143 59.62 -15.51 14.05
CA LEU D 143 59.91 -14.11 13.80
C LEU D 143 59.04 -13.19 14.64
N LEU D 144 57.77 -13.56 14.85
CA LEU D 144 56.88 -12.78 15.70
C LEU D 144 57.36 -12.71 17.15
N GLU D 145 58.19 -13.66 17.58
CA GLU D 145 58.75 -13.60 18.93
C GLU D 145 59.65 -12.39 19.12
N LYS D 146 60.15 -11.80 18.04
CA LYS D 146 61.03 -10.64 18.10
C LYS D 146 60.27 -9.32 18.18
N LEU D 147 58.95 -9.35 18.42
CA LEU D 147 58.23 -8.12 18.68
C LEU D 147 58.56 -7.60 20.07
N LYS D 148 58.75 -6.28 20.17
CA LYS D 148 59.20 -5.65 21.41
C LYS D 148 58.03 -5.43 22.37
N CYS D 149 57.46 -6.54 22.83
CA CYS D 149 56.38 -6.52 23.80
C CYS D 149 56.37 -7.86 24.52
N SER D 150 55.56 -7.93 25.58
CA SER D 150 55.50 -9.11 26.43
C SER D 150 54.08 -9.33 26.95
N GLN D 151 53.63 -8.44 27.82
CA GLN D 151 52.25 -8.42 28.31
C GLN D 151 51.50 -7.18 27.84
N ASP D 152 52.12 -6.37 26.98
CA ASP D 152 51.63 -5.06 26.58
C ASP D 152 51.62 -4.91 25.06
N CYS D 153 51.37 -6.00 24.34
CA CYS D 153 51.36 -5.93 22.88
C CYS D 153 50.11 -5.21 22.40
N GLN D 154 50.31 -4.08 21.70
CA GLN D 154 49.19 -3.28 21.22
C GLN D 154 48.44 -4.00 20.11
N THR D 155 47.13 -3.80 20.07
CA THR D 155 46.26 -4.42 19.09
C THR D 155 45.83 -3.44 18.00
N ASN D 156 46.43 -2.25 17.96
CA ASN D 156 45.99 -1.22 17.01
C ASN D 156 46.16 -1.69 15.57
N VAL D 157 47.29 -2.32 15.25
CA VAL D 157 47.49 -2.85 13.90
C VAL D 157 46.52 -3.97 13.62
N TYR D 158 46.26 -4.82 14.61
CA TYR D 158 45.33 -5.92 14.44
C TYR D 158 43.93 -5.42 14.09
N PHE D 159 43.41 -4.48 14.88
CA PHE D 159 42.07 -3.98 14.65
C PHE D 159 41.99 -3.04 13.44
N ASP D 160 43.10 -2.41 13.06
CA ASP D 160 43.09 -1.60 11.85
C ASP D 160 42.91 -2.48 10.62
N MET D 161 43.56 -3.65 10.61
CA MET D 161 43.42 -4.56 9.47
C MET D 161 41.98 -5.06 9.36
N ILE D 162 41.34 -5.34 10.49
CA ILE D 162 39.94 -5.78 10.46
C ILE D 162 39.06 -4.70 9.82
N LYS D 163 39.31 -3.43 10.14
CA LYS D 163 38.61 -2.33 9.48
C LYS D 163 38.86 -2.35 7.97
N ILE D 164 40.10 -2.53 7.55
CA ILE D 164 40.39 -2.62 6.12
C ILE D 164 39.67 -3.81 5.51
N TYR D 165 39.56 -4.92 6.27
CA TYR D 165 38.95 -6.12 5.73
C TYR D 165 37.45 -5.93 5.54
N LEU D 166 36.78 -5.30 6.50
CA LEU D 166 35.36 -5.01 6.34
C LEU D 166 35.09 -4.18 5.09
N VAL D 167 35.97 -3.21 4.82
CA VAL D 167 35.85 -2.44 3.58
C VAL D 167 36.07 -3.35 2.37
N ASP D 168 36.97 -4.33 2.47
CA ASP D 168 37.21 -5.24 1.36
C ASP D 168 36.03 -6.19 1.14
N PHE D 169 35.35 -6.59 2.22
CA PHE D 169 34.21 -7.49 2.07
C PHE D 169 33.10 -6.84 1.26
N LYS D 170 32.96 -5.51 1.35
CA LYS D 170 31.88 -4.84 0.65
C LYS D 170 32.16 -4.65 -0.83
N LYS D 171 33.41 -4.78 -1.25
CA LYS D 171 33.73 -4.88 -2.68
C LYS D 171 33.52 -6.28 -3.22
N MET D 172 33.19 -7.24 -2.35
CA MET D 172 32.85 -8.59 -2.78
C MET D 172 31.34 -8.68 -2.96
N PRO D 173 30.85 -8.91 -4.19
CA PRO D 173 29.38 -9.01 -4.41
C PRO D 173 28.83 -10.37 -4.01
N TYR D 174 28.91 -10.66 -2.71
CA TYR D 174 28.48 -11.96 -2.22
C TYR D 174 27.02 -12.21 -2.52
N GLU D 175 26.17 -11.21 -2.28
CA GLU D 175 24.73 -11.37 -2.50
C GLU D 175 24.44 -11.77 -3.95
N ASN D 176 25.05 -11.10 -4.92
CA ASN D 176 24.78 -11.42 -6.31
C ASN D 176 25.38 -12.75 -6.71
N TYR D 177 26.53 -13.12 -6.13
CA TYR D 177 27.09 -14.44 -6.38
C TYR D 177 26.14 -15.53 -5.91
N ASP D 178 25.53 -15.33 -4.73
CA ASP D 178 24.57 -16.29 -4.22
C ASP D 178 23.34 -16.37 -5.12
N THR D 179 22.80 -15.21 -5.52
CA THR D 179 21.69 -15.22 -6.45
C THR D 179 22.06 -15.92 -7.75
N PHE D 180 23.29 -15.71 -8.22
CA PHE D 180 23.72 -16.30 -9.48
C PHE D 180 23.75 -17.83 -9.39
N ILE D 181 24.41 -18.36 -8.36
CA ILE D 181 24.59 -19.81 -8.30
C ILE D 181 23.27 -20.52 -8.01
N LYS D 182 22.40 -19.91 -7.19
CA LYS D 182 21.09 -20.51 -6.98
C LYS D 182 20.31 -20.57 -8.29
N GLN D 183 20.38 -19.49 -9.08
CA GLN D 183 19.70 -19.45 -10.37
C GLN D 183 20.27 -20.51 -11.32
N TYR D 184 21.59 -20.55 -11.47
CA TYR D 184 22.20 -21.46 -12.44
C TYR D 184 22.16 -22.91 -11.97
N LYS D 185 22.16 -23.15 -10.66
CA LYS D 185 21.98 -24.52 -10.20
C LYS D 185 20.55 -25.00 -10.41
N ASN D 186 19.58 -24.10 -10.32
CA ASN D 186 18.20 -24.48 -10.62
C ASN D 186 18.02 -24.79 -12.10
N SER D 187 18.61 -23.97 -12.98
CA SER D 187 18.52 -24.23 -14.41
C SER D 187 19.24 -25.51 -14.79
N TYR D 188 20.44 -25.72 -14.23
CA TYR D 188 21.20 -26.92 -14.50
C TYR D 188 20.40 -28.16 -14.13
N LEU D 189 19.85 -28.19 -12.91
CA LEU D 189 19.07 -29.34 -12.48
C LEU D 189 17.82 -29.51 -13.35
N SER D 190 17.22 -28.39 -13.75
CA SER D 190 16.05 -28.46 -14.62
C SER D 190 16.42 -29.05 -15.97
N GLY D 191 17.59 -28.68 -16.51
CA GLY D 191 18.00 -29.20 -17.80
C GLY D 191 18.35 -30.68 -17.77
N VAL D 192 18.87 -31.18 -16.65
CA VAL D 192 19.18 -32.60 -16.53
C VAL D 192 17.90 -33.43 -16.59
N ASP D 193 16.86 -33.02 -15.86
CA ASP D 193 15.59 -33.71 -15.96
C ASP D 193 14.98 -33.53 -17.34
N MET D 194 15.06 -32.32 -17.88
CA MET D 194 14.54 -32.05 -19.22
C MET D 194 15.18 -32.95 -20.26
N ILE D 195 16.51 -33.13 -20.19
CA ILE D 195 17.21 -33.90 -21.23
C ILE D 195 16.83 -35.36 -21.16
N ARG D 196 16.48 -35.87 -19.97
CA ARG D 196 16.12 -37.27 -19.85
C ARG D 196 14.76 -37.57 -20.46
N LYS D 197 13.83 -36.61 -20.43
CA LYS D 197 12.55 -36.78 -21.08
C LYS D 197 12.65 -36.59 -22.59
N ILE D 198 13.51 -35.68 -23.03
CA ILE D 198 13.54 -35.31 -24.43
C ILE D 198 14.38 -36.29 -25.25
N GLU D 199 15.37 -36.95 -24.64
CA GLU D 199 16.11 -37.98 -25.36
C GLU D 199 15.23 -39.15 -25.75
N LYS D 200 14.05 -39.29 -25.12
CA LYS D 200 13.09 -40.30 -25.52
C LYS D 200 12.23 -39.87 -26.70
N GLN D 201 12.12 -38.56 -26.97
CA GLN D 201 11.28 -38.05 -28.04
C GLN D 201 12.06 -37.79 -29.33
N ILE D 202 13.27 -37.26 -29.23
CA ILE D 202 14.09 -36.91 -30.39
C ILE D 202 15.25 -37.89 -30.46
N ASP D 203 15.51 -38.42 -31.64
CA ASP D 203 16.57 -39.40 -31.87
C ASP D 203 17.80 -38.68 -32.43
N ASN D 204 18.75 -38.37 -31.55
CA ASN D 204 19.98 -37.71 -31.94
C ASN D 204 21.06 -38.01 -30.90
N PRO D 205 21.63 -39.22 -30.91
CA PRO D 205 22.50 -39.63 -29.79
C PRO D 205 23.69 -38.73 -29.57
N VAL D 206 24.39 -38.34 -30.63
CA VAL D 206 25.62 -37.56 -30.48
C VAL D 206 25.31 -36.23 -29.79
N THR D 207 24.30 -35.51 -30.29
CA THR D 207 23.96 -34.22 -29.70
C THR D 207 23.46 -34.38 -28.26
N ILE D 208 22.62 -35.39 -28.01
CA ILE D 208 22.16 -35.65 -26.65
C ILE D 208 23.35 -35.96 -25.73
N ASN D 209 24.29 -36.78 -26.21
CA ASN D 209 25.46 -37.10 -25.41
C ASN D 209 26.31 -35.87 -25.13
N ALA D 210 26.46 -34.99 -26.13
CA ALA D 210 27.25 -33.78 -25.93
C ALA D 210 26.60 -32.87 -24.88
N ILE D 211 25.27 -32.82 -24.86
CA ILE D 211 24.58 -32.08 -23.81
C ILE D 211 24.84 -32.71 -22.45
N LYS D 212 24.69 -34.04 -22.36
CA LYS D 212 24.86 -34.72 -21.09
C LYS D 212 26.28 -34.57 -20.55
N PHE D 213 27.28 -34.57 -21.44
CA PHE D 213 28.65 -34.39 -20.99
C PHE D 213 28.89 -32.97 -20.49
N THR D 214 28.37 -31.99 -21.22
CA THR D 214 28.46 -30.60 -20.76
C THR D 214 27.78 -30.43 -19.41
N GLN D 215 26.62 -31.09 -19.23
CA GLN D 215 25.96 -31.03 -17.94
C GLN D 215 26.78 -31.68 -16.85
N LYS D 216 27.52 -32.75 -17.19
CA LYS D 216 28.40 -33.37 -16.21
C LYS D 216 29.47 -32.39 -15.73
N GLU D 217 30.02 -31.58 -16.64
CA GLU D 217 31.07 -30.64 -16.25
C GLU D 217 30.51 -29.45 -15.48
N MET D 218 29.30 -28.99 -15.82
CA MET D 218 28.65 -27.95 -15.04
C MET D 218 28.43 -28.39 -13.60
N GLY D 219 28.06 -29.65 -13.40
CA GLY D 219 27.92 -30.17 -12.05
C GLY D 219 29.20 -30.01 -11.25
N TYR D 220 30.34 -30.29 -11.87
CA TYR D 220 31.62 -30.14 -11.18
C TYR D 220 31.88 -28.67 -10.85
N ILE D 221 31.73 -27.79 -11.83
CA ILE D 221 31.98 -26.36 -11.64
C ILE D 221 31.07 -25.78 -10.56
N ILE D 222 29.80 -26.21 -10.56
CA ILE D 222 28.87 -25.74 -9.53
C ILE D 222 29.30 -26.23 -8.16
N ASP D 223 29.80 -27.48 -8.08
CA ASP D 223 30.34 -27.99 -6.83
C ASP D 223 31.46 -27.10 -6.32
N ARG D 224 32.37 -26.69 -7.21
CA ARG D 224 33.50 -25.87 -6.78
C ARG D 224 33.05 -24.46 -6.42
N PHE D 225 32.04 -23.92 -7.11
CA PHE D 225 31.54 -22.60 -6.78
C PHE D 225 30.96 -22.57 -5.37
N GLU D 226 30.13 -23.56 -5.05
CA GLU D 226 29.51 -23.63 -3.73
C GLU D 226 30.54 -23.88 -2.63
N TYR D 227 31.59 -24.66 -2.93
CA TYR D 227 32.65 -24.85 -1.94
C TYR D 227 33.29 -23.52 -1.57
N HIS D 228 33.72 -22.75 -2.59
CA HIS D 228 34.42 -21.50 -2.33
C HIS D 228 33.48 -20.44 -1.77
N LEU D 229 32.22 -20.44 -2.23
CA LEU D 229 31.27 -19.47 -1.71
C LEU D 229 31.04 -19.69 -0.23
N GLN D 230 31.00 -20.94 0.21
CA GLN D 230 30.85 -21.21 1.63
C GLN D 230 32.09 -20.77 2.40
N LYS D 231 33.28 -21.05 1.87
CA LYS D 231 34.50 -20.62 2.54
C LYS D 231 34.59 -19.11 2.63
N VAL D 232 34.15 -18.41 1.57
CA VAL D 232 34.15 -16.95 1.59
C VAL D 232 33.18 -16.42 2.64
N LYS D 233 31.98 -17.01 2.69
CA LYS D 233 31.00 -16.61 3.71
C LYS D 233 31.54 -16.81 5.12
N HIS D 234 32.26 -17.92 5.32
CA HIS D 234 32.79 -18.21 6.65
C HIS D 234 33.80 -17.15 7.09
N SER D 235 34.68 -16.74 6.18
CA SER D 235 35.66 -15.72 6.51
C SER D 235 35.00 -14.38 6.80
N ILE D 236 34.03 -13.98 5.98
CA ILE D 236 33.34 -12.73 6.20
C ILE D 236 32.58 -12.76 7.53
N ASP D 237 31.89 -13.86 7.81
CA ASP D 237 31.14 -13.97 9.05
C ASP D 237 32.07 -13.92 10.27
N GLN D 238 33.22 -14.60 10.18
CA GLN D 238 34.09 -14.68 11.34
C GLN D 238 34.80 -13.36 11.61
N VAL D 239 35.31 -12.71 10.56
CA VAL D 239 36.05 -11.46 10.75
C VAL D 239 35.10 -10.35 11.18
N THR D 240 33.88 -10.34 10.62
CA THR D 240 32.89 -9.36 11.07
C THR D 240 32.56 -9.55 12.55
N ALA D 241 32.45 -10.80 13.00
CA ALA D 241 32.22 -11.05 14.42
C ALA D 241 33.35 -10.47 15.28
N LEU D 242 34.60 -10.64 14.86
CA LEU D 242 35.70 -10.01 15.59
C LEU D 242 35.60 -8.49 15.54
N SER D 243 35.03 -7.94 14.46
CA SER D 243 34.92 -6.48 14.37
C SER D 243 33.90 -5.95 15.37
N ASP D 244 32.80 -6.68 15.57
CA ASP D 244 31.74 -6.27 16.49
C ASP D 244 32.03 -6.59 17.95
N GLY D 245 33.01 -7.45 18.21
CA GLY D 245 33.28 -7.92 19.56
C GLY D 245 34.18 -6.98 20.35
N VAL D 246 34.63 -7.50 21.50
CA VAL D 246 35.43 -6.69 22.41
C VAL D 246 36.78 -6.34 21.78
N LYS D 247 37.37 -5.25 22.26
CA LYS D 247 38.61 -4.72 21.69
C LYS D 247 39.58 -4.33 22.81
N PRO D 248 40.29 -5.30 23.38
CA PRO D 248 41.36 -4.97 24.32
C PRO D 248 42.51 -4.25 23.62
N LYS D 249 43.04 -3.24 24.30
CA LYS D 249 44.13 -2.44 23.71
C LYS D 249 45.47 -3.17 23.76
N GLN D 250 45.69 -4.01 24.78
CA GLN D 250 46.95 -4.70 24.94
C GLN D 250 46.70 -6.16 25.29
N VAL D 251 47.45 -7.05 24.65
CA VAL D 251 47.35 -8.47 24.85
C VAL D 251 48.74 -9.03 25.13
N THR D 252 48.82 -10.35 25.31
CA THR D 252 50.13 -10.98 25.43
C THR D 252 50.71 -11.24 24.06
N LYS D 253 52.01 -11.52 24.02
CA LYS D 253 52.66 -11.79 22.74
C LYS D 253 52.09 -13.04 22.07
N ASN D 254 51.87 -14.10 22.85
CA ASN D 254 51.28 -15.31 22.28
C ASN D 254 49.88 -15.05 21.78
N ARG D 255 49.09 -14.27 22.51
CA ARG D 255 47.74 -13.94 22.07
C ARG D 255 47.75 -13.14 20.79
N LEU D 256 48.72 -12.22 20.64
CA LEU D 256 48.78 -11.40 19.44
C LEU D 256 49.18 -12.21 18.21
N LYS D 257 50.05 -13.21 18.37
CA LYS D 257 50.36 -14.11 17.26
C LYS D 257 49.11 -14.83 16.78
N GLU D 258 48.32 -15.35 17.73
CA GLU D 258 47.08 -16.04 17.37
C GLU D 258 46.12 -15.09 16.67
N TYR D 259 46.14 -13.81 17.05
CA TYR D 259 45.30 -12.83 16.36
C TYR D 259 45.71 -12.70 14.90
N TYR D 260 47.00 -12.47 14.65
CA TYR D 260 47.48 -12.26 13.29
C TYR D 260 47.27 -13.52 12.43
N PHE D 261 47.46 -14.70 13.02
CA PHE D 261 47.25 -15.93 12.26
C PHE D 261 45.77 -16.15 11.96
N ASN D 262 44.89 -15.78 12.90
CA ASN D 262 43.47 -15.98 12.69
C ASN D 262 42.96 -15.16 11.52
N ILE D 263 43.12 -13.83 11.60
CA ILE D 263 42.62 -12.98 10.52
C ILE D 263 43.45 -13.14 9.26
N GLY D 264 44.72 -13.57 9.38
CA GLY D 264 45.51 -13.85 8.20
C GLY D 264 45.01 -15.07 7.44
N ASN D 265 44.64 -16.13 8.16
CA ASN D 265 44.07 -17.30 7.51
C ASN D 265 42.72 -16.95 6.87
N TYR D 266 41.84 -16.28 7.62
CA TYR D 266 40.51 -15.95 7.13
C TYR D 266 40.59 -15.09 5.87
N TYR D 267 41.45 -14.08 5.88
CA TYR D 267 41.53 -13.19 4.73
C TYR D 267 42.19 -13.86 3.53
N SER D 268 43.17 -14.75 3.76
CA SER D 268 43.77 -15.47 2.65
C SER D 268 42.75 -16.38 1.98
N ILE D 269 41.94 -17.09 2.77
CA ILE D 269 40.89 -17.92 2.21
C ILE D 269 39.85 -17.07 1.50
N PHE D 270 39.61 -15.86 2.00
CA PHE D 270 38.69 -14.94 1.32
C PHE D 270 39.25 -14.51 -0.04
N LYS D 271 40.53 -14.13 -0.08
CA LYS D 271 41.13 -13.72 -1.36
C LYS D 271 41.21 -14.90 -2.32
N PHE D 272 41.58 -16.08 -1.81
CA PHE D 272 41.58 -17.29 -2.63
C PHE D 272 40.19 -17.55 -3.20
N GLY D 273 39.15 -17.41 -2.37
CA GLY D 273 37.81 -17.65 -2.85
C GLY D 273 37.37 -16.63 -3.88
N LYS D 274 37.76 -15.36 -3.70
CA LYS D 274 37.41 -14.34 -4.66
C LYS D 274 38.00 -14.66 -6.03
N ASP D 275 39.26 -15.12 -6.06
CA ASP D 275 39.90 -15.51 -7.31
C ASP D 275 39.12 -16.64 -7.98
N SER D 276 38.83 -17.71 -7.24
CA SER D 276 38.17 -18.86 -7.81
C SER D 276 36.73 -18.53 -8.24
N LEU D 277 35.99 -17.81 -7.38
CA LEU D 277 34.59 -17.53 -7.68
C LEU D 277 34.44 -16.73 -8.97
N ASN D 278 35.36 -15.79 -9.22
CA ASN D 278 35.34 -15.05 -10.48
C ASN D 278 35.54 -15.99 -11.66
N MET D 279 36.52 -16.89 -11.55
CA MET D 279 36.82 -17.79 -12.66
C MET D 279 35.71 -18.80 -12.88
N LEU D 280 35.20 -19.39 -11.79
CA LEU D 280 34.13 -20.38 -11.90
C LEU D 280 32.86 -19.75 -12.45
N ASN D 281 32.62 -18.47 -12.11
CA ASN D 281 31.45 -17.77 -12.63
C ASN D 281 31.50 -17.70 -14.16
N LYS D 282 32.67 -17.33 -14.71
CA LYS D 282 32.80 -17.26 -16.17
C LYS D 282 32.69 -18.64 -16.80
N ALA D 283 33.32 -19.64 -16.19
CA ALA D 283 33.32 -20.98 -16.77
C ALA D 283 31.92 -21.58 -16.75
N LEU D 284 31.18 -21.38 -15.66
CA LEU D 284 29.82 -21.90 -15.60
C LEU D 284 28.93 -21.22 -16.64
N ILE D 285 29.13 -19.92 -16.84
CA ILE D 285 28.32 -19.19 -17.82
C ILE D 285 28.63 -19.68 -19.23
N HIS D 286 29.90 -19.96 -19.52
CA HIS D 286 30.25 -20.42 -20.86
C HIS D 286 29.71 -21.83 -21.14
N LYS D 287 29.70 -22.69 -20.11
CA LYS D 287 29.11 -24.01 -20.29
C LYS D 287 27.61 -23.90 -20.56
N GLU D 288 26.92 -23.04 -19.82
CA GLU D 288 25.49 -22.82 -20.08
C GLU D 288 25.26 -22.35 -21.51
N LYS D 289 26.15 -21.51 -22.03
CA LYS D 289 26.02 -21.05 -23.41
C LYS D 289 26.16 -22.21 -24.39
N ILE D 290 27.01 -23.18 -24.07
CA ILE D 290 27.21 -24.32 -24.96
C ILE D 290 25.98 -25.23 -24.92
N VAL D 291 25.41 -25.45 -23.74
CA VAL D 291 24.20 -26.25 -23.63
C VAL D 291 23.10 -25.69 -24.53
N HIS D 292 22.83 -24.39 -24.42
CA HIS D 292 21.74 -23.81 -25.21
C HIS D 292 22.05 -23.86 -26.70
N ASN D 293 23.31 -23.73 -27.08
CA ASN D 293 23.65 -23.89 -28.48
C ASN D 293 23.42 -25.31 -28.95
N LEU D 294 23.80 -26.30 -28.13
CA LEU D 294 23.55 -27.69 -28.49
C LEU D 294 22.06 -28.00 -28.53
N LEU D 295 21.26 -27.30 -27.74
CA LEU D 295 19.81 -27.51 -27.77
C LEU D 295 19.20 -26.97 -29.05
N GLY D 296 19.62 -25.78 -29.47
CA GLY D 296 19.18 -25.25 -30.76
C GLY D 296 19.58 -26.15 -31.91
N GLU D 297 20.76 -26.77 -31.81
CA GLU D 297 21.17 -27.73 -32.83
C GLU D 297 20.32 -29.00 -32.77
N LEU D 298 19.95 -29.42 -31.57
CA LEU D 298 19.08 -30.59 -31.43
C LEU D 298 17.72 -30.33 -32.06
N PHE D 299 17.19 -29.11 -31.90
CA PHE D 299 15.87 -28.77 -32.40
C PHE D 299 15.90 -27.99 -33.70
N GLY D 300 17.00 -28.08 -34.46
CA GLY D 300 17.14 -27.34 -35.70
C GLY D 300 17.11 -28.12 -36.98
N HIS D 301 16.67 -29.39 -36.98
CA HIS D 301 16.60 -30.10 -38.26
C HIS D 301 15.41 -29.58 -39.09
N LEU D 302 14.14 -29.82 -38.71
CA LEU D 302 13.67 -30.73 -37.67
C LEU D 302 12.93 -31.89 -38.34
N GLU E 20 30.36 -3.21 22.53
CA GLU E 20 28.97 -3.45 22.16
C GLU E 20 28.60 -2.67 20.92
N VAL E 21 27.80 -3.28 20.06
CA VAL E 21 27.13 -2.54 19.01
C VAL E 21 25.78 -2.09 19.54
N GLN E 22 25.43 -0.83 19.27
CA GLN E 22 24.20 -0.25 19.78
C GLN E 22 23.55 0.59 18.70
N LEU E 23 22.22 0.57 18.68
CA LEU E 23 21.42 1.38 17.76
C LEU E 23 20.41 2.16 18.59
N GLN E 24 20.58 3.47 18.66
CA GLN E 24 19.71 4.34 19.43
C GLN E 24 18.79 5.10 18.46
N GLN E 25 17.49 4.94 18.61
CA GLN E 25 16.52 5.49 17.70
C GLN E 25 15.86 6.75 18.28
N SER E 26 15.04 7.40 17.46
CA SER E 26 14.32 8.59 17.88
C SER E 26 13.22 8.26 18.88
N GLY E 27 12.78 9.28 19.60
CA GLY E 27 11.66 9.14 20.50
C GLY E 27 10.34 9.09 19.74
N ALA E 28 9.29 8.73 20.48
CA ALA E 28 7.98 8.52 19.89
C ALA E 28 7.49 9.78 19.16
N GLU E 29 6.60 9.57 18.20
CA GLU E 29 6.04 10.65 17.40
C GLU E 29 4.52 10.59 17.42
N LEU E 30 3.90 11.78 17.38
CA LEU E 30 2.46 11.92 17.23
C LEU E 30 2.21 12.83 16.04
N VAL E 31 1.59 12.30 14.99
CA VAL E 31 1.46 13.00 13.72
C VAL E 31 -0.01 12.99 13.29
N LYS E 32 -0.40 14.02 12.53
CA LYS E 32 -1.73 14.09 11.96
C LYS E 32 -1.77 13.31 10.65
N PRO E 33 -2.94 12.77 10.29
CA PRO E 33 -3.04 12.01 9.03
C PRO E 33 -2.67 12.85 7.82
N GLY E 34 -2.06 12.19 6.84
CA GLY E 34 -1.63 12.86 5.63
C GLY E 34 -0.29 13.56 5.71
N ALA E 35 0.37 13.52 6.87
CA ALA E 35 1.61 14.24 7.09
C ALA E 35 2.81 13.32 6.90
N SER E 36 4.01 13.88 7.10
CA SER E 36 5.26 13.15 6.99
C SER E 36 6.00 13.16 8.32
N VAL E 37 6.77 12.10 8.56
CA VAL E 37 7.56 11.96 9.77
C VAL E 37 8.92 11.38 9.40
N LYS E 38 9.94 11.74 10.18
CA LYS E 38 11.31 11.33 9.91
C LYS E 38 11.92 10.72 11.17
N LEU E 39 12.26 9.43 11.10
CA LEU E 39 12.86 8.72 12.21
C LEU E 39 14.36 8.61 12.02
N SER E 40 15.08 8.59 13.15
CA SER E 40 16.53 8.59 13.19
C SER E 40 17.01 7.32 13.88
N CYS E 41 18.23 6.91 13.54
CA CYS E 41 18.83 5.72 14.15
C CYS E 41 20.35 5.93 14.16
N THR E 42 20.89 6.28 15.33
CA THR E 42 22.32 6.49 15.49
C THR E 42 22.98 5.20 15.95
N ALA E 43 24.04 4.80 15.25
CA ALA E 43 24.74 3.54 15.51
C ALA E 43 26.08 3.80 16.19
N SER E 44 26.39 2.97 17.18
CA SER E 44 27.70 2.96 17.83
C SER E 44 28.21 1.53 17.89
N GLY E 45 29.54 1.39 17.95
CA GLY E 45 30.18 0.10 17.98
C GLY E 45 30.47 -0.51 16.62
N PHE E 46 30.13 0.19 15.54
CA PHE E 46 30.41 -0.28 14.19
C PHE E 46 30.20 0.89 13.24
N ASN E 47 30.68 0.73 12.02
CA ASN E 47 30.53 1.72 10.96
C ASN E 47 29.41 1.28 10.02
N ILE E 48 28.42 2.17 9.81
CA ILE E 48 27.29 1.79 8.96
C ILE E 48 27.71 1.64 7.50
N LYS E 49 28.84 2.21 7.11
CA LYS E 49 29.34 2.02 5.75
C LYS E 49 29.62 0.57 5.44
N ASP E 50 29.82 -0.28 6.45
CA ASP E 50 30.23 -1.65 6.25
C ASP E 50 29.06 -2.64 6.24
N HIS E 51 27.83 -2.16 6.30
CA HIS E 51 26.70 -3.05 6.52
C HIS E 51 25.48 -2.51 5.78
N PHE E 52 24.36 -3.19 5.96
CA PHE E 52 23.04 -2.74 5.51
C PHE E 52 22.23 -2.33 6.73
N MET E 53 21.61 -1.15 6.66
CA MET E 53 20.65 -0.72 7.67
C MET E 53 19.25 -0.97 7.12
N HIS E 54 18.47 -1.78 7.83
CA HIS E 54 17.10 -2.06 7.45
C HIS E 54 16.12 -1.34 8.38
N TRP E 55 14.90 -1.17 7.89
CA TRP E 55 13.79 -0.68 8.71
C TRP E 55 12.67 -1.71 8.69
N VAL E 56 12.13 -2.00 9.86
CA VAL E 56 11.09 -3.01 10.01
C VAL E 56 9.92 -2.39 10.75
N LYS E 57 8.71 -2.75 10.33
CA LYS E 57 7.47 -2.23 10.89
C LYS E 57 6.82 -3.31 11.75
N GLN E 58 6.46 -2.95 12.98
CA GLN E 58 5.83 -3.88 13.92
C GLN E 58 4.50 -3.27 14.39
N ARG E 59 3.41 -4.01 14.20
CA ARG E 59 2.08 -3.54 14.59
C ARG E 59 1.31 -4.62 15.32
N THR E 60 0.11 -4.24 15.70
CA THR E 60 -0.77 -5.08 16.52
C THR E 60 -1.19 -6.32 15.73
N ALA E 61 -0.71 -7.47 16.20
CA ALA E 61 -1.12 -8.79 15.73
C ALA E 61 -0.93 -8.97 14.22
N GLN E 62 -0.42 -7.95 13.53
CA GLN E 62 -0.06 -8.06 12.14
C GLN E 62 1.42 -8.36 11.94
N GLY E 63 2.14 -8.65 13.02
CA GLY E 63 3.49 -9.17 12.89
C GLY E 63 4.48 -8.11 12.44
N LEU E 64 5.42 -8.53 11.61
CA LEU E 64 6.53 -7.71 11.17
C LEU E 64 6.52 -7.59 9.66
N GLU E 65 6.84 -6.39 9.17
CA GLU E 65 6.94 -6.13 7.74
C GLU E 65 8.30 -5.48 7.47
N TRP E 66 9.06 -6.06 6.55
CA TRP E 66 10.26 -5.41 6.07
C TRP E 66 9.90 -4.19 5.24
N ILE E 67 10.50 -3.05 5.55
CA ILE E 67 10.23 -1.83 4.79
C ILE E 67 11.27 -1.62 3.70
N GLY E 68 12.54 -1.67 4.06
CA GLY E 68 13.59 -1.49 3.08
C GLY E 68 14.94 -1.52 3.73
N ARG E 69 15.95 -1.19 2.94
CA ARG E 69 17.32 -1.20 3.41
C ARG E 69 18.10 -0.11 2.68
N ILE E 70 19.24 0.26 3.24
CA ILE E 70 20.16 1.18 2.58
C ILE E 70 21.57 0.62 2.72
N ASP E 71 22.34 0.77 1.65
CA ASP E 71 23.79 0.59 1.69
C ASP E 71 24.42 1.97 1.88
N PRO E 72 24.83 2.33 3.10
CA PRO E 72 25.32 3.69 3.35
C PRO E 72 26.59 4.04 2.59
N GLU E 73 27.34 3.05 2.10
CA GLU E 73 28.60 3.34 1.42
C GLU E 73 28.36 4.01 0.07
N ASP E 74 27.35 3.57 -0.67
CA ASP E 74 27.00 4.16 -1.95
C ASP E 74 25.59 4.74 -1.99
N GLY E 75 24.83 4.63 -0.90
CA GLY E 75 23.50 5.21 -0.84
C GLY E 75 22.41 4.42 -1.53
N GLU E 76 22.71 3.26 -2.09
CA GLU E 76 21.69 2.49 -2.80
C GLU E 76 20.67 1.92 -1.83
N THR E 77 19.40 2.04 -2.19
CA THR E 77 18.30 1.56 -1.37
C THR E 77 17.52 0.49 -2.11
N LYS E 78 16.72 -0.26 -1.34
CA LYS E 78 15.76 -1.21 -1.87
C LYS E 78 14.58 -1.24 -0.91
N TYR E 79 13.37 -1.29 -1.44
CA TYR E 79 12.17 -1.22 -0.64
C TYR E 79 11.24 -2.39 -0.97
N ALA E 80 10.44 -2.78 0.02
CA ALA E 80 9.36 -3.71 -0.25
C ALA E 80 8.31 -3.02 -1.11
N PRO E 81 7.63 -3.77 -1.99
CA PRO E 81 6.63 -3.15 -2.88
C PRO E 81 5.64 -2.25 -2.18
N LYS E 82 5.16 -2.63 -1.00
CA LYS E 82 4.13 -1.84 -0.33
C LYS E 82 4.64 -0.48 0.13
N PHE E 83 5.96 -0.29 0.20
CA PHE E 83 6.53 0.93 0.75
C PHE E 83 7.22 1.80 -0.28
N GLN E 84 7.24 1.37 -1.55
CA GLN E 84 8.02 2.06 -2.56
C GLN E 84 7.67 3.55 -2.64
N GLY E 85 6.40 3.89 -2.48
CA GLY E 85 5.97 5.26 -2.69
C GLY E 85 5.77 6.09 -1.43
N THR E 86 5.89 5.47 -0.26
CA THR E 86 5.71 6.17 1.00
C THR E 86 6.92 6.15 1.91
N ALA E 87 7.93 5.32 1.62
CA ALA E 87 9.13 5.25 2.44
C ALA E 87 10.32 5.80 1.66
N THR E 88 11.18 6.53 2.37
CA THR E 88 12.44 7.03 1.81
C THR E 88 13.51 6.83 2.87
N ILE E 89 14.33 5.81 2.70
CA ILE E 89 15.40 5.51 3.65
C ILE E 89 16.66 6.26 3.20
N THR E 90 17.33 6.90 4.16
CA THR E 90 18.51 7.69 3.86
C THR E 90 19.50 7.53 5.00
N ALA E 91 20.76 7.90 4.74
CA ALA E 91 21.80 7.68 5.74
C ALA E 91 22.85 8.78 5.65
N ASP E 92 23.45 9.08 6.79
CA ASP E 92 24.53 10.07 6.91
C ASP E 92 25.71 9.39 7.61
N THR E 93 26.79 9.16 6.88
CA THR E 93 27.90 8.39 7.43
C THR E 93 28.77 9.22 8.37
N SER E 94 28.83 10.55 8.19
CA SER E 94 29.64 11.36 9.08
C SER E 94 29.11 11.30 10.51
N SER E 95 27.79 11.23 10.67
CA SER E 95 27.17 11.07 11.98
C SER E 95 26.79 9.63 12.29
N ASN E 96 27.08 8.69 11.38
CA ASN E 96 26.79 7.26 11.56
C ASN E 96 25.32 7.04 11.90
N THR E 97 24.44 7.64 11.09
CA THR E 97 23.01 7.66 11.37
C THR E 97 22.23 7.28 10.12
N ALA E 98 21.23 6.43 10.29
CA ALA E 98 20.29 6.08 9.24
C ALA E 98 18.93 6.71 9.55
N TYR E 99 18.21 7.08 8.48
CA TYR E 99 16.92 7.74 8.62
C TYR E 99 15.86 7.00 7.83
N LEU E 100 14.62 7.08 8.33
CA LEU E 100 13.44 6.57 7.64
C LEU E 100 12.41 7.69 7.58
N GLN E 101 12.00 8.06 6.38
CA GLN E 101 10.98 9.08 6.17
C GLN E 101 9.73 8.42 5.62
N LEU E 102 8.63 8.55 6.35
CA LEU E 102 7.34 8.02 5.94
C LEU E 102 6.42 9.18 5.61
N SER E 103 5.84 9.16 4.41
CA SER E 103 4.95 10.21 3.94
C SER E 103 3.55 9.66 3.75
N SER E 104 2.57 10.59 3.71
CA SER E 104 1.17 10.27 3.46
C SER E 104 0.63 9.27 4.49
N LEU E 105 0.84 9.60 5.77
CA LEU E 105 0.54 8.67 6.84
C LEU E 105 -0.97 8.54 7.03
N THR E 106 -1.38 7.34 7.45
CA THR E 106 -2.76 7.02 7.80
C THR E 106 -2.77 6.35 9.17
N SER E 107 -3.96 5.98 9.64
CA SER E 107 -4.08 5.22 10.88
C SER E 107 -3.52 3.81 10.74
N GLU E 108 -3.41 3.30 9.50
CA GLU E 108 -2.82 2.00 9.28
C GLU E 108 -1.32 2.01 9.58
N ASP E 109 -0.67 3.16 9.49
CA ASP E 109 0.76 3.27 9.72
C ASP E 109 1.11 3.52 11.19
N THR E 110 0.15 3.40 12.10
CA THR E 110 0.44 3.44 13.52
C THR E 110 1.18 2.17 13.93
N ALA E 111 2.44 2.32 14.34
CA ALA E 111 3.31 1.17 14.50
C ALA E 111 4.54 1.55 15.30
N VAL E 112 5.24 0.53 15.78
CA VAL E 112 6.61 0.66 16.26
C VAL E 112 7.52 0.36 15.08
N TYR E 113 8.41 1.31 14.77
CA TYR E 113 9.33 1.16 13.65
C TYR E 113 10.72 0.86 14.18
N TYR E 114 11.25 -0.30 13.81
CA TYR E 114 12.54 -0.76 14.29
C TYR E 114 13.60 -0.51 13.24
N CYS E 115 14.79 -0.15 13.70
CA CYS E 115 15.98 -0.02 12.88
C CYS E 115 16.88 -1.21 13.16
N ALA E 116 17.37 -1.85 12.11
CA ALA E 116 18.12 -3.10 12.26
C ALA E 116 19.31 -3.10 11.30
N ARG E 117 20.36 -3.82 11.69
CA ARG E 117 21.55 -4.00 10.88
C ARG E 117 21.73 -5.47 10.53
N SER E 118 22.14 -5.74 9.29
CA SER E 118 22.41 -7.10 8.85
C SER E 118 23.60 -7.69 9.59
N GLY E 119 23.72 -9.02 9.52
CA GLY E 119 24.82 -9.73 10.16
C GLY E 119 26.18 -9.38 9.58
N SER E 120 26.32 -9.58 8.26
CA SER E 120 27.56 -9.30 7.56
C SER E 120 27.23 -9.18 6.09
N VAL E 121 28.26 -8.93 5.28
CA VAL E 121 28.06 -8.91 3.82
C VAL E 121 27.46 -10.23 3.35
N SER E 122 27.80 -11.33 4.02
CA SER E 122 27.33 -12.65 3.65
C SER E 122 26.29 -13.20 4.63
N SER E 123 25.75 -12.37 5.51
CA SER E 123 24.70 -12.77 6.46
C SER E 123 23.57 -11.75 6.41
N PRO E 124 22.58 -11.96 5.55
CA PRO E 124 21.61 -10.88 5.28
C PRO E 124 20.56 -10.68 6.35
N TRP E 125 20.39 -11.60 7.29
CA TRP E 125 19.35 -11.48 8.30
C TRP E 125 19.65 -10.33 9.27
N PHE E 126 18.63 -9.94 10.04
CA PHE E 126 18.77 -8.85 11.01
C PHE E 126 19.50 -9.36 12.25
N ALA E 127 20.62 -8.71 12.58
CA ALA E 127 21.49 -9.16 13.66
C ALA E 127 21.49 -8.26 14.89
N TYR E 128 21.16 -6.97 14.74
CA TYR E 128 21.10 -6.04 15.85
C TYR E 128 20.00 -5.03 15.58
N TRP E 129 19.25 -4.70 16.64
CA TRP E 129 18.07 -3.86 16.52
C TRP E 129 18.18 -2.64 17.41
N GLY E 130 17.53 -1.56 17.00
CA GLY E 130 17.28 -0.44 17.87
C GLY E 130 16.14 -0.75 18.84
N GLN E 131 15.85 0.23 19.70
CA GLN E 131 14.81 0.03 20.70
C GLN E 131 13.41 0.19 20.12
N GLY E 132 13.29 0.71 18.91
CA GLY E 132 12.00 0.99 18.30
C GLY E 132 11.56 2.43 18.52
N THR E 133 10.81 2.94 17.55
CA THR E 133 10.22 4.28 17.63
C THR E 133 8.75 4.15 17.29
N LEU E 134 7.88 4.41 18.27
CA LEU E 134 6.44 4.34 18.03
C LEU E 134 5.96 5.60 17.31
N VAL E 135 5.19 5.41 16.26
CA VAL E 135 4.58 6.52 15.51
C VAL E 135 3.07 6.36 15.60
N THR E 136 2.43 7.28 16.31
CA THR E 136 0.97 7.31 16.43
C THR E 136 0.41 8.34 15.45
N VAL E 137 -0.49 7.90 14.58
CA VAL E 137 -1.13 8.77 13.61
C VAL E 137 -2.58 9.00 14.03
N SER E 138 -2.90 10.26 14.34
CA SER E 138 -4.24 10.60 14.80
C SER E 138 -4.42 12.11 14.68
N ALA E 139 -5.69 12.52 14.55
CA ALA E 139 -6.04 13.93 14.55
C ALA E 139 -6.50 14.44 15.90
N ALA E 140 -6.49 13.58 16.92
CA ALA E 140 -7.07 13.92 18.21
C ALA E 140 -6.27 15.01 18.90
N LYS E 141 -6.96 15.76 19.77
CA LYS E 141 -6.35 16.78 20.61
C LYS E 141 -6.04 16.22 21.98
N THR E 142 -5.01 16.78 22.62
CA THR E 142 -4.66 16.39 23.98
C THR E 142 -5.85 16.65 24.91
N THR E 143 -6.33 15.60 25.57
CA THR E 143 -7.53 15.65 26.40
C THR E 143 -7.25 14.99 27.73
N ALA E 144 -7.57 15.67 28.83
CA ALA E 144 -7.38 15.11 30.15
C ALA E 144 -8.44 14.05 30.43
N PRO E 145 -8.11 13.04 31.23
CA PRO E 145 -9.06 11.95 31.47
C PRO E 145 -10.11 12.31 32.53
N SER E 146 -11.17 11.51 32.54
CA SER E 146 -12.21 11.57 33.57
C SER E 146 -12.14 10.28 34.38
N VAL E 147 -11.95 10.40 35.69
CA VAL E 147 -11.74 9.27 36.58
C VAL E 147 -12.99 9.08 37.42
N TYR E 148 -13.52 7.85 37.42
CA TYR E 148 -14.76 7.54 38.11
C TYR E 148 -14.55 6.40 39.09
N PRO E 149 -14.86 6.57 40.37
CA PRO E 149 -14.74 5.47 41.33
C PRO E 149 -15.90 4.50 41.22
N LEU E 150 -15.58 3.21 41.12
CA LEU E 150 -16.58 2.15 40.97
C LEU E 150 -16.63 1.33 42.25
N ALA E 151 -17.73 1.48 43.00
CA ALA E 151 -17.99 0.81 44.26
C ALA E 151 -18.90 -0.39 44.04
N PRO E 152 -18.86 -1.37 44.95
CA PRO E 152 -19.58 -2.63 44.70
C PRO E 152 -20.94 -2.74 45.40
N VAL E 153 -22.01 -2.75 44.62
CA VAL E 153 -23.27 -3.26 45.13
C VAL E 153 -23.76 -4.33 44.16
N GLY E 159 -18.37 -13.40 49.00
CA GLY E 159 -18.34 -12.78 50.31
C GLY E 159 -16.94 -12.69 50.89
N SER E 160 -16.06 -13.59 50.45
CA SER E 160 -14.68 -13.58 50.94
C SER E 160 -13.95 -12.31 50.54
N SER E 161 -14.11 -11.89 49.28
CA SER E 161 -13.41 -10.75 48.74
C SER E 161 -14.40 -9.69 48.26
N VAL E 162 -13.86 -8.54 47.90
CA VAL E 162 -14.62 -7.43 47.33
C VAL E 162 -13.77 -6.80 46.24
N THR E 163 -14.40 -6.50 45.11
CA THR E 163 -13.71 -5.92 43.95
C THR E 163 -14.11 -4.47 43.80
N LEU E 164 -13.12 -3.60 43.63
CA LEU E 164 -13.35 -2.19 43.36
C LEU E 164 -12.80 -1.83 41.99
N GLY E 165 -13.46 -0.90 41.33
CA GLY E 165 -13.12 -0.54 39.97
C GLY E 165 -12.74 0.93 39.88
N CYS E 166 -11.92 1.25 38.87
CA CYS E 166 -11.57 2.62 38.55
C CYS E 166 -11.69 2.79 37.04
N LEU E 167 -12.50 3.76 36.62
CA LEU E 167 -12.80 3.99 35.22
C LEU E 167 -12.14 5.28 34.76
N VAL E 168 -11.20 5.17 33.84
CA VAL E 168 -10.50 6.32 33.27
C VAL E 168 -10.95 6.44 31.81
N LYS E 169 -11.69 7.50 31.50
CA LYS E 169 -12.36 7.61 30.21
C LYS E 169 -12.09 8.95 29.55
N GLY E 170 -11.85 8.91 28.24
CA GLY E 170 -11.81 10.09 27.41
C GLY E 170 -10.52 10.89 27.44
N TYR E 171 -9.38 10.20 27.35
CA TYR E 171 -8.09 10.86 27.39
C TYR E 171 -7.33 10.62 26.09
N PHE E 172 -6.41 11.55 25.80
CA PHE E 172 -5.52 11.47 24.66
C PHE E 172 -4.35 12.41 24.91
N PRO E 173 -3.11 12.01 24.60
CA PRO E 173 -2.76 10.69 24.09
C PRO E 173 -2.35 9.71 25.19
N GLU E 174 -1.94 8.51 24.79
CA GLU E 174 -1.41 7.54 25.73
C GLU E 174 -0.02 7.97 26.19
N PRO E 175 0.43 7.49 27.37
CA PRO E 175 -0.27 6.62 28.31
C PRO E 175 -0.86 7.34 29.54
N VAL E 176 -1.49 6.56 30.40
CA VAL E 176 -1.89 6.98 31.73
C VAL E 176 -1.39 5.95 32.71
N THR E 177 -1.00 6.39 33.90
CA THR E 177 -0.56 5.51 34.96
C THR E 177 -1.67 5.42 35.99
N LEU E 178 -2.11 4.19 36.29
CA LEU E 178 -3.13 3.95 37.31
C LEU E 178 -2.48 3.19 38.46
N THR E 179 -2.52 3.79 39.65
CA THR E 179 -2.02 3.16 40.85
C THR E 179 -3.16 2.92 41.83
N TRP E 180 -2.93 2.04 42.80
CA TRP E 180 -3.89 1.77 43.87
C TRP E 180 -3.18 1.98 45.19
N ASN E 181 -3.50 3.07 45.88
CA ASN E 181 -2.94 3.42 47.19
C ASN E 181 -1.48 3.86 47.07
N SER E 182 -1.15 4.58 46.00
CA SER E 182 0.06 5.38 45.74
C SER E 182 1.28 4.73 45.05
N GLY E 183 1.33 3.44 44.71
CA GLY E 183 0.35 2.39 44.93
C GLY E 183 0.85 1.34 45.92
N SER E 184 0.27 1.35 47.12
CA SER E 184 0.69 0.41 48.16
C SER E 184 0.17 -1.00 47.90
N LEU E 185 -0.99 -1.14 47.27
CA LEU E 185 -1.56 -2.46 47.02
C LEU E 185 -0.72 -3.27 46.05
N SER E 186 -0.85 -2.97 44.76
CA SER E 186 -0.04 -3.59 43.71
C SER E 186 -0.27 -5.10 43.63
N SER E 187 -1.32 -5.61 44.26
CA SER E 187 -1.61 -7.03 44.28
C SER E 187 -3.10 -7.22 44.16
N GLY E 188 -3.52 -8.24 43.40
CA GLY E 188 -4.92 -8.37 43.06
C GLY E 188 -5.42 -7.31 42.13
N VAL E 189 -4.52 -6.62 41.43
CA VAL E 189 -4.85 -5.51 40.54
C VAL E 189 -4.86 -6.01 39.11
N HIS E 190 -5.87 -5.59 38.35
CA HIS E 190 -5.98 -5.88 36.92
C HIS E 190 -6.30 -4.56 36.22
N THR E 191 -5.29 -3.97 35.57
CA THR E 191 -5.48 -2.78 34.76
C THR E 191 -5.53 -3.21 33.30
N PHE E 192 -6.68 -3.02 32.68
CA PHE E 192 -6.90 -3.58 31.35
C PHE E 192 -6.35 -2.65 30.27
N PRO E 193 -5.96 -3.21 29.13
CA PRO E 193 -5.40 -2.38 28.05
C PRO E 193 -6.37 -1.32 27.60
N ALA E 194 -5.83 -0.14 27.32
CA ALA E 194 -6.65 0.98 26.88
C ALA E 194 -7.26 0.70 25.52
N VAL E 195 -8.53 1.08 25.36
CA VAL E 195 -9.27 0.88 24.11
C VAL E 195 -9.66 2.25 23.58
N LEU E 196 -9.50 2.44 22.28
CA LEU E 196 -9.92 3.68 21.64
C LEU E 196 -11.44 3.78 21.63
N GLN E 197 -11.95 4.94 22.06
CA GLN E 197 -13.39 5.21 22.08
C GLN E 197 -13.61 6.54 21.37
N SER E 198 -13.86 6.46 20.06
CA SER E 198 -14.09 7.64 19.22
C SER E 198 -12.93 8.62 19.32
N ASP E 199 -11.73 8.10 19.08
CA ASP E 199 -10.45 8.82 19.07
C ASP E 199 -10.00 9.28 20.44
N LEU E 200 -10.64 8.82 21.51
CA LEU E 200 -10.17 9.05 22.87
C LEU E 200 -10.03 7.71 23.58
N TYR E 201 -8.95 7.56 24.34
CA TYR E 201 -8.67 6.28 24.98
C TYR E 201 -9.48 6.13 26.26
N THR E 202 -9.82 4.87 26.57
CA THR E 202 -10.59 4.55 27.76
C THR E 202 -9.98 3.30 28.40
N LEU E 203 -9.79 3.35 29.70
CA LEU E 203 -9.10 2.30 30.45
C LEU E 203 -9.95 1.89 31.65
N SER E 204 -9.73 0.67 32.11
CA SER E 204 -10.43 0.12 33.26
C SER E 204 -9.44 -0.59 34.16
N SER E 205 -9.64 -0.49 35.47
CA SER E 205 -8.78 -1.18 36.42
C SER E 205 -9.63 -1.78 37.54
N SER E 206 -9.21 -2.96 38.00
CA SER E 206 -9.89 -3.69 39.05
C SER E 206 -8.88 -4.09 40.12
N VAL E 207 -9.30 -4.06 41.37
CA VAL E 207 -8.48 -4.54 42.49
C VAL E 207 -9.38 -5.31 43.44
N THR E 208 -8.91 -6.48 43.88
CA THR E 208 -9.69 -7.37 44.74
C THR E 208 -8.94 -7.54 46.05
N VAL E 209 -9.60 -7.25 47.16
CA VAL E 209 -9.03 -7.38 48.49
C VAL E 209 -10.02 -8.15 49.36
N THR E 210 -9.54 -8.56 50.53
CA THR E 210 -10.40 -9.24 51.49
C THR E 210 -11.48 -8.29 51.99
N SER E 211 -12.55 -8.87 52.53
CA SER E 211 -13.67 -8.08 53.03
C SER E 211 -13.38 -7.41 54.36
N SER E 212 -12.44 -7.95 55.15
CA SER E 212 -12.03 -7.25 56.37
C SER E 212 -11.33 -5.95 56.04
N THR E 213 -10.66 -5.88 54.90
CA THR E 213 -9.94 -4.69 54.45
C THR E 213 -10.88 -3.51 54.24
N TRP E 214 -11.76 -3.62 53.24
CA TRP E 214 -12.65 -2.54 52.83
C TRP E 214 -14.02 -2.70 53.47
N PRO E 215 -14.71 -1.59 53.80
CA PRO E 215 -14.29 -0.20 53.62
C PRO E 215 -13.48 0.41 54.77
N SER E 216 -13.06 -0.42 55.73
CA SER E 216 -12.36 0.11 56.89
C SER E 216 -10.95 0.60 56.53
N GLN E 217 -10.27 -0.09 55.61
CA GLN E 217 -8.89 0.26 55.29
C GLN E 217 -8.78 1.46 54.36
N SER E 218 -9.84 1.78 53.61
CA SER E 218 -9.85 2.88 52.64
C SER E 218 -8.90 2.61 51.48
N ILE E 219 -9.38 2.75 50.24
CA ILE E 219 -8.60 2.47 49.04
C ILE E 219 -8.88 3.56 48.01
N THR E 220 -7.83 4.23 47.54
CA THR E 220 -7.91 5.32 46.58
C THR E 220 -7.31 4.91 45.26
N CYS E 221 -7.89 5.40 44.17
CA CYS E 221 -7.39 5.17 42.82
C CYS E 221 -6.71 6.44 42.32
N ASN E 222 -5.41 6.34 42.02
CA ASN E 222 -4.62 7.48 41.58
C ASN E 222 -4.27 7.30 40.11
N VAL E 223 -4.66 8.28 39.29
CA VAL E 223 -4.40 8.26 37.85
C VAL E 223 -3.61 9.53 37.50
N ALA E 224 -2.58 9.37 36.68
CA ALA E 224 -1.74 10.47 36.22
C ALA E 224 -1.69 10.47 34.70
N HIS E 225 -1.81 11.65 34.10
CA HIS E 225 -1.79 11.81 32.65
C HIS E 225 -0.86 12.96 32.30
N PRO E 226 0.41 12.66 32.02
CA PRO E 226 1.31 13.70 31.49
C PRO E 226 0.79 14.21 30.15
N ALA E 227 1.41 15.30 29.69
CA ALA E 227 0.95 16.09 28.55
C ALA E 227 -0.33 16.84 28.89
N SER E 228 -1.00 16.40 29.95
CA SER E 228 -2.03 17.19 30.62
C SER E 228 -1.59 17.68 31.99
N SER E 229 -0.54 17.08 32.56
CA SER E 229 -0.03 17.43 33.88
C SER E 229 -1.15 17.35 34.93
N THR E 230 -1.92 16.27 34.87
CA THR E 230 -3.04 16.04 35.80
C THR E 230 -2.75 14.78 36.61
N LYS E 231 -2.78 14.93 37.94
CA LYS E 231 -2.68 13.81 38.87
C LYS E 231 -3.90 13.90 39.79
N VAL E 232 -4.94 13.14 39.49
CA VAL E 232 -6.18 13.17 40.24
C VAL E 232 -6.30 11.86 41.03
N ASP E 233 -6.63 11.97 42.31
CA ASP E 233 -6.74 10.84 43.22
C ASP E 233 -8.18 10.72 43.66
N LYS E 234 -8.87 9.68 43.20
CA LYS E 234 -10.28 9.45 43.49
C LYS E 234 -10.40 8.23 44.39
N LYS E 235 -10.91 8.44 45.60
CA LYS E 235 -11.12 7.35 46.55
C LYS E 235 -12.50 6.74 46.36
N ILE E 236 -12.56 5.41 46.38
CA ILE E 236 -13.83 4.70 46.21
C ILE E 236 -14.59 4.72 47.54
N GLU E 237 -15.85 5.14 47.49
CA GLU E 237 -16.68 5.20 48.68
C GLU E 237 -17.84 4.21 48.59
N PRO E 238 -18.23 3.59 49.70
CA PRO E 238 -19.38 2.68 49.65
C PRO E 238 -20.64 3.43 49.25
N ARG E 239 -21.54 2.73 48.58
CA ARG E 239 -22.77 3.34 48.12
C ARG E 239 -23.83 3.37 49.22
N GLU F 23 6.66 -12.27 -5.35
CA GLU F 23 7.33 -12.31 -4.06
C GLU F 23 7.16 -13.67 -3.40
N THR F 24 8.09 -14.02 -2.52
CA THR F 24 8.03 -15.28 -1.79
C THR F 24 7.12 -15.13 -0.57
N THR F 25 6.03 -15.87 -0.55
CA THR F 25 5.11 -15.88 0.57
C THR F 25 5.54 -16.92 1.59
N VAL F 26 5.39 -16.59 2.87
CA VAL F 26 5.76 -17.47 3.97
C VAL F 26 4.51 -17.70 4.81
N THR F 27 4.01 -18.93 4.78
CA THR F 27 2.78 -19.29 5.48
C THR F 27 3.16 -20.01 6.78
N GLN F 28 2.99 -19.31 7.91
CA GLN F 28 3.37 -19.86 9.21
C GLN F 28 2.14 -20.39 9.92
N SER F 29 2.27 -21.59 10.50
CA SER F 29 1.18 -22.20 11.26
C SER F 29 1.78 -22.94 12.44
N PRO F 30 1.04 -23.09 13.54
CA PRO F 30 -0.27 -22.46 13.74
C PRO F 30 -0.11 -21.01 14.18
N ALA F 31 -1.20 -20.24 14.14
CA ALA F 31 -1.14 -18.85 14.58
C ALA F 31 -1.16 -18.75 16.11
N SER F 32 -1.95 -19.60 16.76
CA SER F 32 -2.05 -19.67 18.21
C SER F 32 -1.68 -21.07 18.67
N LEU F 33 -0.92 -21.14 19.77
CA LEU F 33 -0.51 -22.42 20.33
C LEU F 33 -0.34 -22.26 21.84
N SER F 34 -1.15 -23.00 22.61
CA SER F 34 -1.03 -23.04 24.06
C SER F 34 -0.50 -24.42 24.47
N MET F 35 0.67 -24.43 25.09
CA MET F 35 1.37 -25.67 25.43
C MET F 35 1.55 -25.78 26.93
N ALA F 36 1.36 -26.99 27.45
CA ALA F 36 1.68 -27.25 28.84
C ALA F 36 3.19 -27.21 29.05
N LEU F 37 3.60 -26.81 30.26
CA LEU F 37 5.01 -26.74 30.56
C LEU F 37 5.68 -28.09 30.41
N GLY F 38 6.80 -28.12 29.66
CA GLY F 38 7.54 -29.33 29.41
C GLY F 38 7.20 -30.05 28.12
N GLU F 39 6.13 -29.66 27.44
CA GLU F 39 5.73 -30.32 26.20
C GLU F 39 6.54 -29.80 25.02
N LYS F 40 6.46 -30.53 23.91
CA LYS F 40 7.18 -30.18 22.70
C LYS F 40 6.37 -29.18 21.86
N VAL F 41 7.02 -28.10 21.44
CA VAL F 41 6.42 -27.08 20.59
C VAL F 41 6.90 -27.31 19.17
N THR F 42 5.97 -27.31 18.22
CA THR F 42 6.31 -27.49 16.80
C THR F 42 5.59 -26.42 15.98
N ILE F 43 6.34 -25.66 15.19
CA ILE F 43 5.82 -24.61 14.33
C ILE F 43 6.31 -24.87 12.91
N ARG F 44 5.42 -24.66 11.93
CA ARG F 44 5.73 -24.91 10.53
C ARG F 44 5.71 -23.59 9.75
N CYS F 45 6.61 -23.46 8.78
CA CYS F 45 6.57 -22.37 7.81
C CYS F 45 6.71 -22.97 6.42
N ILE F 46 5.83 -22.56 5.51
CA ILE F 46 5.85 -23.00 4.13
C ILE F 46 6.11 -21.80 3.23
N THR F 47 7.11 -21.91 2.36
CA THR F 47 7.46 -20.84 1.44
C THR F 47 6.93 -21.16 0.04
N SER F 48 6.43 -20.13 -0.64
CA SER F 48 5.84 -20.31 -1.96
C SER F 48 6.87 -20.67 -3.02
N THR F 49 8.15 -20.41 -2.76
CA THR F 49 9.24 -20.76 -3.68
C THR F 49 10.34 -21.47 -2.91
N ASP F 50 11.27 -22.06 -3.64
CA ASP F 50 12.40 -22.76 -3.03
C ASP F 50 13.41 -21.74 -2.52
N ILE F 51 13.67 -21.77 -1.21
CA ILE F 51 14.61 -20.87 -0.56
C ILE F 51 15.81 -21.63 0.01
N ASP F 52 16.05 -22.86 -0.47
CA ASP F 52 17.05 -23.74 0.11
C ASP F 52 16.81 -23.88 1.60
N ASP F 53 17.76 -23.45 2.43
CA ASP F 53 17.57 -23.45 3.88
C ASP F 53 17.81 -22.06 4.46
N ASP F 54 17.49 -21.02 3.68
CA ASP F 54 17.73 -19.63 4.10
C ASP F 54 16.52 -19.09 4.85
N LEU F 55 16.16 -19.77 5.93
CA LEU F 55 15.10 -19.34 6.82
C LEU F 55 15.68 -19.00 8.18
N ASN F 56 15.12 -17.98 8.82
CA ASN F 56 15.57 -17.53 10.13
C ASN F 56 14.38 -17.45 11.05
N TRP F 57 14.63 -17.71 12.34
CA TRP F 57 13.57 -17.80 13.34
C TRP F 57 13.81 -16.76 14.42
N TYR F 58 12.84 -15.87 14.62
CA TYR F 58 12.92 -14.79 15.59
C TYR F 58 11.94 -15.01 16.72
N GLN F 59 12.38 -14.68 17.94
CA GLN F 59 11.52 -14.71 19.13
C GLN F 59 11.23 -13.28 19.54
N LEU F 60 9.94 -12.94 19.66
CA LEU F 60 9.50 -11.58 19.96
C LEU F 60 8.73 -11.56 21.27
N LYS F 61 9.23 -10.79 22.23
CA LYS F 61 8.59 -10.61 23.53
C LYS F 61 8.16 -9.17 23.72
N PRO F 62 7.13 -8.92 24.54
CA PRO F 62 6.67 -7.54 24.74
C PRO F 62 7.77 -6.65 25.29
N GLY F 63 7.80 -5.40 24.79
CA GLY F 63 8.77 -4.43 25.25
C GLY F 63 10.20 -4.72 24.84
N GLU F 64 10.42 -5.59 23.87
CA GLU F 64 11.74 -5.96 23.42
C GLU F 64 11.78 -6.02 21.89
N PRO F 65 12.91 -5.68 21.29
CA PRO F 65 13.08 -5.96 19.87
C PRO F 65 13.13 -7.46 19.62
N PRO F 66 12.84 -7.90 18.41
CA PRO F 66 12.93 -9.34 18.12
C PRO F 66 14.33 -9.87 18.39
N LYS F 67 14.39 -11.11 18.86
CA LYS F 67 15.65 -11.80 19.11
C LYS F 67 15.75 -12.98 18.16
N LEU F 68 16.90 -13.12 17.50
CA LEU F 68 17.10 -14.17 16.51
C LEU F 68 17.59 -15.43 17.21
N LEU F 69 16.80 -16.50 17.12
CA LEU F 69 17.15 -17.76 17.77
C LEU F 69 17.96 -18.67 16.85
N ILE F 70 17.57 -18.77 15.58
CA ILE F 70 18.18 -19.68 14.63
C ILE F 70 18.31 -18.95 13.29
N SER F 71 19.51 -18.94 12.72
CA SER F 71 19.77 -18.32 11.43
C SER F 71 19.85 -19.39 10.35
N GLU F 72 20.16 -18.95 9.13
CA GLU F 72 20.15 -19.80 7.94
C GLU F 72 20.90 -21.11 8.16
N GLY F 73 20.40 -22.17 7.54
CA GLY F 73 20.98 -23.48 7.74
C GLY F 73 20.75 -24.06 9.12
N ASN F 74 19.67 -23.68 9.79
CA ASN F 74 19.37 -24.16 11.12
C ASN F 74 20.51 -23.86 12.08
N THR F 75 21.14 -22.69 11.91
CA THR F 75 22.30 -22.32 12.72
C THR F 75 21.81 -21.73 14.04
N LEU F 76 22.02 -22.44 15.13
CA LEU F 76 21.68 -21.90 16.44
C LEU F 76 22.59 -20.72 16.77
N ARG F 77 21.99 -19.62 17.19
CA ARG F 77 22.78 -18.42 17.49
C ARG F 77 23.51 -18.58 18.81
N PRO F 78 24.62 -17.88 19.01
CA PRO F 78 25.38 -18.01 20.26
C PRO F 78 24.54 -17.64 21.48
N GLY F 79 24.57 -18.53 22.48
CA GLY F 79 23.85 -18.32 23.71
C GLY F 79 22.44 -18.88 23.74
N VAL F 80 21.86 -19.17 22.57
CA VAL F 80 20.51 -19.75 22.52
C VAL F 80 20.54 -21.17 23.08
N PRO F 81 19.59 -21.56 23.91
CA PRO F 81 19.62 -22.92 24.47
C PRO F 81 19.51 -24.00 23.41
N SER F 82 19.92 -25.20 23.79
CA SER F 82 19.91 -26.34 22.87
C SER F 82 18.51 -26.83 22.56
N ARG F 83 17.53 -26.58 23.44
CA ARG F 83 16.18 -27.07 23.23
C ARG F 83 15.53 -26.45 22.00
N PHE F 84 16.06 -25.33 21.51
CA PHE F 84 15.59 -24.76 20.26
C PHE F 84 16.24 -25.47 19.08
N SER F 85 15.43 -25.73 18.05
CA SER F 85 15.88 -26.54 16.93
C SER F 85 15.03 -26.20 15.71
N SER F 86 15.58 -26.47 14.54
CA SER F 86 14.84 -26.27 13.30
C SER F 86 15.39 -27.20 12.23
N SER F 87 14.57 -27.46 11.23
CA SER F 87 14.95 -28.30 10.11
C SER F 87 14.18 -27.84 8.88
N GLY F 88 14.52 -28.44 7.74
CA GLY F 88 13.84 -28.09 6.50
C GLY F 88 14.77 -27.57 5.42
N TYR F 89 14.48 -27.96 4.18
CA TYR F 89 15.25 -27.51 3.03
C TYR F 89 14.33 -27.52 1.81
N GLY F 90 14.14 -26.35 1.20
CA GLY F 90 13.26 -26.25 0.05
C GLY F 90 12.06 -25.35 0.29
N THR F 91 10.95 -25.93 0.74
CA THR F 91 9.70 -25.19 0.92
C THR F 91 9.04 -25.47 2.28
N ASP F 92 9.31 -26.64 2.88
CA ASP F 92 8.67 -27.04 4.13
C ASP F 92 9.68 -26.99 5.26
N PHE F 93 9.40 -26.16 6.28
CA PHE F 93 10.34 -25.91 7.36
C PHE F 93 9.67 -26.07 8.72
N VAL F 94 10.44 -26.57 9.68
CA VAL F 94 9.95 -26.82 11.03
C VAL F 94 10.82 -26.08 12.04
N PHE F 95 10.20 -25.70 13.15
CA PHE F 95 10.85 -25.08 14.29
C PHE F 95 10.35 -25.82 15.53
N THR F 96 11.26 -26.19 16.42
CA THR F 96 10.91 -27.04 17.55
C THR F 96 11.53 -26.53 18.82
N ILE F 97 10.70 -26.37 19.86
CA ILE F 97 11.17 -26.24 21.23
C ILE F 97 10.97 -27.59 21.88
N GLU F 98 12.07 -28.26 22.22
CA GLU F 98 11.99 -29.64 22.69
C GLU F 98 11.18 -29.75 23.98
N ASN F 99 11.41 -28.83 24.92
CA ASN F 99 10.70 -28.85 26.19
C ASN F 99 10.27 -27.44 26.53
N MET F 100 8.95 -27.24 26.59
CA MET F 100 8.40 -25.92 26.84
C MET F 100 8.76 -25.42 28.24
N LEU F 101 9.29 -24.21 28.31
CA LEU F 101 9.56 -23.53 29.55
C LEU F 101 8.76 -22.23 29.62
N SER F 102 8.65 -21.69 30.83
CA SER F 102 7.80 -20.51 31.02
C SER F 102 8.33 -19.29 30.29
N GLU F 103 9.65 -19.15 30.20
CA GLU F 103 10.24 -18.02 29.49
C GLU F 103 10.14 -18.15 27.97
N ASP F 104 9.59 -19.25 27.47
CA ASP F 104 9.40 -19.44 26.04
C ASP F 104 8.07 -18.87 25.56
N VAL F 105 7.25 -18.33 26.45
CA VAL F 105 6.02 -17.65 26.06
C VAL F 105 6.43 -16.37 25.32
N ALA F 106 6.14 -16.32 24.03
CA ALA F 106 6.55 -15.20 23.17
C ALA F 106 5.83 -15.34 21.83
N ASP F 107 6.09 -14.38 20.95
CA ASP F 107 5.71 -14.49 19.55
C ASP F 107 6.91 -14.97 18.76
N TYR F 108 6.68 -15.86 17.81
CA TYR F 108 7.75 -16.42 16.99
C TYR F 108 7.44 -16.17 15.52
N TYR F 109 8.44 -15.67 14.79
CA TYR F 109 8.31 -15.35 13.38
C TYR F 109 9.45 -16.01 12.61
N CYS F 110 9.12 -16.64 11.49
CA CYS F 110 10.14 -17.05 10.54
C CYS F 110 10.34 -15.94 9.52
N LEU F 111 11.55 -15.86 8.98
CA LEU F 111 11.90 -14.86 7.98
C LEU F 111 12.79 -15.48 6.93
N GLN F 112 12.41 -15.34 5.67
CA GLN F 112 13.23 -15.85 4.58
C GLN F 112 14.29 -14.83 4.19
N SER F 113 15.53 -15.29 4.09
CA SER F 113 16.70 -14.50 3.72
C SER F 113 17.22 -14.86 2.32
N ASP F 114 16.38 -15.49 1.51
CA ASP F 114 16.81 -16.00 0.22
C ASP F 114 16.73 -14.96 -0.88
N ASN F 115 15.78 -14.05 -0.82
CA ASN F 115 15.61 -13.07 -1.89
C ASN F 115 14.83 -11.87 -1.38
N LEU F 116 14.89 -10.78 -2.14
CA LEU F 116 14.12 -9.60 -1.81
C LEU F 116 12.79 -9.59 -2.57
N PRO F 117 11.72 -9.05 -1.96
CA PRO F 117 11.70 -8.47 -0.62
C PRO F 117 11.76 -9.51 0.49
N LEU F 118 12.46 -9.20 1.58
CA LEU F 118 12.43 -10.08 2.75
C LEU F 118 11.02 -10.12 3.32
N THR F 119 10.58 -11.31 3.71
CA THR F 119 9.22 -11.53 4.17
C THR F 119 9.22 -12.44 5.40
N PHE F 120 8.39 -12.09 6.39
CA PHE F 120 8.17 -12.92 7.56
C PHE F 120 6.90 -13.74 7.40
N GLY F 121 6.81 -14.81 8.17
CA GLY F 121 5.53 -15.46 8.39
C GLY F 121 4.63 -14.59 9.26
N ALA F 122 3.36 -14.97 9.32
CA ALA F 122 2.40 -14.18 10.08
C ALA F 122 2.62 -14.26 11.59
N GLY F 123 3.34 -15.27 12.06
CA GLY F 123 3.68 -15.36 13.47
C GLY F 123 2.95 -16.50 14.16
N THR F 124 3.51 -16.89 15.32
CA THR F 124 2.89 -17.87 16.20
C THR F 124 2.89 -17.29 17.61
N LYS F 125 1.71 -17.13 18.20
CA LYS F 125 1.58 -16.67 19.57
C LYS F 125 1.60 -17.89 20.49
N LEU F 126 2.69 -18.06 21.22
CA LEU F 126 2.88 -19.21 22.09
C LEU F 126 2.56 -18.80 23.53
N GLU F 127 1.53 -19.42 24.10
CA GLU F 127 1.10 -19.16 25.46
C GLU F 127 1.14 -20.45 26.27
N LEU F 128 0.86 -20.34 27.57
CA LEU F 128 0.98 -21.46 28.49
C LEU F 128 -0.38 -22.11 28.72
N LYS F 129 -0.39 -23.43 28.79
CA LYS F 129 -1.58 -24.20 29.12
C LYS F 129 -1.72 -24.31 30.63
N ARG F 130 -2.97 -24.35 31.09
CA ARG F 130 -3.27 -24.26 32.50
C ARG F 130 -4.54 -25.04 32.79
N ALA F 131 -4.77 -25.34 34.06
CA ALA F 131 -6.04 -25.93 34.45
C ALA F 131 -7.16 -24.93 34.20
N ASP F 132 -8.33 -25.46 33.86
CA ASP F 132 -9.51 -24.64 33.62
C ASP F 132 -9.96 -23.96 34.91
N ALA F 133 -10.21 -22.66 34.83
CA ALA F 133 -10.65 -21.88 35.98
C ALA F 133 -11.82 -21.00 35.57
N ALA F 134 -12.85 -20.97 36.42
CA ALA F 134 -14.02 -20.16 36.16
C ALA F 134 -13.75 -18.70 36.54
N PRO F 135 -14.36 -17.75 35.81
CA PRO F 135 -14.12 -16.34 36.12
C PRO F 135 -14.91 -15.87 37.32
N THR F 136 -14.29 -14.98 38.08
CA THR F 136 -14.96 -14.22 39.12
C THR F 136 -15.52 -12.95 38.49
N VAL F 137 -16.83 -12.76 38.56
CA VAL F 137 -17.52 -11.72 37.80
C VAL F 137 -18.14 -10.73 38.77
N SER F 138 -17.89 -9.44 38.53
CA SER F 138 -18.44 -8.37 39.35
C SER F 138 -18.98 -7.28 38.42
N ILE F 139 -20.19 -6.81 38.69
CA ILE F 139 -20.84 -5.77 37.90
C ILE F 139 -20.88 -4.50 38.73
N PHE F 140 -20.66 -3.36 38.06
CA PHE F 140 -20.55 -2.06 38.73
C PHE F 140 -21.48 -1.06 38.07
N PRO F 141 -22.47 -0.54 38.77
CA PRO F 141 -23.32 0.53 38.22
C PRO F 141 -22.50 1.79 37.99
N PRO F 142 -23.01 2.74 37.21
CA PRO F 142 -22.25 3.97 36.96
C PRO F 142 -22.00 4.76 38.24
N SER F 143 -20.87 5.46 38.26
CA SER F 143 -20.51 6.26 39.42
C SER F 143 -21.40 7.51 39.51
N SER F 144 -21.36 8.15 40.68
CA SER F 144 -22.19 9.32 40.90
C SER F 144 -21.77 10.49 40.02
N GLU F 145 -20.45 10.72 39.90
CA GLU F 145 -19.97 11.84 39.09
C GLU F 145 -20.28 11.63 37.62
N GLN F 146 -20.12 10.40 37.12
CA GLN F 146 -20.45 10.12 35.73
C GLN F 146 -21.92 10.43 35.44
N LEU F 147 -22.81 9.93 36.31
CA LEU F 147 -24.22 10.27 36.16
C LEU F 147 -24.44 11.77 36.30
N THR F 148 -23.63 12.46 37.11
CA THR F 148 -23.71 13.91 37.13
C THR F 148 -23.18 14.51 35.84
N SER F 149 -22.17 13.88 35.23
CA SER F 149 -21.55 14.40 34.01
C SER F 149 -22.49 14.33 32.81
N GLY F 150 -23.49 13.46 32.83
CA GLY F 150 -24.40 13.30 31.71
C GLY F 150 -24.28 11.99 30.98
N GLY F 151 -23.31 11.15 31.32
CA GLY F 151 -23.16 9.84 30.73
C GLY F 151 -23.26 8.75 31.79
N ALA F 152 -23.44 7.51 31.32
CA ALA F 152 -23.59 6.38 32.22
C ALA F 152 -22.96 5.15 31.59
N SER F 153 -21.89 4.64 32.19
CA SER F 153 -21.23 3.44 31.72
C SER F 153 -21.32 2.36 32.80
N VAL F 154 -21.63 1.14 32.37
CA VAL F 154 -21.70 -0.01 33.26
C VAL F 154 -20.52 -0.92 32.98
N VAL F 155 -19.74 -1.21 34.01
CA VAL F 155 -18.51 -1.99 33.88
C VAL F 155 -18.72 -3.36 34.51
N CYS F 156 -18.20 -4.39 33.84
CA CYS F 156 -18.25 -5.76 34.33
C CYS F 156 -16.85 -6.33 34.28
N PHE F 157 -16.39 -6.87 35.41
CA PHE F 157 -15.07 -7.46 35.52
C PHE F 157 -15.20 -8.98 35.53
N LEU F 158 -14.30 -9.65 34.81
CA LEU F 158 -14.22 -11.11 34.77
C LEU F 158 -12.77 -11.49 34.97
N ASN F 159 -12.42 -11.95 36.18
CA ASN F 159 -11.04 -12.03 36.61
C ASN F 159 -10.59 -13.47 36.81
N ASN F 160 -9.37 -13.76 36.34
CA ASN F 160 -8.63 -14.99 36.65
C ASN F 160 -9.39 -16.24 36.18
N PHE F 161 -9.61 -16.29 34.87
CA PHE F 161 -10.23 -17.46 34.25
C PHE F 161 -9.30 -18.04 33.19
N TYR F 162 -9.52 -19.32 32.88
CA TYR F 162 -8.81 -20.03 31.84
C TYR F 162 -9.75 -21.13 31.35
N PRO F 163 -9.83 -21.35 30.01
CA PRO F 163 -9.06 -20.69 28.96
C PRO F 163 -9.56 -19.30 28.56
N LYS F 164 -8.86 -18.70 27.61
CA LYS F 164 -8.99 -17.28 27.32
C LYS F 164 -10.39 -16.93 26.82
N ASP F 165 -10.90 -17.66 25.84
CA ASP F 165 -12.14 -17.28 25.18
C ASP F 165 -13.34 -17.45 26.09
N ILE F 166 -14.25 -16.49 26.04
CA ILE F 166 -15.42 -16.45 26.92
C ILE F 166 -16.49 -15.62 26.26
N ASN F 167 -17.75 -16.01 26.47
CA ASN F 167 -18.91 -15.30 25.94
C ASN F 167 -19.49 -14.40 27.02
N VAL F 168 -19.71 -13.13 26.67
CA VAL F 168 -20.24 -12.15 27.62
C VAL F 168 -21.41 -11.44 26.96
N LYS F 169 -22.58 -11.49 27.60
CA LYS F 169 -23.78 -10.81 27.13
C LYS F 169 -24.22 -9.76 28.13
N TRP F 170 -24.78 -8.67 27.60
CA TRP F 170 -25.36 -7.60 28.40
C TRP F 170 -26.87 -7.56 28.17
N LYS F 171 -27.62 -7.40 29.25
CA LYS F 171 -29.08 -7.37 29.18
C LYS F 171 -29.58 -6.13 29.93
N ILE F 172 -30.27 -5.24 29.21
CA ILE F 172 -30.77 -4.01 29.82
C ILE F 172 -32.14 -4.21 30.46
N ASP F 173 -32.89 -5.23 30.07
CA ASP F 173 -34.12 -5.60 30.76
C ASP F 173 -34.54 -7.00 30.29
N GLY F 174 -33.69 -7.99 30.55
CA GLY F 174 -33.88 -9.30 29.98
C GLY F 174 -33.63 -9.39 28.50
N SER F 175 -33.49 -8.26 27.82
CA SER F 175 -33.24 -8.22 26.37
C SER F 175 -31.76 -7.97 26.13
N GLU F 176 -31.17 -8.77 25.24
CA GLU F 176 -29.77 -8.62 24.92
C GLU F 176 -29.50 -7.25 24.30
N ARG F 177 -28.40 -6.64 24.71
CA ARG F 177 -27.94 -5.38 24.14
C ARG F 177 -26.54 -5.60 23.59
N GLN F 178 -26.37 -5.37 22.29
CA GLN F 178 -25.10 -5.60 21.63
C GLN F 178 -24.36 -4.31 21.31
N ASN F 179 -25.07 -3.19 21.12
CA ASN F 179 -24.43 -1.94 20.74
C ASN F 179 -23.92 -1.21 21.97
N GLY F 180 -22.74 -0.60 21.84
CA GLY F 180 -22.15 0.15 22.93
C GLY F 180 -21.37 -0.67 23.93
N VAL F 181 -20.83 -1.81 23.50
CA VAL F 181 -20.09 -2.71 24.38
C VAL F 181 -18.66 -2.79 23.90
N LEU F 182 -17.71 -2.46 24.77
CA LEU F 182 -16.29 -2.54 24.48
C LEU F 182 -15.64 -3.51 25.46
N ASN F 183 -14.84 -4.44 24.93
CA ASN F 183 -14.27 -5.52 25.72
C ASN F 183 -12.75 -5.48 25.66
N SER F 184 -12.10 -5.50 26.81
CA SER F 184 -10.66 -5.46 26.91
C SER F 184 -10.16 -6.70 27.63
N TRP F 185 -9.17 -7.38 27.05
CA TRP F 185 -8.59 -8.59 27.60
C TRP F 185 -7.20 -8.29 28.12
N THR F 186 -6.90 -8.76 29.33
CA THR F 186 -5.55 -8.67 29.83
C THR F 186 -4.69 -9.78 29.23
N ASP F 187 -3.37 -9.55 29.23
CA ASP F 187 -2.47 -10.59 28.78
C ASP F 187 -2.38 -11.69 29.84
N GLN F 188 -1.85 -12.84 29.43
CA GLN F 188 -1.80 -13.99 30.34
C GLN F 188 -0.96 -13.66 31.56
N ASP F 189 -1.51 -13.97 32.74
CA ASP F 189 -0.84 -13.63 33.98
C ASP F 189 0.49 -14.37 34.09
N SER F 190 1.53 -13.65 34.51
CA SER F 190 2.85 -14.26 34.62
C SER F 190 2.90 -15.30 35.72
N LYS F 191 2.06 -15.17 36.74
CA LYS F 191 2.00 -16.14 37.83
C LYS F 191 0.76 -17.02 37.79
N ASP F 192 -0.43 -16.41 37.69
CA ASP F 192 -1.67 -17.19 37.62
C ASP F 192 -1.74 -18.05 36.38
N SER F 193 -1.18 -17.57 35.26
CA SER F 193 -1.39 -18.15 33.94
C SER F 193 -2.86 -18.11 33.52
N THR F 194 -3.65 -17.24 34.17
CA THR F 194 -5.05 -17.02 33.82
C THR F 194 -5.17 -15.80 32.92
N TYR F 195 -6.42 -15.44 32.61
CA TYR F 195 -6.75 -14.23 31.89
C TYR F 195 -7.82 -13.47 32.66
N SER F 196 -7.89 -12.17 32.40
CA SER F 196 -8.90 -11.30 32.98
C SER F 196 -9.49 -10.44 31.86
N MET F 197 -10.72 -10.00 32.05
CA MET F 197 -11.44 -9.30 30.99
C MET F 197 -12.28 -8.19 31.57
N SER F 198 -12.39 -7.09 30.84
CA SER F 198 -13.22 -5.95 31.19
C SER F 198 -14.29 -5.78 30.10
N SER F 199 -15.54 -5.57 30.53
CA SER F 199 -16.63 -5.33 29.61
C SER F 199 -17.39 -4.09 30.07
N THR F 200 -17.57 -3.14 29.16
CA THR F 200 -18.14 -1.84 29.48
C THR F 200 -19.30 -1.56 28.54
N LEU F 201 -20.49 -1.36 29.12
CA LEU F 201 -21.67 -0.92 28.36
C LEU F 201 -21.79 0.59 28.53
N THR F 202 -21.42 1.32 27.48
CA THR F 202 -21.48 2.78 27.50
C THR F 202 -22.85 3.23 27.03
N LEU F 203 -23.57 3.94 27.90
CA LEU F 203 -24.88 4.49 27.58
C LEU F 203 -24.90 5.98 27.89
N THR F 204 -25.91 6.65 27.35
CA THR F 204 -26.14 8.03 27.70
C THR F 204 -26.84 8.10 29.06
N LYS F 205 -26.98 9.32 29.57
CA LYS F 205 -27.87 9.59 30.68
C LYS F 205 -29.25 9.01 30.43
N ASP F 206 -30.06 9.79 29.71
CA ASP F 206 -31.48 9.55 29.52
C ASP F 206 -31.79 8.10 29.15
N GLU F 207 -30.85 7.43 28.48
CA GLU F 207 -31.06 6.03 28.09
C GLU F 207 -31.03 5.11 29.30
N TYR F 208 -30.21 5.40 30.30
CA TYR F 208 -29.98 4.51 31.42
C TYR F 208 -31.16 4.40 32.37
N GLU F 209 -32.17 5.26 32.24
CA GLU F 209 -33.35 5.19 33.11
C GLU F 209 -34.59 4.56 32.47
N ARG F 210 -34.41 3.71 31.45
CA ARG F 210 -35.57 3.15 30.73
C ARG F 210 -36.66 2.30 31.42
N HIS F 211 -36.37 1.26 32.21
CA HIS F 211 -35.05 0.63 32.47
C HIS F 211 -34.67 0.61 33.96
N ASN F 212 -34.48 -0.60 34.50
CA ASN F 212 -34.08 -0.76 35.90
C ASN F 212 -33.14 -1.92 36.16
N SER F 213 -33.19 -2.99 35.37
CA SER F 213 -32.45 -4.21 35.65
C SER F 213 -31.31 -4.38 34.64
N TYR F 214 -30.08 -4.42 35.13
CA TYR F 214 -28.89 -4.52 34.28
C TYR F 214 -28.15 -5.80 34.63
N THR F 215 -27.92 -6.64 33.62
CA THR F 215 -27.39 -7.99 33.80
C THR F 215 -26.13 -8.18 32.97
N CYS F 216 -25.08 -8.70 33.62
CA CYS F 216 -23.86 -9.10 32.95
C CYS F 216 -23.77 -10.61 32.99
N GLU F 217 -24.00 -11.25 31.85
CA GLU F 217 -24.06 -12.70 31.74
C GLU F 217 -22.81 -13.22 31.04
N ALA F 218 -22.10 -14.13 31.69
CA ALA F 218 -20.86 -14.70 31.17
C ALA F 218 -20.99 -16.21 31.02
N THR F 219 -20.68 -16.73 29.83
CA THR F 219 -20.73 -18.16 29.54
C THR F 219 -19.33 -18.66 29.27
N HIS F 220 -18.85 -19.56 30.14
CA HIS F 220 -17.51 -20.11 30.03
C HIS F 220 -17.61 -21.63 29.94
N LYS F 221 -16.53 -22.24 29.46
CA LYS F 221 -16.51 -23.68 29.31
C LYS F 221 -16.50 -24.44 30.64
N THR F 222 -16.37 -23.73 31.76
CA THR F 222 -16.08 -24.40 33.02
C THR F 222 -17.32 -24.99 33.69
N SER F 223 -18.51 -24.46 33.43
CA SER F 223 -19.64 -24.77 34.29
C SER F 223 -20.95 -25.10 33.57
N THR F 224 -21.06 -24.91 32.25
CA THR F 224 -22.27 -25.07 31.45
C THR F 224 -23.46 -24.26 31.97
N SER F 225 -23.34 -23.65 33.15
CA SER F 225 -24.31 -22.71 33.67
C SER F 225 -23.76 -21.30 33.57
N PRO F 226 -24.48 -20.37 32.95
CA PRO F 226 -23.95 -19.01 32.77
C PRO F 226 -23.77 -18.30 34.11
N ILE F 227 -22.64 -17.64 34.28
CA ILE F 227 -22.40 -16.82 35.47
C ILE F 227 -23.17 -15.52 35.29
N VAL F 228 -24.18 -15.32 36.14
CA VAL F 228 -25.09 -14.18 36.04
C VAL F 228 -24.84 -13.26 37.22
N LYS F 229 -24.63 -11.97 36.94
CA LYS F 229 -24.53 -10.93 37.95
C LYS F 229 -25.34 -9.74 37.50
N SER F 230 -26.39 -9.41 38.24
CA SER F 230 -27.28 -8.32 37.87
C SER F 230 -27.48 -7.38 39.05
N PHE F 231 -27.91 -6.17 38.73
CA PHE F 231 -28.29 -5.19 39.75
C PHE F 231 -29.51 -4.43 39.26
N ASN F 232 -30.33 -4.00 40.22
CA ASN F 232 -31.51 -3.19 39.94
C ASN F 232 -31.20 -1.73 40.24
N ARG F 233 -31.47 -0.86 39.27
CA ARG F 233 -31.14 0.55 39.39
C ARG F 233 -32.02 1.26 40.41
BR BR G . -32.89 19.39 -36.51
#